data_121P
# 
_entry.id   121P 
# 
_audit_conform.dict_name       mmcif_pdbx.dic 
_audit_conform.dict_version    5.385 
_audit_conform.dict_location   http://mmcif.pdb.org/dictionaries/ascii/mmcif_pdbx.dic 
# 
loop_
_database_2.database_id 
_database_2.database_code 
_database_2.pdbx_database_accession 
_database_2.pdbx_DOI 
PDB   121P         pdb_0000121p 10.2210/pdb121p/pdb 
WWPDB D_1000170053 ?            ?                   
# 
loop_
_pdbx_audit_revision_history.ordinal 
_pdbx_audit_revision_history.data_content_type 
_pdbx_audit_revision_history.major_revision 
_pdbx_audit_revision_history.minor_revision 
_pdbx_audit_revision_history.revision_date 
1 'Structure model' 1 0 1994-01-31 
2 'Structure model' 1 1 2008-03-03 
3 'Structure model' 1 2 2011-07-13 
4 'Structure model' 1 3 2017-11-29 
5 'Structure model' 1 4 2024-02-07 
# 
_pdbx_audit_revision_details.ordinal             1 
_pdbx_audit_revision_details.revision_ordinal    1 
_pdbx_audit_revision_details.data_content_type   'Structure model' 
_pdbx_audit_revision_details.provider            repository 
_pdbx_audit_revision_details.type                'Initial release' 
_pdbx_audit_revision_details.description         ? 
_pdbx_audit_revision_details.details             ? 
# 
loop_
_pdbx_audit_revision_group.ordinal 
_pdbx_audit_revision_group.revision_ordinal 
_pdbx_audit_revision_group.data_content_type 
_pdbx_audit_revision_group.group 
1 2 'Structure model' 'Version format compliance' 
2 3 'Structure model' 'Version format compliance' 
3 4 'Structure model' 'Derived calculations'      
4 4 'Structure model' Other                       
5 5 'Structure model' 'Data collection'           
6 5 'Structure model' 'Database references'       
7 5 'Structure model' 'Derived calculations'      
# 
loop_
_pdbx_audit_revision_category.ordinal 
_pdbx_audit_revision_category.revision_ordinal 
_pdbx_audit_revision_category.data_content_type 
_pdbx_audit_revision_category.category 
1 4 'Structure model' pdbx_database_status   
2 4 'Structure model' struct_conf            
3 4 'Structure model' struct_conf_type       
4 5 'Structure model' chem_comp_atom         
5 5 'Structure model' chem_comp_bond         
6 5 'Structure model' database_2             
7 5 'Structure model' pdbx_struct_conn_angle 
8 5 'Structure model' struct_conn            
9 5 'Structure model' struct_site            
# 
loop_
_pdbx_audit_revision_item.ordinal 
_pdbx_audit_revision_item.revision_ordinal 
_pdbx_audit_revision_item.data_content_type 
_pdbx_audit_revision_item.item 
1  4 'Structure model' '_pdbx_database_status.process_site'          
2  5 'Structure model' '_database_2.pdbx_DOI'                        
3  5 'Structure model' '_database_2.pdbx_database_accession'         
4  5 'Structure model' '_pdbx_struct_conn_angle.ptnr1_auth_comp_id'  
5  5 'Structure model' '_pdbx_struct_conn_angle.ptnr1_auth_seq_id'   
6  5 'Structure model' '_pdbx_struct_conn_angle.ptnr1_label_asym_id' 
7  5 'Structure model' '_pdbx_struct_conn_angle.ptnr1_label_atom_id' 
8  5 'Structure model' '_pdbx_struct_conn_angle.ptnr1_label_comp_id' 
9  5 'Structure model' '_pdbx_struct_conn_angle.ptnr3_auth_comp_id'  
10 5 'Structure model' '_pdbx_struct_conn_angle.ptnr3_auth_seq_id'   
11 5 'Structure model' '_pdbx_struct_conn_angle.ptnr3_label_asym_id' 
12 5 'Structure model' '_pdbx_struct_conn_angle.ptnr3_label_atom_id' 
13 5 'Structure model' '_pdbx_struct_conn_angle.ptnr3_label_comp_id' 
14 5 'Structure model' '_pdbx_struct_conn_angle.value'               
15 5 'Structure model' '_struct_conn.pdbx_dist_value'                
16 5 'Structure model' '_struct_conn.ptnr1_auth_comp_id'             
17 5 'Structure model' '_struct_conn.ptnr1_auth_seq_id'              
18 5 'Structure model' '_struct_conn.ptnr1_label_asym_id'            
19 5 'Structure model' '_struct_conn.ptnr1_label_atom_id'            
20 5 'Structure model' '_struct_conn.ptnr1_label_comp_id'            
21 5 'Structure model' '_struct_conn.ptnr2_auth_comp_id'             
22 5 'Structure model' '_struct_conn.ptnr2_auth_seq_id'              
23 5 'Structure model' '_struct_conn.ptnr2_label_asym_id'            
24 5 'Structure model' '_struct_conn.ptnr2_label_atom_id'            
25 5 'Structure model' '_struct_conn.ptnr2_label_comp_id'            
26 5 'Structure model' '_struct_site.pdbx_auth_asym_id'              
27 5 'Structure model' '_struct_site.pdbx_auth_comp_id'              
28 5 'Structure model' '_struct_site.pdbx_auth_seq_id'               
# 
_pdbx_database_status.status_code                     REL 
_pdbx_database_status.entry_id                        121P 
_pdbx_database_status.recvd_initial_deposition_date   1991-06-06 
_pdbx_database_status.deposit_site                    ? 
_pdbx_database_status.process_site                    BNL 
_pdbx_database_status.SG_entry                        . 
_pdbx_database_status.pdb_format_compatible           Y 
_pdbx_database_status.status_code_mr                  ? 
_pdbx_database_status.status_code_sf                  ? 
_pdbx_database_status.status_code_cs                  ? 
_pdbx_database_status.methods_development_category    ? 
_pdbx_database_status.status_code_nmr_data            ? 
# 
loop_
_audit_author.name 
_audit_author.pdbx_ordinal 
'Krengel, U.'      1 
'Scheffzek, K.'    2 
'Scherer, A.'      3 
'Kabsch, W.'       4 
'Wittinghofer, A.' 5 
'Pai, E.F.'        6 
# 
loop_
_citation.id 
_citation.title 
_citation.journal_abbrev 
_citation.journal_volume 
_citation.page_first 
_citation.page_last 
_citation.year 
_citation.journal_id_ASTM 
_citation.country 
_citation.journal_id_ISSN 
_citation.journal_id_CSD 
_citation.book_publisher 
_citation.pdbx_database_id_PubMed 
_citation.pdbx_database_id_DOI 
primary 'Struktur Und Guanosintriphosphat-Hydrolysemechanismus Des C-Terminal Verkuerzten Menschlichen Krebsproteins P21-H-Ras' 
Thesis                ?   ?    ? 1991 ?      GW 3540559515 2012 ? -1 ? 
1       'The Three-Dimensional Structure of P21 in the Catalytically Active Conformation and Analysis of Oncogenic Mutants' 
'Nato Asi Ser.,Ser.A' 220 183  ? 1991 NALSDJ US 0161-0449  2002 ? ?  ? 
2       
;Refined Crystal Structure of the Triphosphate Conformation of H-Ras P21 at 1.35 Angstroms Resolution: Implications for the Mechanism of GTP Hydrolysis
;
'Embo J.'             9   2351 ? 1990 EMJODG UK 0261-4189  0897 ? ?  ? 
# 
loop_
_citation_author.citation_id 
_citation_author.name 
_citation_author.ordinal 
_citation_author.identifier_ORCID 
primary 'Krengel, U.'      1  ? 
1       'Krengel, U.'      2  ? 
1       'Schlichting, I.'  3  ? 
1       'Scheidig, A.'     4  ? 
1       'Frech, M.'        5  ? 
1       'John, J.'         6  ? 
1       'Lautwein, A.'     7  ? 
1       'Wittinghofer, F.' 8  ? 
1       'Kabsch, W.'       9  ? 
1       'Pai, E.F.'        10 ? 
2       'Pai, E.F.'        11 ? 
2       'Krengel, U.'      12 ? 
2       'Petsko, G.A.'     13 ? 
2       'Goody, R.S.'      14 ? 
2       'Kabsch, W.'       15 ? 
2       'Wittinghofer, A.' 16 ? 
# 
loop_
_entity.id 
_entity.type 
_entity.src_method 
_entity.pdbx_description 
_entity.formula_weight 
_entity.pdbx_number_of_molecules 
_entity.pdbx_ec 
_entity.pdbx_mutation 
_entity.pdbx_fragment 
_entity.details 
1 polymer     man 'H-RAS P21 PROTEIN'                            18875.191 1   ? ? ? ? 
2 non-polymer syn 'MAGNESIUM ION'                                24.305    1   ? ? ? ? 
3 non-polymer syn 'PHOSPHOMETHYLPHOSPHONIC ACID GUANYLATE ESTER' 521.208   1   ? ? ? ? 
4 water       nat water                                          18.015    195 ? ? ? ? 
# 
_entity_poly.entity_id                      1 
_entity_poly.type                           'polypeptide(L)' 
_entity_poly.nstd_linkage                   no 
_entity_poly.nstd_monomer                   no 
_entity_poly.pdbx_seq_one_letter_code       
;MTEYKLVVVGAGGVGKSALTIQLIQNHFVDEYDPTIEDSYRKQVVIDGETCLLDILDTAGQEEYSAMRDQYMRTGEGFLC
VFAINNTKSFEDIHQYREQIKRVKDSDDVPMVLVGNKCDLAARTVESRQAQDLARSYGIPYIETSAKTRQGVEDAFYTLV
REIRQH
;
_entity_poly.pdbx_seq_one_letter_code_can   
;MTEYKLVVVGAGGVGKSALTIQLIQNHFVDEYDPTIEDSYRKQVVIDGETCLLDILDTAGQEEYSAMRDQYMRTGEGFLC
VFAINNTKSFEDIHQYREQIKRVKDSDDVPMVLVGNKCDLAARTVESRQAQDLARSYGIPYIETSAKTRQGVEDAFYTLV
REIRQH
;
_entity_poly.pdbx_strand_id                 A 
_entity_poly.pdbx_target_identifier         ? 
# 
loop_
_pdbx_entity_nonpoly.entity_id 
_pdbx_entity_nonpoly.name 
_pdbx_entity_nonpoly.comp_id 
2 'MAGNESIUM ION'                                MG  
3 'PHOSPHOMETHYLPHOSPHONIC ACID GUANYLATE ESTER' GCP 
4 water                                          HOH 
# 
loop_
_entity_poly_seq.entity_id 
_entity_poly_seq.num 
_entity_poly_seq.mon_id 
_entity_poly_seq.hetero 
1 1   MET n 
1 2   THR n 
1 3   GLU n 
1 4   TYR n 
1 5   LYS n 
1 6   LEU n 
1 7   VAL n 
1 8   VAL n 
1 9   VAL n 
1 10  GLY n 
1 11  ALA n 
1 12  GLY n 
1 13  GLY n 
1 14  VAL n 
1 15  GLY n 
1 16  LYS n 
1 17  SER n 
1 18  ALA n 
1 19  LEU n 
1 20  THR n 
1 21  ILE n 
1 22  GLN n 
1 23  LEU n 
1 24  ILE n 
1 25  GLN n 
1 26  ASN n 
1 27  HIS n 
1 28  PHE n 
1 29  VAL n 
1 30  ASP n 
1 31  GLU n 
1 32  TYR n 
1 33  ASP n 
1 34  PRO n 
1 35  THR n 
1 36  ILE n 
1 37  GLU n 
1 38  ASP n 
1 39  SER n 
1 40  TYR n 
1 41  ARG n 
1 42  LYS n 
1 43  GLN n 
1 44  VAL n 
1 45  VAL n 
1 46  ILE n 
1 47  ASP n 
1 48  GLY n 
1 49  GLU n 
1 50  THR n 
1 51  CYS n 
1 52  LEU n 
1 53  LEU n 
1 54  ASP n 
1 55  ILE n 
1 56  LEU n 
1 57  ASP n 
1 58  THR n 
1 59  ALA n 
1 60  GLY n 
1 61  GLN n 
1 62  GLU n 
1 63  GLU n 
1 64  TYR n 
1 65  SER n 
1 66  ALA n 
1 67  MET n 
1 68  ARG n 
1 69  ASP n 
1 70  GLN n 
1 71  TYR n 
1 72  MET n 
1 73  ARG n 
1 74  THR n 
1 75  GLY n 
1 76  GLU n 
1 77  GLY n 
1 78  PHE n 
1 79  LEU n 
1 80  CYS n 
1 81  VAL n 
1 82  PHE n 
1 83  ALA n 
1 84  ILE n 
1 85  ASN n 
1 86  ASN n 
1 87  THR n 
1 88  LYS n 
1 89  SER n 
1 90  PHE n 
1 91  GLU n 
1 92  ASP n 
1 93  ILE n 
1 94  HIS n 
1 95  GLN n 
1 96  TYR n 
1 97  ARG n 
1 98  GLU n 
1 99  GLN n 
1 100 ILE n 
1 101 LYS n 
1 102 ARG n 
1 103 VAL n 
1 104 LYS n 
1 105 ASP n 
1 106 SER n 
1 107 ASP n 
1 108 ASP n 
1 109 VAL n 
1 110 PRO n 
1 111 MET n 
1 112 VAL n 
1 113 LEU n 
1 114 VAL n 
1 115 GLY n 
1 116 ASN n 
1 117 LYS n 
1 118 CYS n 
1 119 ASP n 
1 120 LEU n 
1 121 ALA n 
1 122 ALA n 
1 123 ARG n 
1 124 THR n 
1 125 VAL n 
1 126 GLU n 
1 127 SER n 
1 128 ARG n 
1 129 GLN n 
1 130 ALA n 
1 131 GLN n 
1 132 ASP n 
1 133 LEU n 
1 134 ALA n 
1 135 ARG n 
1 136 SER n 
1 137 TYR n 
1 138 GLY n 
1 139 ILE n 
1 140 PRO n 
1 141 TYR n 
1 142 ILE n 
1 143 GLU n 
1 144 THR n 
1 145 SER n 
1 146 ALA n 
1 147 LYS n 
1 148 THR n 
1 149 ARG n 
1 150 GLN n 
1 151 GLY n 
1 152 VAL n 
1 153 GLU n 
1 154 ASP n 
1 155 ALA n 
1 156 PHE n 
1 157 TYR n 
1 158 THR n 
1 159 LEU n 
1 160 VAL n 
1 161 ARG n 
1 162 GLU n 
1 163 ILE n 
1 164 ARG n 
1 165 GLN n 
1 166 HIS n 
# 
_entity_src_gen.entity_id                          1 
_entity_src_gen.pdbx_src_id                        1 
_entity_src_gen.pdbx_alt_source_flag               sample 
_entity_src_gen.pdbx_seq_type                      ? 
_entity_src_gen.pdbx_beg_seq_num                   ? 
_entity_src_gen.pdbx_end_seq_num                   ? 
_entity_src_gen.gene_src_common_name               human 
_entity_src_gen.gene_src_genus                     Homo 
_entity_src_gen.pdbx_gene_src_gene                 ? 
_entity_src_gen.gene_src_species                   ? 
_entity_src_gen.gene_src_strain                    ? 
_entity_src_gen.gene_src_tissue                    ? 
_entity_src_gen.gene_src_tissue_fraction           ? 
_entity_src_gen.gene_src_details                   ? 
_entity_src_gen.pdbx_gene_src_fragment             ? 
_entity_src_gen.pdbx_gene_src_scientific_name      'Homo sapiens' 
_entity_src_gen.pdbx_gene_src_ncbi_taxonomy_id     9606 
_entity_src_gen.pdbx_gene_src_variant              ? 
_entity_src_gen.pdbx_gene_src_cell_line            ? 
_entity_src_gen.pdbx_gene_src_atcc                 ? 
_entity_src_gen.pdbx_gene_src_organ                ? 
_entity_src_gen.pdbx_gene_src_organelle            ? 
_entity_src_gen.pdbx_gene_src_cell                 ? 
_entity_src_gen.pdbx_gene_src_cellular_location    ? 
_entity_src_gen.host_org_common_name               ? 
_entity_src_gen.pdbx_host_org_scientific_name      ? 
_entity_src_gen.pdbx_host_org_ncbi_taxonomy_id     ? 
_entity_src_gen.host_org_genus                     ? 
_entity_src_gen.pdbx_host_org_gene                 ? 
_entity_src_gen.pdbx_host_org_organ                ? 
_entity_src_gen.host_org_species                   ? 
_entity_src_gen.pdbx_host_org_tissue               ? 
_entity_src_gen.pdbx_host_org_tissue_fraction      ? 
_entity_src_gen.pdbx_host_org_strain               ? 
_entity_src_gen.pdbx_host_org_variant              ? 
_entity_src_gen.pdbx_host_org_cell_line            ? 
_entity_src_gen.pdbx_host_org_atcc                 ? 
_entity_src_gen.pdbx_host_org_culture_collection   ? 
_entity_src_gen.pdbx_host_org_cell                 ? 
_entity_src_gen.pdbx_host_org_organelle            ? 
_entity_src_gen.pdbx_host_org_cellular_location    ? 
_entity_src_gen.pdbx_host_org_vector_type          ? 
_entity_src_gen.pdbx_host_org_vector               ? 
_entity_src_gen.host_org_details                   ? 
_entity_src_gen.expression_system_id               ? 
_entity_src_gen.plasmid_name                       ? 
_entity_src_gen.plasmid_details                    ? 
_entity_src_gen.pdbx_description                   ? 
# 
loop_
_chem_comp.id 
_chem_comp.type 
_chem_comp.mon_nstd_flag 
_chem_comp.name 
_chem_comp.pdbx_synonyms 
_chem_comp.formula 
_chem_comp.formula_weight 
ALA 'L-peptide linking' y ALANINE                                        ? 'C3 H7 N O2'        89.093  
ARG 'L-peptide linking' y ARGININE                                       ? 'C6 H15 N4 O2 1'    175.209 
ASN 'L-peptide linking' y ASPARAGINE                                     ? 'C4 H8 N2 O3'       132.118 
ASP 'L-peptide linking' y 'ASPARTIC ACID'                                ? 'C4 H7 N O4'        133.103 
CYS 'L-peptide linking' y CYSTEINE                                       ? 'C3 H7 N O2 S'      121.158 
GCP non-polymer         . 'PHOSPHOMETHYLPHOSPHONIC ACID GUANYLATE ESTER' ? 'C11 H18 N5 O13 P3' 521.208 
GLN 'L-peptide linking' y GLUTAMINE                                      ? 'C5 H10 N2 O3'      146.144 
GLU 'L-peptide linking' y 'GLUTAMIC ACID'                                ? 'C5 H9 N O4'        147.129 
GLY 'peptide linking'   y GLYCINE                                        ? 'C2 H5 N O2'        75.067  
HIS 'L-peptide linking' y HISTIDINE                                      ? 'C6 H10 N3 O2 1'    156.162 
HOH non-polymer         . WATER                                          ? 'H2 O'              18.015  
ILE 'L-peptide linking' y ISOLEUCINE                                     ? 'C6 H13 N O2'       131.173 
LEU 'L-peptide linking' y LEUCINE                                        ? 'C6 H13 N O2'       131.173 
LYS 'L-peptide linking' y LYSINE                                         ? 'C6 H15 N2 O2 1'    147.195 
MET 'L-peptide linking' y METHIONINE                                     ? 'C5 H11 N O2 S'     149.211 
MG  non-polymer         . 'MAGNESIUM ION'                                ? 'Mg 2'              24.305  
PHE 'L-peptide linking' y PHENYLALANINE                                  ? 'C9 H11 N O2'       165.189 
PRO 'L-peptide linking' y PROLINE                                        ? 'C5 H9 N O2'        115.130 
SER 'L-peptide linking' y SERINE                                         ? 'C3 H7 N O3'        105.093 
THR 'L-peptide linking' y THREONINE                                      ? 'C4 H9 N O3'        119.119 
TYR 'L-peptide linking' y TYROSINE                                       ? 'C9 H11 N O3'       181.189 
VAL 'L-peptide linking' y VALINE                                         ? 'C5 H11 N O2'       117.146 
# 
loop_
_pdbx_poly_seq_scheme.asym_id 
_pdbx_poly_seq_scheme.entity_id 
_pdbx_poly_seq_scheme.seq_id 
_pdbx_poly_seq_scheme.mon_id 
_pdbx_poly_seq_scheme.ndb_seq_num 
_pdbx_poly_seq_scheme.pdb_seq_num 
_pdbx_poly_seq_scheme.auth_seq_num 
_pdbx_poly_seq_scheme.pdb_mon_id 
_pdbx_poly_seq_scheme.auth_mon_id 
_pdbx_poly_seq_scheme.pdb_strand_id 
_pdbx_poly_seq_scheme.pdb_ins_code 
_pdbx_poly_seq_scheme.hetero 
A 1 1   MET 1   1   1   MET MET A . n 
A 1 2   THR 2   2   2   THR THR A . n 
A 1 3   GLU 3   3   3   GLU GLU A . n 
A 1 4   TYR 4   4   4   TYR TYR A . n 
A 1 5   LYS 5   5   5   LYS LYS A . n 
A 1 6   LEU 6   6   6   LEU LEU A . n 
A 1 7   VAL 7   7   7   VAL VAL A . n 
A 1 8   VAL 8   8   8   VAL VAL A . n 
A 1 9   VAL 9   9   9   VAL VAL A . n 
A 1 10  GLY 10  10  10  GLY GLY A . n 
A 1 11  ALA 11  11  11  ALA ALA A . n 
A 1 12  GLY 12  12  12  GLY GLY A . n 
A 1 13  GLY 13  13  13  GLY GLY A . n 
A 1 14  VAL 14  14  14  VAL VAL A . n 
A 1 15  GLY 15  15  15  GLY GLY A . n 
A 1 16  LYS 16  16  16  LYS LYS A . n 
A 1 17  SER 17  17  17  SER SER A . n 
A 1 18  ALA 18  18  18  ALA ALA A . n 
A 1 19  LEU 19  19  19  LEU LEU A . n 
A 1 20  THR 20  20  20  THR THR A . n 
A 1 21  ILE 21  21  21  ILE ILE A . n 
A 1 22  GLN 22  22  22  GLN GLN A . n 
A 1 23  LEU 23  23  23  LEU LEU A . n 
A 1 24  ILE 24  24  24  ILE ILE A . n 
A 1 25  GLN 25  25  25  GLN GLN A . n 
A 1 26  ASN 26  26  26  ASN ASN A . n 
A 1 27  HIS 27  27  27  HIS HIS A . n 
A 1 28  PHE 28  28  28  PHE PHE A . n 
A 1 29  VAL 29  29  29  VAL VAL A . n 
A 1 30  ASP 30  30  30  ASP ASP A . n 
A 1 31  GLU 31  31  31  GLU GLU A . n 
A 1 32  TYR 32  32  32  TYR TYR A . n 
A 1 33  ASP 33  33  33  ASP ASP A . n 
A 1 34  PRO 34  34  34  PRO PRO A . n 
A 1 35  THR 35  35  35  THR THR A . n 
A 1 36  ILE 36  36  36  ILE ILE A . n 
A 1 37  GLU 37  37  37  GLU GLU A . n 
A 1 38  ASP 38  38  38  ASP ASP A . n 
A 1 39  SER 39  39  39  SER SER A . n 
A 1 40  TYR 40  40  40  TYR TYR A . n 
A 1 41  ARG 41  41  41  ARG ARG A . n 
A 1 42  LYS 42  42  42  LYS LYS A . n 
A 1 43  GLN 43  43  43  GLN GLN A . n 
A 1 44  VAL 44  44  44  VAL VAL A . n 
A 1 45  VAL 45  45  45  VAL VAL A . n 
A 1 46  ILE 46  46  46  ILE ILE A . n 
A 1 47  ASP 47  47  47  ASP ASP A . n 
A 1 48  GLY 48  48  48  GLY GLY A . n 
A 1 49  GLU 49  49  49  GLU GLU A . n 
A 1 50  THR 50  50  50  THR THR A . n 
A 1 51  CYS 51  51  51  CYS CYS A . n 
A 1 52  LEU 52  52  52  LEU LEU A . n 
A 1 53  LEU 53  53  53  LEU LEU A . n 
A 1 54  ASP 54  54  54  ASP ASP A . n 
A 1 55  ILE 55  55  55  ILE ILE A . n 
A 1 56  LEU 56  56  56  LEU LEU A . n 
A 1 57  ASP 57  57  57  ASP ASP A . n 
A 1 58  THR 58  58  58  THR THR A . n 
A 1 59  ALA 59  59  59  ALA ALA A . n 
A 1 60  GLY 60  60  60  GLY GLY A . n 
A 1 61  GLN 61  61  61  GLN GLN A . n 
A 1 62  GLU 62  62  62  GLU GLU A . n 
A 1 63  GLU 63  63  63  GLU GLU A . n 
A 1 64  TYR 64  64  64  TYR TYR A . n 
A 1 65  SER 65  65  65  SER SER A . n 
A 1 66  ALA 66  66  66  ALA ALA A . n 
A 1 67  MET 67  67  67  MET MET A . n 
A 1 68  ARG 68  68  68  ARG ARG A . n 
A 1 69  ASP 69  69  69  ASP ASP A . n 
A 1 70  GLN 70  70  70  GLN GLN A . n 
A 1 71  TYR 71  71  71  TYR TYR A . n 
A 1 72  MET 72  72  72  MET MET A . n 
A 1 73  ARG 73  73  73  ARG ARG A . n 
A 1 74  THR 74  74  74  THR THR A . n 
A 1 75  GLY 75  75  75  GLY GLY A . n 
A 1 76  GLU 76  76  76  GLU GLU A . n 
A 1 77  GLY 77  77  77  GLY GLY A . n 
A 1 78  PHE 78  78  78  PHE PHE A . n 
A 1 79  LEU 79  79  79  LEU LEU A . n 
A 1 80  CYS 80  80  80  CYS CYS A . n 
A 1 81  VAL 81  81  81  VAL VAL A . n 
A 1 82  PHE 82  82  82  PHE PHE A . n 
A 1 83  ALA 83  83  83  ALA ALA A . n 
A 1 84  ILE 84  84  84  ILE ILE A . n 
A 1 85  ASN 85  85  85  ASN ASN A . n 
A 1 86  ASN 86  86  86  ASN ASN A . n 
A 1 87  THR 87  87  87  THR THR A . n 
A 1 88  LYS 88  88  88  LYS LYS A . n 
A 1 89  SER 89  89  89  SER SER A . n 
A 1 90  PHE 90  90  90  PHE PHE A . n 
A 1 91  GLU 91  91  91  GLU GLU A . n 
A 1 92  ASP 92  92  92  ASP ASP A . n 
A 1 93  ILE 93  93  93  ILE ILE A . n 
A 1 94  HIS 94  94  94  HIS HIS A . n 
A 1 95  GLN 95  95  95  GLN GLN A . n 
A 1 96  TYR 96  96  96  TYR TYR A . n 
A 1 97  ARG 97  97  97  ARG ARG A . n 
A 1 98  GLU 98  98  98  GLU GLU A . n 
A 1 99  GLN 99  99  99  GLN GLN A . n 
A 1 100 ILE 100 100 100 ILE ILE A . n 
A 1 101 LYS 101 101 101 LYS LYS A . n 
A 1 102 ARG 102 102 102 ARG ARG A . n 
A 1 103 VAL 103 103 103 VAL VAL A . n 
A 1 104 LYS 104 104 104 LYS LYS A . n 
A 1 105 ASP 105 105 105 ASP ASP A . n 
A 1 106 SER 106 106 106 SER SER A . n 
A 1 107 ASP 107 107 107 ASP ASP A . n 
A 1 108 ASP 108 108 108 ASP ASP A . n 
A 1 109 VAL 109 109 109 VAL VAL A . n 
A 1 110 PRO 110 110 110 PRO PRO A . n 
A 1 111 MET 111 111 111 MET MET A . n 
A 1 112 VAL 112 112 112 VAL VAL A . n 
A 1 113 LEU 113 113 113 LEU LEU A . n 
A 1 114 VAL 114 114 114 VAL VAL A . n 
A 1 115 GLY 115 115 115 GLY GLY A . n 
A 1 116 ASN 116 116 116 ASN ASN A . n 
A 1 117 LYS 117 117 117 LYS LYS A . n 
A 1 118 CYS 118 118 118 CYS CYS A . n 
A 1 119 ASP 119 119 119 ASP ASP A . n 
A 1 120 LEU 120 120 120 LEU LEU A . n 
A 1 121 ALA 121 121 121 ALA ALA A . n 
A 1 122 ALA 122 122 122 ALA ALA A . n 
A 1 123 ARG 123 123 123 ARG ARG A . n 
A 1 124 THR 124 124 124 THR THR A . n 
A 1 125 VAL 125 125 125 VAL VAL A . n 
A 1 126 GLU 126 126 126 GLU GLU A . n 
A 1 127 SER 127 127 127 SER SER A . n 
A 1 128 ARG 128 128 128 ARG ARG A . n 
A 1 129 GLN 129 129 129 GLN GLN A . n 
A 1 130 ALA 130 130 130 ALA ALA A . n 
A 1 131 GLN 131 131 131 GLN GLN A . n 
A 1 132 ASP 132 132 132 ASP ASP A . n 
A 1 133 LEU 133 133 133 LEU LEU A . n 
A 1 134 ALA 134 134 134 ALA ALA A . n 
A 1 135 ARG 135 135 135 ARG ARG A . n 
A 1 136 SER 136 136 136 SER SER A . n 
A 1 137 TYR 137 137 137 TYR TYR A . n 
A 1 138 GLY 138 138 138 GLY GLY A . n 
A 1 139 ILE 139 139 139 ILE ILE A . n 
A 1 140 PRO 140 140 140 PRO PRO A . n 
A 1 141 TYR 141 141 141 TYR TYR A . n 
A 1 142 ILE 142 142 142 ILE ILE A . n 
A 1 143 GLU 143 143 143 GLU GLU A . n 
A 1 144 THR 144 144 144 THR THR A . n 
A 1 145 SER 145 145 145 SER SER A . n 
A 1 146 ALA 146 146 146 ALA ALA A . n 
A 1 147 LYS 147 147 147 LYS LYS A . n 
A 1 148 THR 148 148 148 THR THR A . n 
A 1 149 ARG 149 149 149 ARG ARG A . n 
A 1 150 GLN 150 150 150 GLN GLN A . n 
A 1 151 GLY 151 151 151 GLY GLY A . n 
A 1 152 VAL 152 152 152 VAL VAL A . n 
A 1 153 GLU 153 153 153 GLU GLU A . n 
A 1 154 ASP 154 154 154 ASP ASP A . n 
A 1 155 ALA 155 155 155 ALA ALA A . n 
A 1 156 PHE 156 156 156 PHE PHE A . n 
A 1 157 TYR 157 157 157 TYR TYR A . n 
A 1 158 THR 158 158 158 THR THR A . n 
A 1 159 LEU 159 159 159 LEU LEU A . n 
A 1 160 VAL 160 160 160 VAL VAL A . n 
A 1 161 ARG 161 161 161 ARG ARG A . n 
A 1 162 GLU 162 162 162 GLU GLU A . n 
A 1 163 ILE 163 163 163 ILE ILE A . n 
A 1 164 ARG 164 164 164 ARG ARG A . n 
A 1 165 GLN 165 165 165 GLN GLN A . n 
A 1 166 HIS 166 166 166 HIS HIS A . n 
# 
loop_
_pdbx_nonpoly_scheme.asym_id 
_pdbx_nonpoly_scheme.entity_id 
_pdbx_nonpoly_scheme.mon_id 
_pdbx_nonpoly_scheme.ndb_seq_num 
_pdbx_nonpoly_scheme.pdb_seq_num 
_pdbx_nonpoly_scheme.auth_seq_num 
_pdbx_nonpoly_scheme.pdb_mon_id 
_pdbx_nonpoly_scheme.auth_mon_id 
_pdbx_nonpoly_scheme.pdb_strand_id 
_pdbx_nonpoly_scheme.pdb_ins_code 
B 2 MG  1   168 168 MG  MG  A . 
C 3 GCP 1   167 167 GCP GTO A . 
D 4 HOH 1   169 1   HOH HOH A . 
D 4 HOH 2   170 2   HOH HOH A . 
D 4 HOH 3   171 3   HOH HOH A . 
D 4 HOH 4   172 4   HOH HOH A . 
D 4 HOH 5   173 5   HOH HOH A . 
D 4 HOH 6   174 6   HOH HOH A . 
D 4 HOH 7   175 7   HOH HOH A . 
D 4 HOH 8   176 8   HOH HOH A . 
D 4 HOH 9   177 9   HOH HOH A . 
D 4 HOH 10  178 10  HOH HOH A . 
D 4 HOH 11  179 11  HOH HOH A . 
D 4 HOH 12  180 12  HOH HOH A . 
D 4 HOH 13  181 13  HOH HOH A . 
D 4 HOH 14  182 14  HOH HOH A . 
D 4 HOH 15  183 15  HOH HOH A . 
D 4 HOH 16  184 16  HOH HOH A . 
D 4 HOH 17  185 17  HOH HOH A . 
D 4 HOH 18  186 18  HOH HOH A . 
D 4 HOH 19  187 19  HOH HOH A . 
D 4 HOH 20  188 20  HOH HOH A . 
D 4 HOH 21  189 21  HOH HOH A . 
D 4 HOH 22  190 22  HOH HOH A . 
D 4 HOH 23  191 23  HOH HOH A . 
D 4 HOH 24  192 24  HOH HOH A . 
D 4 HOH 25  193 25  HOH HOH A . 
D 4 HOH 26  194 26  HOH HOH A . 
D 4 HOH 27  195 27  HOH HOH A . 
D 4 HOH 28  196 28  HOH HOH A . 
D 4 HOH 29  197 29  HOH HOH A . 
D 4 HOH 30  198 30  HOH HOH A . 
D 4 HOH 31  199 31  HOH HOH A . 
D 4 HOH 32  200 32  HOH HOH A . 
D 4 HOH 33  201 33  HOH HOH A . 
D 4 HOH 34  202 34  HOH HOH A . 
D 4 HOH 35  203 35  HOH HOH A . 
D 4 HOH 36  204 36  HOH HOH A . 
D 4 HOH 37  205 37  HOH HOH A . 
D 4 HOH 38  206 38  HOH HOH A . 
D 4 HOH 39  207 39  HOH HOH A . 
D 4 HOH 40  208 40  HOH HOH A . 
D 4 HOH 41  209 41  HOH HOH A . 
D 4 HOH 42  210 42  HOH HOH A . 
D 4 HOH 43  211 43  HOH HOH A . 
D 4 HOH 44  212 44  HOH HOH A . 
D 4 HOH 45  213 45  HOH HOH A . 
D 4 HOH 46  214 46  HOH HOH A . 
D 4 HOH 47  215 47  HOH HOH A . 
D 4 HOH 48  216 48  HOH HOH A . 
D 4 HOH 49  217 49  HOH HOH A . 
D 4 HOH 50  218 50  HOH HOH A . 
D 4 HOH 51  219 51  HOH HOH A . 
D 4 HOH 52  220 52  HOH HOH A . 
D 4 HOH 53  221 53  HOH HOH A . 
D 4 HOH 54  222 54  HOH HOH A . 
D 4 HOH 55  223 55  HOH HOH A . 
D 4 HOH 56  224 56  HOH HOH A . 
D 4 HOH 57  225 57  HOH HOH A . 
D 4 HOH 58  226 58  HOH HOH A . 
D 4 HOH 59  227 59  HOH HOH A . 
D 4 HOH 60  228 60  HOH HOH A . 
D 4 HOH 61  229 61  HOH HOH A . 
D 4 HOH 62  230 62  HOH HOH A . 
D 4 HOH 63  231 63  HOH HOH A . 
D 4 HOH 64  232 64  HOH HOH A . 
D 4 HOH 65  233 65  HOH HOH A . 
D 4 HOH 66  234 66  HOH HOH A . 
D 4 HOH 67  235 67  HOH HOH A . 
D 4 HOH 68  236 68  HOH HOH A . 
D 4 HOH 69  237 69  HOH HOH A . 
D 4 HOH 70  238 70  HOH HOH A . 
D 4 HOH 71  239 71  HOH HOH A . 
D 4 HOH 72  240 72  HOH HOH A . 
D 4 HOH 73  241 73  HOH HOH A . 
D 4 HOH 74  242 74  HOH HOH A . 
D 4 HOH 75  243 75  HOH HOH A . 
D 4 HOH 76  244 76  HOH HOH A . 
D 4 HOH 77  245 77  HOH HOH A . 
D 4 HOH 78  246 78  HOH HOH A . 
D 4 HOH 79  247 79  HOH HOH A . 
D 4 HOH 80  248 80  HOH HOH A . 
D 4 HOH 81  249 81  HOH HOH A . 
D 4 HOH 82  250 82  HOH HOH A . 
D 4 HOH 83  251 83  HOH HOH A . 
D 4 HOH 84  252 84  HOH HOH A . 
D 4 HOH 85  253 85  HOH HOH A . 
D 4 HOH 86  254 86  HOH HOH A . 
D 4 HOH 87  255 87  HOH HOH A . 
D 4 HOH 88  256 88  HOH HOH A . 
D 4 HOH 89  257 89  HOH HOH A . 
D 4 HOH 90  258 90  HOH HOH A . 
D 4 HOH 91  259 91  HOH HOH A . 
D 4 HOH 92  260 92  HOH HOH A . 
D 4 HOH 93  261 93  HOH HOH A . 
D 4 HOH 94  262 94  HOH HOH A . 
D 4 HOH 95  263 95  HOH HOH A . 
D 4 HOH 96  264 96  HOH HOH A . 
D 4 HOH 97  265 97  HOH HOH A . 
D 4 HOH 98  266 98  HOH HOH A . 
D 4 HOH 99  267 99  HOH HOH A . 
D 4 HOH 100 268 100 HOH HOH A . 
D 4 HOH 101 269 101 HOH HOH A . 
D 4 HOH 102 270 102 HOH HOH A . 
D 4 HOH 103 271 103 HOH HOH A . 
D 4 HOH 104 272 104 HOH HOH A . 
D 4 HOH 105 273 105 HOH HOH A . 
D 4 HOH 106 274 106 HOH HOH A . 
D 4 HOH 107 275 107 HOH HOH A . 
D 4 HOH 108 276 108 HOH HOH A . 
D 4 HOH 109 277 109 HOH HOH A . 
D 4 HOH 110 278 110 HOH HOH A . 
D 4 HOH 111 279 111 HOH HOH A . 
D 4 HOH 112 280 112 HOH HOH A . 
D 4 HOH 113 281 113 HOH HOH A . 
D 4 HOH 114 282 114 HOH HOH A . 
D 4 HOH 115 283 115 HOH HOH A . 
D 4 HOH 116 284 116 HOH HOH A . 
D 4 HOH 117 285 117 HOH HOH A . 
D 4 HOH 118 286 118 HOH HOH A . 
D 4 HOH 119 287 119 HOH HOH A . 
D 4 HOH 120 288 120 HOH HOH A . 
D 4 HOH 121 289 121 HOH HOH A . 
D 4 HOH 122 290 122 HOH HOH A . 
D 4 HOH 123 291 123 HOH HOH A . 
D 4 HOH 124 292 124 HOH HOH A . 
D 4 HOH 125 293 125 HOH HOH A . 
D 4 HOH 126 294 126 HOH HOH A . 
D 4 HOH 127 295 127 HOH HOH A . 
D 4 HOH 128 296 128 HOH HOH A . 
D 4 HOH 129 297 129 HOH HOH A . 
D 4 HOH 130 298 130 HOH HOH A . 
D 4 HOH 131 299 131 HOH HOH A . 
D 4 HOH 132 300 132 HOH HOH A . 
D 4 HOH 133 301 133 HOH HOH A . 
D 4 HOH 134 302 134 HOH HOH A . 
D 4 HOH 135 303 135 HOH HOH A . 
D 4 HOH 136 304 136 HOH HOH A . 
D 4 HOH 137 305 137 HOH HOH A . 
D 4 HOH 138 306 138 HOH HOH A . 
D 4 HOH 139 307 139 HOH HOH A . 
D 4 HOH 140 308 140 HOH HOH A . 
D 4 HOH 141 309 141 HOH HOH A . 
D 4 HOH 142 310 142 HOH HOH A . 
D 4 HOH 143 311 143 HOH HOH A . 
D 4 HOH 144 312 144 HOH HOH A . 
D 4 HOH 145 313 145 HOH HOH A . 
D 4 HOH 146 314 146 HOH HOH A . 
D 4 HOH 147 315 147 HOH HOH A . 
D 4 HOH 148 316 148 HOH HOH A . 
D 4 HOH 149 317 149 HOH HOH A . 
D 4 HOH 150 318 150 HOH HOH A . 
D 4 HOH 151 319 151 HOH HOH A . 
D 4 HOH 152 320 152 HOH HOH A . 
D 4 HOH 153 321 153 HOH HOH A . 
D 4 HOH 154 322 154 HOH HOH A . 
D 4 HOH 155 323 155 HOH HOH A . 
D 4 HOH 156 324 156 HOH HOH A . 
D 4 HOH 157 325 157 HOH HOH A . 
D 4 HOH 158 326 158 HOH HOH A . 
D 4 HOH 159 327 159 HOH HOH A . 
D 4 HOH 160 328 160 HOH HOH A . 
D 4 HOH 161 329 161 HOH HOH A . 
D 4 HOH 162 330 162 HOH HOH A . 
D 4 HOH 163 331 163 HOH HOH A . 
D 4 HOH 164 332 164 HOH HOH A . 
D 4 HOH 165 333 165 HOH HOH A . 
D 4 HOH 166 334 166 HOH HOH A . 
D 4 HOH 167 335 167 HOH HOH A . 
D 4 HOH 168 336 168 HOH HOH A . 
D 4 HOH 169 337 169 HOH HOH A . 
D 4 HOH 170 338 170 HOH HOH A . 
D 4 HOH 171 339 171 HOH HOH A . 
D 4 HOH 172 340 172 HOH HOH A . 
D 4 HOH 173 341 173 HOH HOH A . 
D 4 HOH 174 342 174 HOH HOH A . 
D 4 HOH 175 343 175 HOH HOH A . 
D 4 HOH 176 344 176 HOH HOH A . 
D 4 HOH 177 345 177 HOH HOH A . 
D 4 HOH 178 346 178 HOH HOH A . 
D 4 HOH 179 347 179 HOH HOH A . 
D 4 HOH 180 348 180 HOH HOH A . 
D 4 HOH 181 349 181 HOH HOH A . 
D 4 HOH 182 350 182 HOH HOH A . 
D 4 HOH 183 351 183 HOH HOH A . 
D 4 HOH 184 352 184 HOH HOH A . 
D 4 HOH 185 353 185 HOH HOH A . 
D 4 HOH 186 354 186 HOH HOH A . 
D 4 HOH 187 355 187 HOH HOH A . 
D 4 HOH 188 356 188 HOH HOH A . 
D 4 HOH 189 357 189 HOH HOH A . 
D 4 HOH 190 358 190 HOH HOH A . 
D 4 HOH 191 359 191 HOH HOH A . 
D 4 HOH 192 360 192 HOH HOH A . 
D 4 HOH 193 361 193 HOH HOH A . 
D 4 HOH 194 362 194 HOH HOH A . 
D 4 HOH 195 363 195 HOH HOH A . 
# 
_pdbx_unobs_or_zero_occ_atoms.id               1 
_pdbx_unobs_or_zero_occ_atoms.PDB_model_num    1 
_pdbx_unobs_or_zero_occ_atoms.polymer_flag     Y 
_pdbx_unobs_or_zero_occ_atoms.occupancy_flag   1 
_pdbx_unobs_or_zero_occ_atoms.auth_asym_id     A 
_pdbx_unobs_or_zero_occ_atoms.auth_comp_id     ALA 
_pdbx_unobs_or_zero_occ_atoms.auth_seq_id      122 
_pdbx_unobs_or_zero_occ_atoms.PDB_ins_code     ? 
_pdbx_unobs_or_zero_occ_atoms.auth_atom_id     CB 
_pdbx_unobs_or_zero_occ_atoms.label_alt_id     ? 
_pdbx_unobs_or_zero_occ_atoms.label_asym_id    A 
_pdbx_unobs_or_zero_occ_atoms.label_comp_id    ALA 
_pdbx_unobs_or_zero_occ_atoms.label_seq_id     122 
_pdbx_unobs_or_zero_occ_atoms.label_atom_id    CB 
# 
loop_
_software.name 
_software.classification 
_software.version 
_software.citation_id 
_software.pdbx_ordinal 
X-PLOR 'model building' . ? 1 
X-PLOR refinement       . ? 2 
X-PLOR phasing          . ? 3 
# 
_cell.entry_id           121P 
_cell.length_a           40.200 
_cell.length_b           40.200 
_cell.length_c           161.400 
_cell.angle_alpha        90.00 
_cell.angle_beta         90.00 
_cell.angle_gamma        120.00 
_cell.Z_PDB              6 
_cell.pdbx_unique_axis   ? 
# 
_symmetry.entry_id                         121P 
_symmetry.space_group_name_H-M             'P 32 2 1' 
_symmetry.pdbx_full_space_group_name_H-M   ? 
_symmetry.cell_setting                     ? 
_symmetry.Int_Tables_number                154 
# 
_exptl.entry_id          121P 
_exptl.method            'X-RAY DIFFRACTION' 
_exptl.crystals_number   ? 
# 
_exptl_crystal.id                    1 
_exptl_crystal.density_meas          ? 
_exptl_crystal.density_Matthews      1.99 
_exptl_crystal.density_percent_sol   38.32 
_exptl_crystal.description           ? 
# 
_diffrn.id                     1 
_diffrn.ambient_temp           ? 
_diffrn.ambient_temp_details   ? 
_diffrn.crystal_id             1 
# 
_diffrn_radiation.diffrn_id                        1 
_diffrn_radiation.wavelength_id                    1 
_diffrn_radiation.pdbx_monochromatic_or_laue_m_l   ? 
_diffrn_radiation.monochromator                    ? 
_diffrn_radiation.pdbx_diffrn_protocol             ? 
_diffrn_radiation.pdbx_scattering_type             x-ray 
# 
_diffrn_radiation_wavelength.id           1 
_diffrn_radiation_wavelength.wavelength   . 
_diffrn_radiation_wavelength.wt           1.0 
# 
_refine.entry_id                                 121P 
_refine.ls_number_reflns_obs                     ? 
_refine.ls_number_reflns_all                     ? 
_refine.pdbx_ls_sigma_I                          ? 
_refine.pdbx_ls_sigma_F                          ? 
_refine.pdbx_data_cutoff_high_absF               ? 
_refine.pdbx_data_cutoff_low_absF                ? 
_refine.pdbx_data_cutoff_high_rms_absF           ? 
_refine.ls_d_res_low                             ? 
_refine.ls_d_res_high                            1.54 
_refine.ls_percent_reflns_obs                    ? 
_refine.ls_R_factor_obs                          0.1950000 
_refine.ls_R_factor_all                          ? 
_refine.ls_R_factor_R_work                       0.1950000 
_refine.ls_R_factor_R_free                       ? 
_refine.ls_R_factor_R_free_error                 ? 
_refine.ls_R_factor_R_free_error_details         ? 
_refine.ls_percent_reflns_R_free                 ? 
_refine.ls_number_reflns_R_free                  ? 
_refine.ls_number_parameters                     ? 
_refine.ls_number_restraints                     ? 
_refine.occupancy_min                            ? 
_refine.occupancy_max                            ? 
_refine.B_iso_mean                               ? 
_refine.aniso_B[1][1]                            ? 
_refine.aniso_B[2][2]                            ? 
_refine.aniso_B[3][3]                            ? 
_refine.aniso_B[1][2]                            ? 
_refine.aniso_B[1][3]                            ? 
_refine.aniso_B[2][3]                            ? 
_refine.solvent_model_details                    ? 
_refine.solvent_model_param_ksol                 ? 
_refine.solvent_model_param_bsol                 ? 
_refine.pdbx_ls_cross_valid_method               ? 
_refine.details                                  
;RESIDUES 61 - 64 (GLN - GLU - GLU - TYR) ADOPT SEVERAL CONFORMATIONS IN THE CRYSTAL.  THE COORDINATES GIVEN APPROXIMATE ONE OF THESE.  THE ELECTRON DENSITY FOR THIS PART OF THE STRUCTURE IS NOT AS WELL DEFINED AS FOR THE REST OF THE STRUCTURE.
;
_refine.pdbx_starting_model                      ? 
_refine.pdbx_method_to_determine_struct          ? 
_refine.pdbx_isotropic_thermal_model             ? 
_refine.pdbx_stereochemistry_target_values       ? 
_refine.pdbx_stereochem_target_val_spec_case     ? 
_refine.pdbx_R_Free_selection_details            ? 
_refine.pdbx_overall_ESU_R                       ? 
_refine.pdbx_overall_ESU_R_Free                  ? 
_refine.overall_SU_ML                            ? 
_refine.overall_SU_B                             ? 
_refine.pdbx_refine_id                           'X-RAY DIFFRACTION' 
_refine.pdbx_diffrn_id                           1 
_refine.pdbx_TLS_residual_ADP_flag               ? 
_refine.correlation_coeff_Fo_to_Fc               ? 
_refine.correlation_coeff_Fo_to_Fc_free          ? 
_refine.pdbx_solvent_vdw_probe_radii             ? 
_refine.pdbx_solvent_ion_probe_radii             ? 
_refine.pdbx_solvent_shrinkage_radii             ? 
_refine.pdbx_overall_phase_error                 ? 
_refine.overall_SU_R_Cruickshank_DPI             ? 
_refine.pdbx_overall_SU_R_free_Cruickshank_DPI   ? 
_refine.pdbx_overall_SU_R_Blow_DPI               ? 
_refine.pdbx_overall_SU_R_free_Blow_DPI          ? 
# 
_refine_hist.pdbx_refine_id                   'X-RAY DIFFRACTION' 
_refine_hist.cycle_id                         LAST 
_refine_hist.pdbx_number_atoms_protein        1322 
_refine_hist.pdbx_number_atoms_nucleic_acid   0 
_refine_hist.pdbx_number_atoms_ligand         33 
_refine_hist.number_atoms_solvent             195 
_refine_hist.number_atoms_total               1550 
_refine_hist.d_res_high                       1.54 
_refine_hist.d_res_low                        . 
# 
loop_
_refine_ls_restr.type 
_refine_ls_restr.dev_ideal 
_refine_ls_restr.dev_ideal_target 
_refine_ls_restr.weight 
_refine_ls_restr.number 
_refine_ls_restr.pdbx_refine_id 
_refine_ls_restr.pdbx_restraint_function 
x_bond_d                0.014 ? ? ? 'X-RAY DIFFRACTION' ? 
x_bond_d_na             ?     ? ? ? 'X-RAY DIFFRACTION' ? 
x_bond_d_prot           ?     ? ? ? 'X-RAY DIFFRACTION' ? 
x_angle_d               ?     ? ? ? 'X-RAY DIFFRACTION' ? 
x_angle_d_na            ?     ? ? ? 'X-RAY DIFFRACTION' ? 
x_angle_d_prot          ?     ? ? ? 'X-RAY DIFFRACTION' ? 
x_angle_deg             2.8   ? ? ? 'X-RAY DIFFRACTION' ? 
x_angle_deg_na          ?     ? ? ? 'X-RAY DIFFRACTION' ? 
x_angle_deg_prot        ?     ? ? ? 'X-RAY DIFFRACTION' ? 
x_dihedral_angle_d      ?     ? ? ? 'X-RAY DIFFRACTION' ? 
x_dihedral_angle_d_na   ?     ? ? ? 'X-RAY DIFFRACTION' ? 
x_dihedral_angle_d_prot ?     ? ? ? 'X-RAY DIFFRACTION' ? 
x_improper_angle_d      ?     ? ? ? 'X-RAY DIFFRACTION' ? 
x_improper_angle_d_na   ?     ? ? ? 'X-RAY DIFFRACTION' ? 
x_improper_angle_d_prot ?     ? ? ? 'X-RAY DIFFRACTION' ? 
x_mcbond_it             ?     ? ? ? 'X-RAY DIFFRACTION' ? 
x_mcangle_it            ?     ? ? ? 'X-RAY DIFFRACTION' ? 
x_scbond_it             ?     ? ? ? 'X-RAY DIFFRACTION' ? 
x_scangle_it            ?     ? ? ? 'X-RAY DIFFRACTION' ? 
# 
_struct.entry_id                  121P 
_struct.title                     
'STRUKTUR UND GUANOSINTRIPHOSPHAT-HYDROLYSEMECHANISMUS DES C-TERMINAL VERKUERZTEN MENSCHLICHEN KREBSPROTEINS P21-H-RAS' 
_struct.pdbx_model_details        ? 
_struct.pdbx_CASP_flag            ? 
_struct.pdbx_model_type_details   ? 
# 
_struct_keywords.entry_id        121P 
_struct_keywords.pdbx_keywords   'ONCOGENE PROTEIN' 
_struct_keywords.text            'ONCOGENE PROTEIN' 
# 
loop_
_struct_asym.id 
_struct_asym.pdbx_blank_PDB_chainid_flag 
_struct_asym.pdbx_modified 
_struct_asym.entity_id 
_struct_asym.details 
A N N 1 ? 
B N N 2 ? 
C N N 3 ? 
D N N 4 ? 
# 
_struct_ref.id                         1 
_struct_ref.db_name                    UNP 
_struct_ref.db_code                    RASH_HUMAN 
_struct_ref.entity_id                  1 
_struct_ref.pdbx_db_accession          P01112 
_struct_ref.pdbx_align_begin           1 
_struct_ref.pdbx_seq_one_letter_code   
;MTEYKLVVVGAGGVGKSALTIQLIQNHFVDEYDPTIEDSYRKQVVIDGETCLLDILDTAGQEEYSAMRDQYMRTGEGFLC
VFAINNTKSFEDIHQYREQIKRVKDSDDVPMVLVGNKCDLAARTVESRQAQDLARSYGIPYIETSAKTRQGVEDAFYTLV
REIRQHKLRKLNPPDESGPGCMSCKCVLS
;
_struct_ref.pdbx_db_isoform            ? 
# 
_struct_ref_seq.align_id                      1 
_struct_ref_seq.ref_id                        1 
_struct_ref_seq.pdbx_PDB_id_code              121P 
_struct_ref_seq.pdbx_strand_id                A 
_struct_ref_seq.seq_align_beg                 1 
_struct_ref_seq.pdbx_seq_align_beg_ins_code   ? 
_struct_ref_seq.seq_align_end                 166 
_struct_ref_seq.pdbx_seq_align_end_ins_code   ? 
_struct_ref_seq.pdbx_db_accession             P01112 
_struct_ref_seq.db_align_beg                  1 
_struct_ref_seq.pdbx_db_align_beg_ins_code    ? 
_struct_ref_seq.db_align_end                  166 
_struct_ref_seq.pdbx_db_align_end_ins_code    ? 
_struct_ref_seq.pdbx_auth_seq_align_beg       1 
_struct_ref_seq.pdbx_auth_seq_align_end       166 
# 
_pdbx_struct_assembly.id                   1 
_pdbx_struct_assembly.details              author_defined_assembly 
_pdbx_struct_assembly.method_details       ? 
_pdbx_struct_assembly.oligomeric_details   dimeric 
_pdbx_struct_assembly.oligomeric_count     2 
# 
_pdbx_struct_assembly_gen.assembly_id       1 
_pdbx_struct_assembly_gen.oper_expression   1,2 
_pdbx_struct_assembly_gen.asym_id_list      A,B,C,D 
# 
loop_
_pdbx_struct_oper_list.id 
_pdbx_struct_oper_list.type 
_pdbx_struct_oper_list.name 
_pdbx_struct_oper_list.symmetry_operation 
_pdbx_struct_oper_list.matrix[1][1] 
_pdbx_struct_oper_list.matrix[1][2] 
_pdbx_struct_oper_list.matrix[1][3] 
_pdbx_struct_oper_list.vector[1] 
_pdbx_struct_oper_list.matrix[2][1] 
_pdbx_struct_oper_list.matrix[2][2] 
_pdbx_struct_oper_list.matrix[2][3] 
_pdbx_struct_oper_list.vector[2] 
_pdbx_struct_oper_list.matrix[3][1] 
_pdbx_struct_oper_list.matrix[3][2] 
_pdbx_struct_oper_list.matrix[3][3] 
_pdbx_struct_oper_list.vector[3] 
1 'identity operation'         1_555 x,y,z  1.0000000000  0.0000000000  0.0000000000  0.0000000000  0.0000000000  1.0000000000 0.0000000000 0.0000000000  0.0000000000  0.0000000000 1.0000000000  0.0000000000  
2 'crystal symmetry operation' 4_555 y,x,-z -0.4077623071 -0.9093399181 -0.0826487407 -6.9483540084 -0.9093399181 0.3962284004 0.1269014113 -6.9059099840 -0.0826487407 0.1269014113 -0.9884660932 26.1920805372 
# 
_struct_biol.id   1 
# 
loop_
_struct_conf.conf_type_id 
_struct_conf.id 
_struct_conf.pdbx_PDB_helix_id 
_struct_conf.beg_label_comp_id 
_struct_conf.beg_label_asym_id 
_struct_conf.beg_label_seq_id 
_struct_conf.pdbx_beg_PDB_ins_code 
_struct_conf.end_label_comp_id 
_struct_conf.end_label_asym_id 
_struct_conf.end_label_seq_id 
_struct_conf.pdbx_end_PDB_ins_code 
_struct_conf.beg_auth_comp_id 
_struct_conf.beg_auth_asym_id 
_struct_conf.beg_auth_seq_id 
_struct_conf.end_auth_comp_id 
_struct_conf.end_auth_asym_id 
_struct_conf.end_auth_seq_id 
_struct_conf.pdbx_PDB_helix_class 
_struct_conf.details 
_struct_conf.pdbx_PDB_helix_length 
HELX_P HELX_P1 A1 LYS A 16  ? GLN A 25  ? LYS A 16  GLN A 25  1 ? 10 
HELX_P HELX_P2 A2 SER A 65  ? THR A 74  ? SER A 65  THR A 74  1 ? 10 
HELX_P HELX_P3 A3 THR A 87  ? VAL A 103 ? THR A 87  VAL A 103 1 ? 17 
HELX_P HELX_P4 A4 SER A 127 ? TYR A 137 ? SER A 127 TYR A 137 1 ? 11 
HELX_P HELX_P5 A5 VAL A 152 ? ARG A 164 ? VAL A 152 ARG A 164 1 ? 13 
# 
_struct_conf_type.id          HELX_P 
_struct_conf_type.criteria    ? 
_struct_conf_type.reference   ? 
# 
loop_
_struct_conn.id 
_struct_conn.conn_type_id 
_struct_conn.pdbx_leaving_atom_flag 
_struct_conn.pdbx_PDB_id 
_struct_conn.ptnr1_label_asym_id 
_struct_conn.ptnr1_label_comp_id 
_struct_conn.ptnr1_label_seq_id 
_struct_conn.ptnr1_label_atom_id 
_struct_conn.pdbx_ptnr1_label_alt_id 
_struct_conn.pdbx_ptnr1_PDB_ins_code 
_struct_conn.pdbx_ptnr1_standard_comp_id 
_struct_conn.ptnr1_symmetry 
_struct_conn.ptnr2_label_asym_id 
_struct_conn.ptnr2_label_comp_id 
_struct_conn.ptnr2_label_seq_id 
_struct_conn.ptnr2_label_atom_id 
_struct_conn.pdbx_ptnr2_label_alt_id 
_struct_conn.pdbx_ptnr2_PDB_ins_code 
_struct_conn.ptnr1_auth_asym_id 
_struct_conn.ptnr1_auth_comp_id 
_struct_conn.ptnr1_auth_seq_id 
_struct_conn.ptnr2_auth_asym_id 
_struct_conn.ptnr2_auth_comp_id 
_struct_conn.ptnr2_auth_seq_id 
_struct_conn.ptnr2_symmetry 
_struct_conn.pdbx_ptnr3_label_atom_id 
_struct_conn.pdbx_ptnr3_label_seq_id 
_struct_conn.pdbx_ptnr3_label_comp_id 
_struct_conn.pdbx_ptnr3_label_asym_id 
_struct_conn.pdbx_ptnr3_label_alt_id 
_struct_conn.pdbx_ptnr3_PDB_ins_code 
_struct_conn.details 
_struct_conn.pdbx_dist_value 
_struct_conn.pdbx_value_order 
_struct_conn.pdbx_role 
metalc1 metalc ? ? A SER 17 OG  ? ? ? 1_555 B MG  . MG ? ? A SER 17  A MG  168 1_555 ? ? ? ? ? ? ? 2.282 ? ? 
metalc2 metalc ? ? A THR 35 OG1 ? ? ? 1_555 B MG  . MG ? ? A THR 35  A MG  168 1_555 ? ? ? ? ? ? ? 2.255 ? ? 
metalc3 metalc ? ? C GCP .  O2G ? ? ? 1_555 B MG  . MG ? ? A GCP 167 A MG  168 1_555 ? ? ? ? ? ? ? 2.214 ? ? 
metalc4 metalc ? ? C GCP .  O2B ? ? ? 1_555 B MG  . MG ? ? A GCP 167 A MG  168 1_555 ? ? ? ? ? ? ? 2.293 ? ? 
metalc5 metalc ? ? B MG  .  MG  ? ? ? 1_555 D HOH . O  ? ? A MG  168 A HOH 172 1_555 ? ? ? ? ? ? ? 2.259 ? ? 
metalc6 metalc ? ? B MG  .  MG  ? ? ? 1_555 D HOH . O  ? ? A MG  168 A HOH 173 1_555 ? ? ? ? ? ? ? 2.252 ? ? 
# 
_struct_conn_type.id          metalc 
_struct_conn_type.criteria    ? 
_struct_conn_type.reference   ? 
# 
loop_
_pdbx_struct_conn_angle.id 
_pdbx_struct_conn_angle.ptnr1_label_atom_id 
_pdbx_struct_conn_angle.ptnr1_label_alt_id 
_pdbx_struct_conn_angle.ptnr1_label_asym_id 
_pdbx_struct_conn_angle.ptnr1_label_comp_id 
_pdbx_struct_conn_angle.ptnr1_label_seq_id 
_pdbx_struct_conn_angle.ptnr1_auth_atom_id 
_pdbx_struct_conn_angle.ptnr1_auth_asym_id 
_pdbx_struct_conn_angle.ptnr1_auth_comp_id 
_pdbx_struct_conn_angle.ptnr1_auth_seq_id 
_pdbx_struct_conn_angle.ptnr1_PDB_ins_code 
_pdbx_struct_conn_angle.ptnr1_symmetry 
_pdbx_struct_conn_angle.ptnr2_label_atom_id 
_pdbx_struct_conn_angle.ptnr2_label_alt_id 
_pdbx_struct_conn_angle.ptnr2_label_asym_id 
_pdbx_struct_conn_angle.ptnr2_label_comp_id 
_pdbx_struct_conn_angle.ptnr2_label_seq_id 
_pdbx_struct_conn_angle.ptnr2_auth_atom_id 
_pdbx_struct_conn_angle.ptnr2_auth_asym_id 
_pdbx_struct_conn_angle.ptnr2_auth_comp_id 
_pdbx_struct_conn_angle.ptnr2_auth_seq_id 
_pdbx_struct_conn_angle.ptnr2_PDB_ins_code 
_pdbx_struct_conn_angle.ptnr2_symmetry 
_pdbx_struct_conn_angle.ptnr3_label_atom_id 
_pdbx_struct_conn_angle.ptnr3_label_alt_id 
_pdbx_struct_conn_angle.ptnr3_label_asym_id 
_pdbx_struct_conn_angle.ptnr3_label_comp_id 
_pdbx_struct_conn_angle.ptnr3_label_seq_id 
_pdbx_struct_conn_angle.ptnr3_auth_atom_id 
_pdbx_struct_conn_angle.ptnr3_auth_asym_id 
_pdbx_struct_conn_angle.ptnr3_auth_comp_id 
_pdbx_struct_conn_angle.ptnr3_auth_seq_id 
_pdbx_struct_conn_angle.ptnr3_PDB_ins_code 
_pdbx_struct_conn_angle.ptnr3_symmetry 
_pdbx_struct_conn_angle.value 
_pdbx_struct_conn_angle.value_esd 
1  OG  ? A SER 17 ? A SER 17  ? 1_555 MG ? B MG . ? A MG 168 ? 1_555 OG1 ? A THR 35 ? A THR 35  ? 1_555 83.3  ? 
2  OG  ? A SER 17 ? A SER 17  ? 1_555 MG ? B MG . ? A MG 168 ? 1_555 O2G ? C GCP .  ? A GCP 167 ? 1_555 172.8 ? 
3  OG1 ? A THR 35 ? A THR 35  ? 1_555 MG ? B MG . ? A MG 168 ? 1_555 O2G ? C GCP .  ? A GCP 167 ? 1_555 92.1  ? 
4  OG  ? A SER 17 ? A SER 17  ? 1_555 MG ? B MG . ? A MG 168 ? 1_555 O2B ? C GCP .  ? A GCP 167 ? 1_555 89.8  ? 
5  OG1 ? A THR 35 ? A THR 35  ? 1_555 MG ? B MG . ? A MG 168 ? 1_555 O2B ? C GCP .  ? A GCP 167 ? 1_555 173.0 ? 
6  O2G ? C GCP .  ? A GCP 167 ? 1_555 MG ? B MG . ? A MG 168 ? 1_555 O2B ? C GCP .  ? A GCP 167 ? 1_555 94.8  ? 
7  OG  ? A SER 17 ? A SER 17  ? 1_555 MG ? B MG . ? A MG 168 ? 1_555 O   ? D HOH .  ? A HOH 172 ? 1_555 87.5  ? 
8  OG1 ? A THR 35 ? A THR 35  ? 1_555 MG ? B MG . ? A MG 168 ? 1_555 O   ? D HOH .  ? A HOH 172 ? 1_555 91.3  ? 
9  O2G ? C GCP .  ? A GCP 167 ? 1_555 MG ? B MG . ? A MG 168 ? 1_555 O   ? D HOH .  ? A HOH 172 ? 1_555 98.1  ? 
10 O2B ? C GCP .  ? A GCP 167 ? 1_555 MG ? B MG . ? A MG 168 ? 1_555 O   ? D HOH .  ? A HOH 172 ? 1_555 87.3  ? 
11 OG  ? A SER 17 ? A SER 17  ? 1_555 MG ? B MG . ? A MG 168 ? 1_555 O   ? D HOH .  ? A HOH 173 ? 1_555 86.1  ? 
12 OG1 ? A THR 35 ? A THR 35  ? 1_555 MG ? B MG . ? A MG 168 ? 1_555 O   ? D HOH .  ? A HOH 173 ? 1_555 94.6  ? 
13 O2G ? C GCP .  ? A GCP 167 ? 1_555 MG ? B MG . ? A MG 168 ? 1_555 O   ? D HOH .  ? A HOH 173 ? 1_555 88.8  ? 
14 O2B ? C GCP .  ? A GCP 167 ? 1_555 MG ? B MG . ? A MG 168 ? 1_555 O   ? D HOH .  ? A HOH 173 ? 1_555 86.0  ? 
15 O   ? D HOH .  ? A HOH 172 ? 1_555 MG ? B MG . ? A MG 168 ? 1_555 O   ? D HOH .  ? A HOH 173 ? 1_555 170.7 ? 
# 
_struct_sheet.id               S 
_struct_sheet.type             ? 
_struct_sheet.number_strands   6 
_struct_sheet.details          ? 
# 
loop_
_struct_sheet_order.sheet_id 
_struct_sheet_order.range_id_1 
_struct_sheet_order.range_id_2 
_struct_sheet_order.offset 
_struct_sheet_order.sense 
S 1 2 ? anti-parallel 
S 2 3 ? parallel      
S 3 4 ? parallel      
S 4 5 ? parallel      
S 5 6 ? parallel      
# 
loop_
_struct_sheet_range.sheet_id 
_struct_sheet_range.id 
_struct_sheet_range.beg_label_comp_id 
_struct_sheet_range.beg_label_asym_id 
_struct_sheet_range.beg_label_seq_id 
_struct_sheet_range.pdbx_beg_PDB_ins_code 
_struct_sheet_range.end_label_comp_id 
_struct_sheet_range.end_label_asym_id 
_struct_sheet_range.end_label_seq_id 
_struct_sheet_range.pdbx_end_PDB_ins_code 
_struct_sheet_range.beg_auth_comp_id 
_struct_sheet_range.beg_auth_asym_id 
_struct_sheet_range.beg_auth_seq_id 
_struct_sheet_range.end_auth_comp_id 
_struct_sheet_range.end_auth_asym_id 
_struct_sheet_range.end_auth_seq_id 
S 1 GLU A 37  ? ILE A 46  ? GLU A 37  ILE A 46  
S 2 GLU A 49  ? THR A 58  ? GLU A 49  THR A 58  
S 3 THR A 2   ? VAL A 9   ? THR A 2   VAL A 9   
S 4 GLY A 77  ? ALA A 83  ? GLY A 77  ALA A 83  
S 5 MET A 111 ? ASN A 116 ? MET A 111 ASN A 116 
S 6 TYR A 141 ? GLU A 143 ? TYR A 141 GLU A 143 
# 
loop_
_pdbx_struct_sheet_hbond.sheet_id 
_pdbx_struct_sheet_hbond.range_id_1 
_pdbx_struct_sheet_hbond.range_id_2 
_pdbx_struct_sheet_hbond.range_1_label_atom_id 
_pdbx_struct_sheet_hbond.range_1_label_comp_id 
_pdbx_struct_sheet_hbond.range_1_label_asym_id 
_pdbx_struct_sheet_hbond.range_1_label_seq_id 
_pdbx_struct_sheet_hbond.range_1_PDB_ins_code 
_pdbx_struct_sheet_hbond.range_1_auth_atom_id 
_pdbx_struct_sheet_hbond.range_1_auth_comp_id 
_pdbx_struct_sheet_hbond.range_1_auth_asym_id 
_pdbx_struct_sheet_hbond.range_1_auth_seq_id 
_pdbx_struct_sheet_hbond.range_2_label_atom_id 
_pdbx_struct_sheet_hbond.range_2_label_comp_id 
_pdbx_struct_sheet_hbond.range_2_label_asym_id 
_pdbx_struct_sheet_hbond.range_2_label_seq_id 
_pdbx_struct_sheet_hbond.range_2_PDB_ins_code 
_pdbx_struct_sheet_hbond.range_2_auth_atom_id 
_pdbx_struct_sheet_hbond.range_2_auth_comp_id 
_pdbx_struct_sheet_hbond.range_2_auth_asym_id 
_pdbx_struct_sheet_hbond.range_2_auth_seq_id 
S 1 2 N LYS A 42  ? N LYS A 42  O LEU A 53  ? O LEU A 53  
S 2 3 O ASP A 54  ? O ASP A 54  N LEU A 6   ? N LEU A 6   
S 3 4 O VAL A 7   ? O VAL A 7   N LEU A 79  ? N LEU A 79  
S 4 5 O CYS A 80  ? O CYS A 80  N VAL A 114 ? N VAL A 114 
S 5 6 O LEU A 113 ? O LEU A 113 N ILE A 142 ? N ILE A 142 
# 
loop_
_struct_site.id 
_struct_site.pdbx_evidence_code 
_struct_site.pdbx_auth_asym_id 
_struct_site.pdbx_auth_comp_id 
_struct_site.pdbx_auth_seq_id 
_struct_site.pdbx_auth_ins_code 
_struct_site.pdbx_num_residues 
_struct_site.details 
AC1 Software A MG  168 ? 5  'BINDING SITE FOR RESIDUE MG A 168'  
AC2 Software A GCP 167 ? 28 'BINDING SITE FOR RESIDUE GCP A 167' 
# 
loop_
_struct_site_gen.id 
_struct_site_gen.site_id 
_struct_site_gen.pdbx_num_res 
_struct_site_gen.label_comp_id 
_struct_site_gen.label_asym_id 
_struct_site_gen.label_seq_id 
_struct_site_gen.pdbx_auth_ins_code 
_struct_site_gen.auth_comp_id 
_struct_site_gen.auth_asym_id 
_struct_site_gen.auth_seq_id 
_struct_site_gen.label_atom_id 
_struct_site_gen.label_alt_id 
_struct_site_gen.symmetry 
_struct_site_gen.details 
1  AC1 5  SER A 17  ? SER A 17  . ? 1_555 ? 
2  AC1 5  THR A 35  ? THR A 35  . ? 1_555 ? 
3  AC1 5  GCP C .   ? GCP A 167 . ? 1_555 ? 
4  AC1 5  HOH D .   ? HOH A 172 . ? 1_555 ? 
5  AC1 5  HOH D .   ? HOH A 173 . ? 1_555 ? 
6  AC2 28 GLY A 12  ? GLY A 12  . ? 1_555 ? 
7  AC2 28 GLY A 13  ? GLY A 13  . ? 1_555 ? 
8  AC2 28 VAL A 14  ? VAL A 14  . ? 1_555 ? 
9  AC2 28 GLY A 15  ? GLY A 15  . ? 1_555 ? 
10 AC2 28 LYS A 16  ? LYS A 16  . ? 1_555 ? 
11 AC2 28 SER A 17  ? SER A 17  . ? 1_555 ? 
12 AC2 28 ALA A 18  ? ALA A 18  . ? 1_555 ? 
13 AC2 28 PHE A 28  ? PHE A 28  . ? 1_555 ? 
14 AC2 28 VAL A 29  ? VAL A 29  . ? 1_555 ? 
15 AC2 28 ASP A 30  ? ASP A 30  . ? 1_555 ? 
16 AC2 28 TYR A 32  ? TYR A 32  . ? 5_675 ? 
17 AC2 28 PRO A 34  ? PRO A 34  . ? 1_555 ? 
18 AC2 28 THR A 35  ? THR A 35  . ? 1_555 ? 
19 AC2 28 GLY A 60  ? GLY A 60  . ? 1_555 ? 
20 AC2 28 ASN A 116 ? ASN A 116 . ? 1_555 ? 
21 AC2 28 LYS A 117 ? LYS A 117 . ? 1_555 ? 
22 AC2 28 ASP A 119 ? ASP A 119 . ? 1_555 ? 
23 AC2 28 LEU A 120 ? LEU A 120 . ? 1_555 ? 
24 AC2 28 SER A 145 ? SER A 145 . ? 1_555 ? 
25 AC2 28 ALA A 146 ? ALA A 146 . ? 1_555 ? 
26 AC2 28 LYS A 147 ? LYS A 147 . ? 1_555 ? 
27 AC2 28 MG  B .   ? MG  A 168 . ? 1_555 ? 
28 AC2 28 HOH D .   ? HOH A 170 . ? 1_555 ? 
29 AC2 28 HOH D .   ? HOH A 172 . ? 1_555 ? 
30 AC2 28 HOH D .   ? HOH A 175 . ? 1_555 ? 
31 AC2 28 HOH D .   ? HOH A 186 . ? 1_555 ? 
32 AC2 28 HOH D .   ? HOH A 188 . ? 1_555 ? 
33 AC2 28 HOH D .   ? HOH A 289 . ? 5_675 ? 
# 
loop_
_pdbx_validate_rmsd_angle.id 
_pdbx_validate_rmsd_angle.PDB_model_num 
_pdbx_validate_rmsd_angle.auth_atom_id_1 
_pdbx_validate_rmsd_angle.auth_asym_id_1 
_pdbx_validate_rmsd_angle.auth_comp_id_1 
_pdbx_validate_rmsd_angle.auth_seq_id_1 
_pdbx_validate_rmsd_angle.PDB_ins_code_1 
_pdbx_validate_rmsd_angle.label_alt_id_1 
_pdbx_validate_rmsd_angle.auth_atom_id_2 
_pdbx_validate_rmsd_angle.auth_asym_id_2 
_pdbx_validate_rmsd_angle.auth_comp_id_2 
_pdbx_validate_rmsd_angle.auth_seq_id_2 
_pdbx_validate_rmsd_angle.PDB_ins_code_2 
_pdbx_validate_rmsd_angle.label_alt_id_2 
_pdbx_validate_rmsd_angle.auth_atom_id_3 
_pdbx_validate_rmsd_angle.auth_asym_id_3 
_pdbx_validate_rmsd_angle.auth_comp_id_3 
_pdbx_validate_rmsd_angle.auth_seq_id_3 
_pdbx_validate_rmsd_angle.PDB_ins_code_3 
_pdbx_validate_rmsd_angle.label_alt_id_3 
_pdbx_validate_rmsd_angle.angle_value 
_pdbx_validate_rmsd_angle.angle_target_value 
_pdbx_validate_rmsd_angle.angle_deviation 
_pdbx_validate_rmsd_angle.angle_standard_deviation 
_pdbx_validate_rmsd_angle.linker_flag 
1 1 CG A MET 1   ? ? SD A MET 1   ? ? CE  A MET 1   ? ? 89.12  100.20 -11.08 1.60 N 
2 1 CB A TYR 64  ? ? CG A TYR 64  ? ? CD2 A TYR 64  ? ? 116.36 121.00 -4.64  0.60 N 
3 1 CA A ARG 68  ? ? CB A ARG 68  ? ? CG  A ARG 68  ? ? 126.90 113.40 13.50  2.20 N 
4 1 NE A ARG 123 ? ? CZ A ARG 123 ? ? NH1 A ARG 123 ? ? 124.38 120.30 4.08   0.50 N 
5 1 NE A ARG 123 ? ? CZ A ARG 123 ? ? NH2 A ARG 123 ? ? 112.67 120.30 -7.63  0.50 N 
6 1 NE A ARG 161 ? ? CZ A ARG 161 ? ? NH1 A ARG 161 ? ? 127.24 120.30 6.94   0.50 N 
7 1 NE A ARG 161 ? ? CZ A ARG 161 ? ? NH2 A ARG 161 ? ? 114.17 120.30 -6.13  0.50 N 
8 1 NE A ARG 164 ? ? CZ A ARG 164 ? ? NH1 A ARG 164 ? ? 127.83 120.30 7.53   0.50 N 
9 1 NE A ARG 164 ? ? CZ A ARG 164 ? ? NH2 A ARG 164 ? ? 113.27 120.30 -7.03  0.50 N 
# 
loop_
_pdbx_validate_torsion.id 
_pdbx_validate_torsion.PDB_model_num 
_pdbx_validate_torsion.auth_comp_id 
_pdbx_validate_torsion.auth_asym_id 
_pdbx_validate_torsion.auth_seq_id 
_pdbx_validate_torsion.PDB_ins_code 
_pdbx_validate_torsion.label_alt_id 
_pdbx_validate_torsion.phi 
_pdbx_validate_torsion.psi 
1 1 ASP A 33  ? ? -157.86 75.75  
2 1 ILE A 36  ? ? -96.57  -71.13 
3 1 TYR A 64  ? ? 73.62   56.62  
4 1 ALA A 122 ? ? -64.61  57.45  
5 1 ARG A 149 ? ? 75.82   -2.03  
# 
_pdbx_entry_details.entry_id                 121P 
_pdbx_entry_details.compound_details         
;SECONDARY STRUCTURE ELEMENTS HAVE BEEN ASSIGNED ACCORDING
TO THE PROGRAM DSSP (W.KABSCH AND C.SANDER, 1983,
BIOPOLYMERS 22:2577-2637).
;
_pdbx_entry_details.source_details           ? 
_pdbx_entry_details.nonpolymer_details       ? 
_pdbx_entry_details.sequence_details         ? 
_pdbx_entry_details.has_ligand_of_interest   ? 
# 
loop_
_chem_comp_atom.comp_id 
_chem_comp_atom.atom_id 
_chem_comp_atom.type_symbol 
_chem_comp_atom.pdbx_aromatic_flag 
_chem_comp_atom.pdbx_stereo_config 
_chem_comp_atom.pdbx_ordinal 
ALA N      N  N N 1   
ALA CA     C  N S 2   
ALA C      C  N N 3   
ALA O      O  N N 4   
ALA CB     C  N N 5   
ALA OXT    O  N N 6   
ALA H      H  N N 7   
ALA H2     H  N N 8   
ALA HA     H  N N 9   
ALA HB1    H  N N 10  
ALA HB2    H  N N 11  
ALA HB3    H  N N 12  
ALA HXT    H  N N 13  
ARG N      N  N N 14  
ARG CA     C  N S 15  
ARG C      C  N N 16  
ARG O      O  N N 17  
ARG CB     C  N N 18  
ARG CG     C  N N 19  
ARG CD     C  N N 20  
ARG NE     N  N N 21  
ARG CZ     C  N N 22  
ARG NH1    N  N N 23  
ARG NH2    N  N N 24  
ARG OXT    O  N N 25  
ARG H      H  N N 26  
ARG H2     H  N N 27  
ARG HA     H  N N 28  
ARG HB2    H  N N 29  
ARG HB3    H  N N 30  
ARG HG2    H  N N 31  
ARG HG3    H  N N 32  
ARG HD2    H  N N 33  
ARG HD3    H  N N 34  
ARG HE     H  N N 35  
ARG HH11   H  N N 36  
ARG HH12   H  N N 37  
ARG HH21   H  N N 38  
ARG HH22   H  N N 39  
ARG HXT    H  N N 40  
ASN N      N  N N 41  
ASN CA     C  N S 42  
ASN C      C  N N 43  
ASN O      O  N N 44  
ASN CB     C  N N 45  
ASN CG     C  N N 46  
ASN OD1    O  N N 47  
ASN ND2    N  N N 48  
ASN OXT    O  N N 49  
ASN H      H  N N 50  
ASN H2     H  N N 51  
ASN HA     H  N N 52  
ASN HB2    H  N N 53  
ASN HB3    H  N N 54  
ASN HD21   H  N N 55  
ASN HD22   H  N N 56  
ASN HXT    H  N N 57  
ASP N      N  N N 58  
ASP CA     C  N S 59  
ASP C      C  N N 60  
ASP O      O  N N 61  
ASP CB     C  N N 62  
ASP CG     C  N N 63  
ASP OD1    O  N N 64  
ASP OD2    O  N N 65  
ASP OXT    O  N N 66  
ASP H      H  N N 67  
ASP H2     H  N N 68  
ASP HA     H  N N 69  
ASP HB2    H  N N 70  
ASP HB3    H  N N 71  
ASP HD2    H  N N 72  
ASP HXT    H  N N 73  
CYS N      N  N N 74  
CYS CA     C  N R 75  
CYS C      C  N N 76  
CYS O      O  N N 77  
CYS CB     C  N N 78  
CYS SG     S  N N 79  
CYS OXT    O  N N 80  
CYS H      H  N N 81  
CYS H2     H  N N 82  
CYS HA     H  N N 83  
CYS HB2    H  N N 84  
CYS HB3    H  N N 85  
CYS HG     H  N N 86  
CYS HXT    H  N N 87  
GCP PG     P  N N 88  
GCP O1G    O  N N 89  
GCP O2G    O  N N 90  
GCP O3G    O  N N 91  
GCP C3B    C  N N 92  
GCP PB     P  N R 93  
GCP O1B    O  N N 94  
GCP O2B    O  N N 95  
GCP O3A    O  N N 96  
GCP PA     P  N S 97  
GCP O1A    O  N N 98  
GCP O2A    O  N N 99  
GCP "O5'"  O  N N 100 
GCP "C5'"  C  N N 101 
GCP "C4'"  C  N R 102 
GCP "O4'"  O  N N 103 
GCP "C3'"  C  N S 104 
GCP "O3'"  O  N N 105 
GCP "C2'"  C  N R 106 
GCP "O2'"  O  N N 107 
GCP "C1'"  C  N R 108 
GCP N9     N  Y N 109 
GCP C8     C  Y N 110 
GCP N7     N  Y N 111 
GCP C5     C  Y N 112 
GCP C6     C  Y N 113 
GCP O6     O  N N 114 
GCP N1     N  Y N 115 
GCP C2     C  Y N 116 
GCP N2     N  N N 117 
GCP N3     N  Y N 118 
GCP C4     C  Y N 119 
GCP HOG2   H  N N 120 
GCP HOG3   H  N N 121 
GCP H3B1   H  N N 122 
GCP H3B2   H  N N 123 
GCP HOB2   H  N N 124 
GCP HOA2   H  N N 125 
GCP "H5'2" H  N N 126 
GCP "H5'1" H  N N 127 
GCP "H4'"  H  N N 128 
GCP "H3'"  H  N N 129 
GCP "HO3'" H  N N 130 
GCP "H2'"  H  N N 131 
GCP "HO2'" H  N N 132 
GCP "H1'"  H  N N 133 
GCP H8     H  N N 134 
GCP HN1    H  N N 135 
GCP HN21   H  N N 136 
GCP HN22   H  N N 137 
GLN N      N  N N 138 
GLN CA     C  N S 139 
GLN C      C  N N 140 
GLN O      O  N N 141 
GLN CB     C  N N 142 
GLN CG     C  N N 143 
GLN CD     C  N N 144 
GLN OE1    O  N N 145 
GLN NE2    N  N N 146 
GLN OXT    O  N N 147 
GLN H      H  N N 148 
GLN H2     H  N N 149 
GLN HA     H  N N 150 
GLN HB2    H  N N 151 
GLN HB3    H  N N 152 
GLN HG2    H  N N 153 
GLN HG3    H  N N 154 
GLN HE21   H  N N 155 
GLN HE22   H  N N 156 
GLN HXT    H  N N 157 
GLU N      N  N N 158 
GLU CA     C  N S 159 
GLU C      C  N N 160 
GLU O      O  N N 161 
GLU CB     C  N N 162 
GLU CG     C  N N 163 
GLU CD     C  N N 164 
GLU OE1    O  N N 165 
GLU OE2    O  N N 166 
GLU OXT    O  N N 167 
GLU H      H  N N 168 
GLU H2     H  N N 169 
GLU HA     H  N N 170 
GLU HB2    H  N N 171 
GLU HB3    H  N N 172 
GLU HG2    H  N N 173 
GLU HG3    H  N N 174 
GLU HE2    H  N N 175 
GLU HXT    H  N N 176 
GLY N      N  N N 177 
GLY CA     C  N N 178 
GLY C      C  N N 179 
GLY O      O  N N 180 
GLY OXT    O  N N 181 
GLY H      H  N N 182 
GLY H2     H  N N 183 
GLY HA2    H  N N 184 
GLY HA3    H  N N 185 
GLY HXT    H  N N 186 
HIS N      N  N N 187 
HIS CA     C  N S 188 
HIS C      C  N N 189 
HIS O      O  N N 190 
HIS CB     C  N N 191 
HIS CG     C  Y N 192 
HIS ND1    N  Y N 193 
HIS CD2    C  Y N 194 
HIS CE1    C  Y N 195 
HIS NE2    N  Y N 196 
HIS OXT    O  N N 197 
HIS H      H  N N 198 
HIS H2     H  N N 199 
HIS HA     H  N N 200 
HIS HB2    H  N N 201 
HIS HB3    H  N N 202 
HIS HD1    H  N N 203 
HIS HD2    H  N N 204 
HIS HE1    H  N N 205 
HIS HE2    H  N N 206 
HIS HXT    H  N N 207 
HOH O      O  N N 208 
HOH H1     H  N N 209 
HOH H2     H  N N 210 
ILE N      N  N N 211 
ILE CA     C  N S 212 
ILE C      C  N N 213 
ILE O      O  N N 214 
ILE CB     C  N S 215 
ILE CG1    C  N N 216 
ILE CG2    C  N N 217 
ILE CD1    C  N N 218 
ILE OXT    O  N N 219 
ILE H      H  N N 220 
ILE H2     H  N N 221 
ILE HA     H  N N 222 
ILE HB     H  N N 223 
ILE HG12   H  N N 224 
ILE HG13   H  N N 225 
ILE HG21   H  N N 226 
ILE HG22   H  N N 227 
ILE HG23   H  N N 228 
ILE HD11   H  N N 229 
ILE HD12   H  N N 230 
ILE HD13   H  N N 231 
ILE HXT    H  N N 232 
LEU N      N  N N 233 
LEU CA     C  N S 234 
LEU C      C  N N 235 
LEU O      O  N N 236 
LEU CB     C  N N 237 
LEU CG     C  N N 238 
LEU CD1    C  N N 239 
LEU CD2    C  N N 240 
LEU OXT    O  N N 241 
LEU H      H  N N 242 
LEU H2     H  N N 243 
LEU HA     H  N N 244 
LEU HB2    H  N N 245 
LEU HB3    H  N N 246 
LEU HG     H  N N 247 
LEU HD11   H  N N 248 
LEU HD12   H  N N 249 
LEU HD13   H  N N 250 
LEU HD21   H  N N 251 
LEU HD22   H  N N 252 
LEU HD23   H  N N 253 
LEU HXT    H  N N 254 
LYS N      N  N N 255 
LYS CA     C  N S 256 
LYS C      C  N N 257 
LYS O      O  N N 258 
LYS CB     C  N N 259 
LYS CG     C  N N 260 
LYS CD     C  N N 261 
LYS CE     C  N N 262 
LYS NZ     N  N N 263 
LYS OXT    O  N N 264 
LYS H      H  N N 265 
LYS H2     H  N N 266 
LYS HA     H  N N 267 
LYS HB2    H  N N 268 
LYS HB3    H  N N 269 
LYS HG2    H  N N 270 
LYS HG3    H  N N 271 
LYS HD2    H  N N 272 
LYS HD3    H  N N 273 
LYS HE2    H  N N 274 
LYS HE3    H  N N 275 
LYS HZ1    H  N N 276 
LYS HZ2    H  N N 277 
LYS HZ3    H  N N 278 
LYS HXT    H  N N 279 
MET N      N  N N 280 
MET CA     C  N S 281 
MET C      C  N N 282 
MET O      O  N N 283 
MET CB     C  N N 284 
MET CG     C  N N 285 
MET SD     S  N N 286 
MET CE     C  N N 287 
MET OXT    O  N N 288 
MET H      H  N N 289 
MET H2     H  N N 290 
MET HA     H  N N 291 
MET HB2    H  N N 292 
MET HB3    H  N N 293 
MET HG2    H  N N 294 
MET HG3    H  N N 295 
MET HE1    H  N N 296 
MET HE2    H  N N 297 
MET HE3    H  N N 298 
MET HXT    H  N N 299 
MG  MG     MG N N 300 
PHE N      N  N N 301 
PHE CA     C  N S 302 
PHE C      C  N N 303 
PHE O      O  N N 304 
PHE CB     C  N N 305 
PHE CG     C  Y N 306 
PHE CD1    C  Y N 307 
PHE CD2    C  Y N 308 
PHE CE1    C  Y N 309 
PHE CE2    C  Y N 310 
PHE CZ     C  Y N 311 
PHE OXT    O  N N 312 
PHE H      H  N N 313 
PHE H2     H  N N 314 
PHE HA     H  N N 315 
PHE HB2    H  N N 316 
PHE HB3    H  N N 317 
PHE HD1    H  N N 318 
PHE HD2    H  N N 319 
PHE HE1    H  N N 320 
PHE HE2    H  N N 321 
PHE HZ     H  N N 322 
PHE HXT    H  N N 323 
PRO N      N  N N 324 
PRO CA     C  N S 325 
PRO C      C  N N 326 
PRO O      O  N N 327 
PRO CB     C  N N 328 
PRO CG     C  N N 329 
PRO CD     C  N N 330 
PRO OXT    O  N N 331 
PRO H      H  N N 332 
PRO HA     H  N N 333 
PRO HB2    H  N N 334 
PRO HB3    H  N N 335 
PRO HG2    H  N N 336 
PRO HG3    H  N N 337 
PRO HD2    H  N N 338 
PRO HD3    H  N N 339 
PRO HXT    H  N N 340 
SER N      N  N N 341 
SER CA     C  N S 342 
SER C      C  N N 343 
SER O      O  N N 344 
SER CB     C  N N 345 
SER OG     O  N N 346 
SER OXT    O  N N 347 
SER H      H  N N 348 
SER H2     H  N N 349 
SER HA     H  N N 350 
SER HB2    H  N N 351 
SER HB3    H  N N 352 
SER HG     H  N N 353 
SER HXT    H  N N 354 
THR N      N  N N 355 
THR CA     C  N S 356 
THR C      C  N N 357 
THR O      O  N N 358 
THR CB     C  N R 359 
THR OG1    O  N N 360 
THR CG2    C  N N 361 
THR OXT    O  N N 362 
THR H      H  N N 363 
THR H2     H  N N 364 
THR HA     H  N N 365 
THR HB     H  N N 366 
THR HG1    H  N N 367 
THR HG21   H  N N 368 
THR HG22   H  N N 369 
THR HG23   H  N N 370 
THR HXT    H  N N 371 
TYR N      N  N N 372 
TYR CA     C  N S 373 
TYR C      C  N N 374 
TYR O      O  N N 375 
TYR CB     C  N N 376 
TYR CG     C  Y N 377 
TYR CD1    C  Y N 378 
TYR CD2    C  Y N 379 
TYR CE1    C  Y N 380 
TYR CE2    C  Y N 381 
TYR CZ     C  Y N 382 
TYR OH     O  N N 383 
TYR OXT    O  N N 384 
TYR H      H  N N 385 
TYR H2     H  N N 386 
TYR HA     H  N N 387 
TYR HB2    H  N N 388 
TYR HB3    H  N N 389 
TYR HD1    H  N N 390 
TYR HD2    H  N N 391 
TYR HE1    H  N N 392 
TYR HE2    H  N N 393 
TYR HH     H  N N 394 
TYR HXT    H  N N 395 
VAL N      N  N N 396 
VAL CA     C  N S 397 
VAL C      C  N N 398 
VAL O      O  N N 399 
VAL CB     C  N N 400 
VAL CG1    C  N N 401 
VAL CG2    C  N N 402 
VAL OXT    O  N N 403 
VAL H      H  N N 404 
VAL H2     H  N N 405 
VAL HA     H  N N 406 
VAL HB     H  N N 407 
VAL HG11   H  N N 408 
VAL HG12   H  N N 409 
VAL HG13   H  N N 410 
VAL HG21   H  N N 411 
VAL HG22   H  N N 412 
VAL HG23   H  N N 413 
VAL HXT    H  N N 414 
# 
loop_
_chem_comp_bond.comp_id 
_chem_comp_bond.atom_id_1 
_chem_comp_bond.atom_id_2 
_chem_comp_bond.value_order 
_chem_comp_bond.pdbx_aromatic_flag 
_chem_comp_bond.pdbx_stereo_config 
_chem_comp_bond.pdbx_ordinal 
ALA N     CA     sing N N 1   
ALA N     H      sing N N 2   
ALA N     H2     sing N N 3   
ALA CA    C      sing N N 4   
ALA CA    CB     sing N N 5   
ALA CA    HA     sing N N 6   
ALA C     O      doub N N 7   
ALA C     OXT    sing N N 8   
ALA CB    HB1    sing N N 9   
ALA CB    HB2    sing N N 10  
ALA CB    HB3    sing N N 11  
ALA OXT   HXT    sing N N 12  
ARG N     CA     sing N N 13  
ARG N     H      sing N N 14  
ARG N     H2     sing N N 15  
ARG CA    C      sing N N 16  
ARG CA    CB     sing N N 17  
ARG CA    HA     sing N N 18  
ARG C     O      doub N N 19  
ARG C     OXT    sing N N 20  
ARG CB    CG     sing N N 21  
ARG CB    HB2    sing N N 22  
ARG CB    HB3    sing N N 23  
ARG CG    CD     sing N N 24  
ARG CG    HG2    sing N N 25  
ARG CG    HG3    sing N N 26  
ARG CD    NE     sing N N 27  
ARG CD    HD2    sing N N 28  
ARG CD    HD3    sing N N 29  
ARG NE    CZ     sing N N 30  
ARG NE    HE     sing N N 31  
ARG CZ    NH1    sing N N 32  
ARG CZ    NH2    doub N N 33  
ARG NH1   HH11   sing N N 34  
ARG NH1   HH12   sing N N 35  
ARG NH2   HH21   sing N N 36  
ARG NH2   HH22   sing N N 37  
ARG OXT   HXT    sing N N 38  
ASN N     CA     sing N N 39  
ASN N     H      sing N N 40  
ASN N     H2     sing N N 41  
ASN CA    C      sing N N 42  
ASN CA    CB     sing N N 43  
ASN CA    HA     sing N N 44  
ASN C     O      doub N N 45  
ASN C     OXT    sing N N 46  
ASN CB    CG     sing N N 47  
ASN CB    HB2    sing N N 48  
ASN CB    HB3    sing N N 49  
ASN CG    OD1    doub N N 50  
ASN CG    ND2    sing N N 51  
ASN ND2   HD21   sing N N 52  
ASN ND2   HD22   sing N N 53  
ASN OXT   HXT    sing N N 54  
ASP N     CA     sing N N 55  
ASP N     H      sing N N 56  
ASP N     H2     sing N N 57  
ASP CA    C      sing N N 58  
ASP CA    CB     sing N N 59  
ASP CA    HA     sing N N 60  
ASP C     O      doub N N 61  
ASP C     OXT    sing N N 62  
ASP CB    CG     sing N N 63  
ASP CB    HB2    sing N N 64  
ASP CB    HB3    sing N N 65  
ASP CG    OD1    doub N N 66  
ASP CG    OD2    sing N N 67  
ASP OD2   HD2    sing N N 68  
ASP OXT   HXT    sing N N 69  
CYS N     CA     sing N N 70  
CYS N     H      sing N N 71  
CYS N     H2     sing N N 72  
CYS CA    C      sing N N 73  
CYS CA    CB     sing N N 74  
CYS CA    HA     sing N N 75  
CYS C     O      doub N N 76  
CYS C     OXT    sing N N 77  
CYS CB    SG     sing N N 78  
CYS CB    HB2    sing N N 79  
CYS CB    HB3    sing N N 80  
CYS SG    HG     sing N N 81  
CYS OXT   HXT    sing N N 82  
GCP PG    O1G    doub N N 83  
GCP PG    O2G    sing N N 84  
GCP PG    O3G    sing N N 85  
GCP PG    C3B    sing N N 86  
GCP O2G   HOG2   sing N N 87  
GCP O3G   HOG3   sing N N 88  
GCP C3B   PB     sing N N 89  
GCP C3B   H3B1   sing N N 90  
GCP C3B   H3B2   sing N N 91  
GCP PB    O1B    doub N N 92  
GCP PB    O2B    sing N N 93  
GCP PB    O3A    sing N N 94  
GCP O2B   HOB2   sing N N 95  
GCP O3A   PA     sing N N 96  
GCP PA    O1A    doub N N 97  
GCP PA    O2A    sing N N 98  
GCP PA    "O5'"  sing N N 99  
GCP O2A   HOA2   sing N N 100 
GCP "O5'" "C5'"  sing N N 101 
GCP "C5'" "C4'"  sing N N 102 
GCP "C5'" "H5'2" sing N N 103 
GCP "C5'" "H5'1" sing N N 104 
GCP "C4'" "O4'"  sing N N 105 
GCP "C4'" "C3'"  sing N N 106 
GCP "C4'" "H4'"  sing N N 107 
GCP "O4'" "C1'"  sing N N 108 
GCP "C3'" "O3'"  sing N N 109 
GCP "C3'" "C2'"  sing N N 110 
GCP "C3'" "H3'"  sing N N 111 
GCP "O3'" "HO3'" sing N N 112 
GCP "C2'" "O2'"  sing N N 113 
GCP "C2'" "C1'"  sing N N 114 
GCP "C2'" "H2'"  sing N N 115 
GCP "O2'" "HO2'" sing N N 116 
GCP "C1'" N9     sing N N 117 
GCP "C1'" "H1'"  sing N N 118 
GCP N9    C8     sing Y N 119 
GCP N9    C4     sing Y N 120 
GCP C8    N7     doub Y N 121 
GCP C8    H8     sing N N 122 
GCP N7    C5     sing Y N 123 
GCP C5    C6     sing Y N 124 
GCP C5    C4     doub Y N 125 
GCP C6    O6     doub N N 126 
GCP C6    N1     sing Y N 127 
GCP N1    C2     sing Y N 128 
GCP N1    HN1    sing N N 129 
GCP C2    N2     sing N N 130 
GCP C2    N3     doub Y N 131 
GCP N2    HN21   sing N N 132 
GCP N2    HN22   sing N N 133 
GCP N3    C4     sing Y N 134 
GLN N     CA     sing N N 135 
GLN N     H      sing N N 136 
GLN N     H2     sing N N 137 
GLN CA    C      sing N N 138 
GLN CA    CB     sing N N 139 
GLN CA    HA     sing N N 140 
GLN C     O      doub N N 141 
GLN C     OXT    sing N N 142 
GLN CB    CG     sing N N 143 
GLN CB    HB2    sing N N 144 
GLN CB    HB3    sing N N 145 
GLN CG    CD     sing N N 146 
GLN CG    HG2    sing N N 147 
GLN CG    HG3    sing N N 148 
GLN CD    OE1    doub N N 149 
GLN CD    NE2    sing N N 150 
GLN NE2   HE21   sing N N 151 
GLN NE2   HE22   sing N N 152 
GLN OXT   HXT    sing N N 153 
GLU N     CA     sing N N 154 
GLU N     H      sing N N 155 
GLU N     H2     sing N N 156 
GLU CA    C      sing N N 157 
GLU CA    CB     sing N N 158 
GLU CA    HA     sing N N 159 
GLU C     O      doub N N 160 
GLU C     OXT    sing N N 161 
GLU CB    CG     sing N N 162 
GLU CB    HB2    sing N N 163 
GLU CB    HB3    sing N N 164 
GLU CG    CD     sing N N 165 
GLU CG    HG2    sing N N 166 
GLU CG    HG3    sing N N 167 
GLU CD    OE1    doub N N 168 
GLU CD    OE2    sing N N 169 
GLU OE2   HE2    sing N N 170 
GLU OXT   HXT    sing N N 171 
GLY N     CA     sing N N 172 
GLY N     H      sing N N 173 
GLY N     H2     sing N N 174 
GLY CA    C      sing N N 175 
GLY CA    HA2    sing N N 176 
GLY CA    HA3    sing N N 177 
GLY C     O      doub N N 178 
GLY C     OXT    sing N N 179 
GLY OXT   HXT    sing N N 180 
HIS N     CA     sing N N 181 
HIS N     H      sing N N 182 
HIS N     H2     sing N N 183 
HIS CA    C      sing N N 184 
HIS CA    CB     sing N N 185 
HIS CA    HA     sing N N 186 
HIS C     O      doub N N 187 
HIS C     OXT    sing N N 188 
HIS CB    CG     sing N N 189 
HIS CB    HB2    sing N N 190 
HIS CB    HB3    sing N N 191 
HIS CG    ND1    sing Y N 192 
HIS CG    CD2    doub Y N 193 
HIS ND1   CE1    doub Y N 194 
HIS ND1   HD1    sing N N 195 
HIS CD2   NE2    sing Y N 196 
HIS CD2   HD2    sing N N 197 
HIS CE1   NE2    sing Y N 198 
HIS CE1   HE1    sing N N 199 
HIS NE2   HE2    sing N N 200 
HIS OXT   HXT    sing N N 201 
HOH O     H1     sing N N 202 
HOH O     H2     sing N N 203 
ILE N     CA     sing N N 204 
ILE N     H      sing N N 205 
ILE N     H2     sing N N 206 
ILE CA    C      sing N N 207 
ILE CA    CB     sing N N 208 
ILE CA    HA     sing N N 209 
ILE C     O      doub N N 210 
ILE C     OXT    sing N N 211 
ILE CB    CG1    sing N N 212 
ILE CB    CG2    sing N N 213 
ILE CB    HB     sing N N 214 
ILE CG1   CD1    sing N N 215 
ILE CG1   HG12   sing N N 216 
ILE CG1   HG13   sing N N 217 
ILE CG2   HG21   sing N N 218 
ILE CG2   HG22   sing N N 219 
ILE CG2   HG23   sing N N 220 
ILE CD1   HD11   sing N N 221 
ILE CD1   HD12   sing N N 222 
ILE CD1   HD13   sing N N 223 
ILE OXT   HXT    sing N N 224 
LEU N     CA     sing N N 225 
LEU N     H      sing N N 226 
LEU N     H2     sing N N 227 
LEU CA    C      sing N N 228 
LEU CA    CB     sing N N 229 
LEU CA    HA     sing N N 230 
LEU C     O      doub N N 231 
LEU C     OXT    sing N N 232 
LEU CB    CG     sing N N 233 
LEU CB    HB2    sing N N 234 
LEU CB    HB3    sing N N 235 
LEU CG    CD1    sing N N 236 
LEU CG    CD2    sing N N 237 
LEU CG    HG     sing N N 238 
LEU CD1   HD11   sing N N 239 
LEU CD1   HD12   sing N N 240 
LEU CD1   HD13   sing N N 241 
LEU CD2   HD21   sing N N 242 
LEU CD2   HD22   sing N N 243 
LEU CD2   HD23   sing N N 244 
LEU OXT   HXT    sing N N 245 
LYS N     CA     sing N N 246 
LYS N     H      sing N N 247 
LYS N     H2     sing N N 248 
LYS CA    C      sing N N 249 
LYS CA    CB     sing N N 250 
LYS CA    HA     sing N N 251 
LYS C     O      doub N N 252 
LYS C     OXT    sing N N 253 
LYS CB    CG     sing N N 254 
LYS CB    HB2    sing N N 255 
LYS CB    HB3    sing N N 256 
LYS CG    CD     sing N N 257 
LYS CG    HG2    sing N N 258 
LYS CG    HG3    sing N N 259 
LYS CD    CE     sing N N 260 
LYS CD    HD2    sing N N 261 
LYS CD    HD3    sing N N 262 
LYS CE    NZ     sing N N 263 
LYS CE    HE2    sing N N 264 
LYS CE    HE3    sing N N 265 
LYS NZ    HZ1    sing N N 266 
LYS NZ    HZ2    sing N N 267 
LYS NZ    HZ3    sing N N 268 
LYS OXT   HXT    sing N N 269 
MET N     CA     sing N N 270 
MET N     H      sing N N 271 
MET N     H2     sing N N 272 
MET CA    C      sing N N 273 
MET CA    CB     sing N N 274 
MET CA    HA     sing N N 275 
MET C     O      doub N N 276 
MET C     OXT    sing N N 277 
MET CB    CG     sing N N 278 
MET CB    HB2    sing N N 279 
MET CB    HB3    sing N N 280 
MET CG    SD     sing N N 281 
MET CG    HG2    sing N N 282 
MET CG    HG3    sing N N 283 
MET SD    CE     sing N N 284 
MET CE    HE1    sing N N 285 
MET CE    HE2    sing N N 286 
MET CE    HE3    sing N N 287 
MET OXT   HXT    sing N N 288 
PHE N     CA     sing N N 289 
PHE N     H      sing N N 290 
PHE N     H2     sing N N 291 
PHE CA    C      sing N N 292 
PHE CA    CB     sing N N 293 
PHE CA    HA     sing N N 294 
PHE C     O      doub N N 295 
PHE C     OXT    sing N N 296 
PHE CB    CG     sing N N 297 
PHE CB    HB2    sing N N 298 
PHE CB    HB3    sing N N 299 
PHE CG    CD1    doub Y N 300 
PHE CG    CD2    sing Y N 301 
PHE CD1   CE1    sing Y N 302 
PHE CD1   HD1    sing N N 303 
PHE CD2   CE2    doub Y N 304 
PHE CD2   HD2    sing N N 305 
PHE CE1   CZ     doub Y N 306 
PHE CE1   HE1    sing N N 307 
PHE CE2   CZ     sing Y N 308 
PHE CE2   HE2    sing N N 309 
PHE CZ    HZ     sing N N 310 
PHE OXT   HXT    sing N N 311 
PRO N     CA     sing N N 312 
PRO N     CD     sing N N 313 
PRO N     H      sing N N 314 
PRO CA    C      sing N N 315 
PRO CA    CB     sing N N 316 
PRO CA    HA     sing N N 317 
PRO C     O      doub N N 318 
PRO C     OXT    sing N N 319 
PRO CB    CG     sing N N 320 
PRO CB    HB2    sing N N 321 
PRO CB    HB3    sing N N 322 
PRO CG    CD     sing N N 323 
PRO CG    HG2    sing N N 324 
PRO CG    HG3    sing N N 325 
PRO CD    HD2    sing N N 326 
PRO CD    HD3    sing N N 327 
PRO OXT   HXT    sing N N 328 
SER N     CA     sing N N 329 
SER N     H      sing N N 330 
SER N     H2     sing N N 331 
SER CA    C      sing N N 332 
SER CA    CB     sing N N 333 
SER CA    HA     sing N N 334 
SER C     O      doub N N 335 
SER C     OXT    sing N N 336 
SER CB    OG     sing N N 337 
SER CB    HB2    sing N N 338 
SER CB    HB3    sing N N 339 
SER OG    HG     sing N N 340 
SER OXT   HXT    sing N N 341 
THR N     CA     sing N N 342 
THR N     H      sing N N 343 
THR N     H2     sing N N 344 
THR CA    C      sing N N 345 
THR CA    CB     sing N N 346 
THR CA    HA     sing N N 347 
THR C     O      doub N N 348 
THR C     OXT    sing N N 349 
THR CB    OG1    sing N N 350 
THR CB    CG2    sing N N 351 
THR CB    HB     sing N N 352 
THR OG1   HG1    sing N N 353 
THR CG2   HG21   sing N N 354 
THR CG2   HG22   sing N N 355 
THR CG2   HG23   sing N N 356 
THR OXT   HXT    sing N N 357 
TYR N     CA     sing N N 358 
TYR N     H      sing N N 359 
TYR N     H2     sing N N 360 
TYR CA    C      sing N N 361 
TYR CA    CB     sing N N 362 
TYR CA    HA     sing N N 363 
TYR C     O      doub N N 364 
TYR C     OXT    sing N N 365 
TYR CB    CG     sing N N 366 
TYR CB    HB2    sing N N 367 
TYR CB    HB3    sing N N 368 
TYR CG    CD1    doub Y N 369 
TYR CG    CD2    sing Y N 370 
TYR CD1   CE1    sing Y N 371 
TYR CD1   HD1    sing N N 372 
TYR CD2   CE2    doub Y N 373 
TYR CD2   HD2    sing N N 374 
TYR CE1   CZ     doub Y N 375 
TYR CE1   HE1    sing N N 376 
TYR CE2   CZ     sing Y N 377 
TYR CE2   HE2    sing N N 378 
TYR CZ    OH     sing N N 379 
TYR OH    HH     sing N N 380 
TYR OXT   HXT    sing N N 381 
VAL N     CA     sing N N 382 
VAL N     H      sing N N 383 
VAL N     H2     sing N N 384 
VAL CA    C      sing N N 385 
VAL CA    CB     sing N N 386 
VAL CA    HA     sing N N 387 
VAL C     O      doub N N 388 
VAL C     OXT    sing N N 389 
VAL CB    CG1    sing N N 390 
VAL CB    CG2    sing N N 391 
VAL CB    HB     sing N N 392 
VAL CG1   HG11   sing N N 393 
VAL CG1   HG12   sing N N 394 
VAL CG1   HG13   sing N N 395 
VAL CG2   HG21   sing N N 396 
VAL CG2   HG22   sing N N 397 
VAL CG2   HG23   sing N N 398 
VAL OXT   HXT    sing N N 399 
# 
_atom_sites.entry_id                    121P 
_atom_sites.fract_transf_matrix[1][1]   -0.02520165 
_atom_sites.fract_transf_matrix[1][2]   0.01292379 
_atom_sites.fract_transf_matrix[1][3]   0.00478903 
_atom_sites.fract_transf_matrix[2][1]   -0.00187176 
_atom_sites.fract_transf_matrix[2][2]   0.02864512 
_atom_sites.fract_transf_matrix[2][3]   -0.00101082 
_atom_sites.fract_transf_matrix[3][1]   -0.00130283 
_atom_sites.fract_transf_matrix[3][2]   -0.00029863 
_atom_sites.fract_transf_matrix[3][3]   -0.00605011 
_atom_sites.fract_transf_vector[1]      0.512438 
_atom_sites.fract_transf_vector[2]      0.723727 
_atom_sites.fract_transf_vector[3]      0.073675 
# 
_atom_sites_footnote.id     1 
_atom_sites_footnote.text   
;RESIDUES 61 - 64 (GLN - GLU - GLU - TYR) ADOPT SEVERAL CONFORMATIONS IN THE CRYSTAL.  THE COORDINATES GIVEN APPROXIMATE ONE OF THESE.  THE ELECTRON DENSITY FOR THIS PART OF THE STRUCTURE IS NOT AS WELL DEFINED AS FOR THE REST OF THE STRUCTURE.
;
# 
loop_
_atom_type.symbol 
C  
MG 
N  
O  
P  
S  
# 
loop_
_atom_site.group_PDB 
_atom_site.id 
_atom_site.type_symbol 
_atom_site.label_atom_id 
_atom_site.label_alt_id 
_atom_site.label_comp_id 
_atom_site.label_asym_id 
_atom_site.label_entity_id 
_atom_site.label_seq_id 
_atom_site.pdbx_PDB_ins_code 
_atom_site.Cartn_x 
_atom_site.Cartn_y 
_atom_site.Cartn_z 
_atom_site.occupancy 
_atom_site.B_iso_or_equiv 
_atom_site.pdbx_formal_charge 
_atom_site.auth_seq_id 
_atom_site.auth_comp_id 
_atom_site.auth_asym_id 
_atom_site.auth_atom_id 
_atom_site.pdbx_PDB_model_num 
ATOM   1    N  N     . MET A 1 1   ? 16.320  9.051   15.032  1.00 14.06 ? 1   MET A N     1 
ATOM   2    C  CA    . MET A 1 1   ? 15.138  8.281   15.346  1.00 17.27 ? 1   MET A CA    1 
ATOM   3    C  C     . MET A 1 1   ? 14.971  7.164   14.335  1.00 16.41 ? 1   MET A C     1 
ATOM   4    O  O     . MET A 1 1   ? 15.552  7.184   13.240  1.00 16.12 ? 1   MET A O     1 
ATOM   5    C  CB    . MET A 1 1   ? 13.850  9.140   15.314  1.00 17.94 ? 1   MET A CB    1 
ATOM   6    C  CG    . MET A 1 1   ? 13.399  9.614   13.928  1.00 19.41 ? 1   MET A CG    1 
ATOM   7    S  SD    . MET A 1 1   ? 11.940  10.666  14.097  1.00 21.82 ? 1   MET A SD    1 
ATOM   8    C  CE    . MET A 1 1   ? 12.898  12.040  13.535  1.00 23.68 ? 1   MET A CE    1 
ATOM   9    N  N     . THR A 1 2   ? 14.151  6.195   14.723  1.00 15.08 ? 2   THR A N     1 
ATOM   10   C  CA    . THR A 1 2   ? 13.803  5.134   13.817  1.00 16.71 ? 2   THR A CA    1 
ATOM   11   C  C     . THR A 1 2   ? 13.048  5.711   12.610  1.00 16.63 ? 2   THR A C     1 
ATOM   12   O  O     . THR A 1 2   ? 12.116  6.539   12.734  1.00 17.08 ? 2   THR A O     1 
ATOM   13   C  CB    . THR A 1 2   ? 12.958  4.126   14.622  1.00 16.63 ? 2   THR A CB    1 
ATOM   14   O  OG1   . THR A 1 2   ? 13.818  3.663   15.664  1.00 20.57 ? 2   THR A OG1   1 
ATOM   15   C  CG2   . THR A 1 2   ? 12.450  2.971   13.816  1.00 15.26 ? 2   THR A CG2   1 
ATOM   16   N  N     . GLU A 1 3   ? 13.475  5.299   11.432  1.00 16.48 ? 3   GLU A N     1 
ATOM   17   C  CA    . GLU A 1 3   ? 12.756  5.685   10.238  1.00 19.32 ? 3   GLU A CA    1 
ATOM   18   C  C     . GLU A 1 3   ? 12.174  4.393   9.648   1.00 18.43 ? 3   GLU A C     1 
ATOM   19   O  O     . GLU A 1 3   ? 12.786  3.305   9.775   1.00 18.03 ? 3   GLU A O     1 
ATOM   20   C  CB    . GLU A 1 3   ? 13.688  6.341   9.236   1.00 21.18 ? 3   GLU A CB    1 
ATOM   21   C  CG    . GLU A 1 3   ? 14.404  7.566   9.838   1.00 26.05 ? 3   GLU A CG    1 
ATOM   22   C  CD    . GLU A 1 3   ? 15.064  8.550   8.866   1.00 28.96 ? 3   GLU A CD    1 
ATOM   23   O  OE1   . GLU A 1 3   ? 15.082  8.318   7.653   1.00 30.26 ? 3   GLU A OE1   1 
ATOM   24   O  OE2   . GLU A 1 3   ? 15.543  9.588   9.328   1.00 31.23 ? 3   GLU A OE2   1 
ATOM   25   N  N     . TYR A 1 4   ? 10.950  4.457   9.098   1.00 16.16 ? 4   TYR A N     1 
ATOM   26   C  CA    . TYR A 1 4   ? 10.377  3.298   8.412   1.00 15.13 ? 4   TYR A CA    1 
ATOM   27   C  C     . TYR A 1 4   ? 10.156  3.693   6.953   1.00 14.74 ? 4   TYR A C     1 
ATOM   28   O  O     . TYR A 1 4   ? 9.465   4.676   6.646   1.00 13.18 ? 4   TYR A O     1 
ATOM   29   C  CB    . TYR A 1 4   ? 9.067   2.932   9.078   1.00 14.62 ? 4   TYR A CB    1 
ATOM   30   C  CG    . TYR A 1 4   ? 9.200   2.489   10.528  1.00 14.92 ? 4   TYR A CG    1 
ATOM   31   C  CD1   . TYR A 1 4   ? 9.600   1.191   10.792  1.00 14.30 ? 4   TYR A CD1   1 
ATOM   32   C  CD2   . TYR A 1 4   ? 8.902   3.361   11.566  1.00 15.17 ? 4   TYR A CD2   1 
ATOM   33   C  CE1   . TYR A 1 4   ? 9.698   0.768   12.100  1.00 15.20 ? 4   TYR A CE1   1 
ATOM   34   C  CE2   . TYR A 1 4   ? 9.000   2.944   12.885  1.00 12.99 ? 4   TYR A CE2   1 
ATOM   35   C  CZ    . TYR A 1 4   ? 9.400   1.649   13.123  1.00 14.46 ? 4   TYR A CZ    1 
ATOM   36   O  OH    . TYR A 1 4   ? 9.564   1.215   14.401  1.00 12.37 ? 4   TYR A OH    1 
ATOM   37   N  N     . LYS A 1 5   ? 10.753  2.941   6.038   1.00 15.93 ? 5   LYS A N     1 
ATOM   38   C  CA    . LYS A 1 5   ? 10.701  3.253   4.615   1.00 16.80 ? 5   LYS A CA    1 
ATOM   39   C  C     . LYS A 1 5   ? 9.586   2.403   4.058   1.00 14.24 ? 5   LYS A C     1 
ATOM   40   O  O     . LYS A 1 5   ? 9.744   1.181   3.898   1.00 14.36 ? 5   LYS A O     1 
ATOM   41   C  CB    . LYS A 1 5   ? 12.027  2.898   3.928   1.00 18.79 ? 5   LYS A CB    1 
ATOM   42   C  CG    . LYS A 1 5   ? 12.529  3.998   2.965   1.00 24.69 ? 5   LYS A CG    1 
ATOM   43   C  CD    . LYS A 1 5   ? 12.107  3.859   1.467   1.00 25.19 ? 5   LYS A CD    1 
ATOM   44   C  CE    . LYS A 1 5   ? 10.625  4.014   1.049   1.00 23.75 ? 5   LYS A CE    1 
ATOM   45   N  NZ    . LYS A 1 5   ? 10.081  5.319   1.354   1.00 22.37 ? 5   LYS A NZ    1 
ATOM   46   N  N     . LEU A 1 6   ? 8.463   3.068   3.803   1.00 12.91 ? 6   LEU A N     1 
ATOM   47   C  CA    . LEU A 1 6   ? 7.262   2.384   3.322   1.00 12.83 ? 6   LEU A CA    1 
ATOM   48   C  C     . LEU A 1 6   ? 7.063   2.680   1.841   1.00 12.13 ? 6   LEU A C     1 
ATOM   49   O  O     . LEU A 1 6   ? 7.352   3.803   1.377   1.00 11.96 ? 6   LEU A O     1 
ATOM   50   C  CB    . LEU A 1 6   ? 6.023   2.872   4.096   1.00 13.33 ? 6   LEU A CB    1 
ATOM   51   C  CG    . LEU A 1 6   ? 6.138   3.015   5.623   1.00 15.17 ? 6   LEU A CG    1 
ATOM   52   C  CD1   . LEU A 1 6   ? 4.767   3.339   6.215   1.00 13.67 ? 6   LEU A CD1   1 
ATOM   53   C  CD2   . LEU A 1 6   ? 6.692   1.736   6.210   1.00 13.14 ? 6   LEU A CD2   1 
ATOM   54   N  N     . VAL A 1 7   ? 6.521   1.704   1.099   1.00 11.29 ? 7   VAL A N     1 
ATOM   55   C  CA    . VAL A 1 7   ? 6.300   1.900   -0.320  1.00 10.98 ? 7   VAL A CA    1 
ATOM   56   C  C     . VAL A 1 7   ? 4.855   1.506   -0.666  1.00 11.40 ? 7   VAL A C     1 
ATOM   57   O  O     . VAL A 1 7   ? 4.401   0.443   -0.247  1.00 10.51 ? 7   VAL A O     1 
ATOM   58   C  CB    . VAL A 1 7   ? 7.306   1.045   -1.126  1.00 9.84  ? 7   VAL A CB    1 
ATOM   59   C  CG1   . VAL A 1 7   ? 7.148   1.351   -2.614  1.00 12.43 ? 7   VAL A CG1   1 
ATOM   60   C  CG2   . VAL A 1 7   ? 8.718   1.378   -0.794  1.00 10.88 ? 7   VAL A CG2   1 
ATOM   61   N  N     . VAL A 1 8   ? 4.122   2.364   -1.381  1.00 10.76 ? 8   VAL A N     1 
ATOM   62   C  CA    . VAL A 1 8   ? 2.737   2.106   -1.744  1.00 9.76  ? 8   VAL A CA    1 
ATOM   63   C  C     . VAL A 1 8   ? 2.722   1.715   -3.211  1.00 11.92 ? 8   VAL A C     1 
ATOM   64   O  O     . VAL A 1 8   ? 3.155   2.520   -4.064  1.00 11.56 ? 8   VAL A O     1 
ATOM   65   C  CB    . VAL A 1 8   ? 1.894   3.364   -1.534  1.00 9.60  ? 8   VAL A CB    1 
ATOM   66   C  CG1   . VAL A 1 8   ? 0.419   3.009   -1.644  1.00 10.79 ? 8   VAL A CG1   1 
ATOM   67   C  CG2   . VAL A 1 8   ? 2.168   3.960   -0.171  1.00 12.22 ? 8   VAL A CG2   1 
ATOM   68   N  N     . VAL A 1 9   ? 2.224   0.503   -3.525  1.00 11.30 ? 9   VAL A N     1 
ATOM   69   C  CA    . VAL A 1 9   ? 2.275   0.003   -4.895  1.00 10.54 ? 9   VAL A CA    1 
ATOM   70   C  C     . VAL A 1 9   ? 0.897   -0.524  -5.230  1.00 10.18 ? 9   VAL A C     1 
ATOM   71   O  O     . VAL A 1 9   ? 0.102   -0.782  -4.325  1.00 10.49 ? 9   VAL A O     1 
ATOM   72   C  CB    . VAL A 1 9   ? 3.319   -1.165  -5.076  1.00 10.31 ? 9   VAL A CB    1 
ATOM   73   C  CG1   . VAL A 1 9   ? 4.659   -0.647  -4.663  1.00 11.22 ? 9   VAL A CG1   1 
ATOM   74   C  CG2   . VAL A 1 9   ? 3.003   -2.399  -4.220  1.00 10.36 ? 9   VAL A CG2   1 
ATOM   75   N  N     . GLY A 1 10  ? 0.622   -0.712  -6.517  1.00 8.38  ? 10  GLY A N     1 
ATOM   76   C  CA    . GLY A 1 10  ? -0.658  -1.213  -6.999  1.00 8.62  ? 10  GLY A CA    1 
ATOM   77   C  C     . GLY A 1 10  ? -0.929  -0.579  -8.350  1.00 10.53 ? 10  GLY A C     1 
ATOM   78   O  O     . GLY A 1 10  ? -0.252  0.370   -8.788  1.00 12.43 ? 10  GLY A O     1 
ATOM   79   N  N     . ALA A 1 11  ? -1.909  -1.156  -9.017  1.00 11.52 ? 11  ALA A N     1 
ATOM   80   C  CA    . ALA A 1 11  ? -2.331  -0.758  -10.352 1.00 10.49 ? 11  ALA A CA    1 
ATOM   81   C  C     . ALA A 1 11  ? -2.795  0.679   -10.462 1.00 10.81 ? 11  ALA A C     1 
ATOM   82   O  O     . ALA A 1 11  ? -3.180  1.347   -9.487  1.00 10.94 ? 11  ALA A O     1 
ATOM   83   C  CB    . ALA A 1 11  ? -3.475  -1.652  -10.822 1.00 9.53  ? 11  ALA A CB    1 
ATOM   84   N  N     . GLY A 1 12  ? -2.816  1.183   -11.687 1.00 12.46 ? 12  GLY A N     1 
ATOM   85   C  CA    . GLY A 1 12  ? -3.267  2.549   -11.962 1.00 13.97 ? 12  GLY A CA    1 
ATOM   86   C  C     . GLY A 1 12  ? -4.716  2.835   -11.564 1.00 14.75 ? 12  GLY A C     1 
ATOM   87   O  O     . GLY A 1 12  ? -5.678  2.130   -11.915 1.00 15.53 ? 12  GLY A O     1 
ATOM   88   N  N     . GLY A 1 13  ? -4.869  3.916   -10.794 1.00 14.67 ? 13  GLY A N     1 
ATOM   89   C  CA    . GLY A 1 13  ? -6.178  4.412   -10.371 1.00 14.45 ? 13  GLY A CA    1 
ATOM   90   C  C     . GLY A 1 13  ? -6.801  3.791   -9.123  1.00 11.53 ? 13  GLY A C     1 
ATOM   91   O  O     . GLY A 1 13  ? -7.946  4.120   -8.785  1.00 11.21 ? 13  GLY A O     1 
ATOM   92   N  N     . VAL A 1 14  ? -6.073  2.931   -8.390  1.00 11.18 ? 14  VAL A N     1 
ATOM   93   C  CA    . VAL A 1 14  ? -6.651  2.286   -7.196  1.00 10.76 ? 14  VAL A CA    1 
ATOM   94   C  C     . VAL A 1 14  ? -6.711  3.167   -5.964  1.00 10.14 ? 14  VAL A C     1 
ATOM   95   O  O     . VAL A 1 14  ? -7.404  2.813   -5.013  1.00 11.54 ? 14  VAL A O     1 
ATOM   96   C  CB    . VAL A 1 14  ? -5.895  0.985   -6.794  1.00 11.53 ? 14  VAL A CB    1 
ATOM   97   C  CG1   . VAL A 1 14  ? -6.020  -0.007  -7.974  1.00 10.78 ? 14  VAL A CG1   1 
ATOM   98   C  CG2   . VAL A 1 14  ? -4.448  1.274   -6.395  1.00 11.03 ? 14  VAL A CG2   1 
ATOM   99   N  N     . GLY A 1 15  ? -5.993  4.296   -5.952  1.00 9.06  ? 15  GLY A N     1 
ATOM   100  C  CA    . GLY A 1 15  ? -6.068  5.267   -4.873  1.00 8.98  ? 15  GLY A CA    1 
ATOM   101  C  C     . GLY A 1 15  ? -4.826  5.298   -3.995  1.00 10.01 ? 15  GLY A C     1 
ATOM   102  O  O     . GLY A 1 15  ? -4.859  5.736   -2.835  1.00 9.27  ? 15  GLY A O     1 
ATOM   103  N  N     . LYS A 1 16  ? -3.680  4.866   -4.541  1.00 9.06  ? 16  LYS A N     1 
ATOM   104  C  CA    . LYS A 1 16  ? -2.409  4.903   -3.803  1.00 8.87  ? 16  LYS A CA    1 
ATOM   105  C  C     . LYS A 1 16  ? -2.150  6.309   -3.278  1.00 9.51  ? 16  LYS A C     1 
ATOM   106  O  O     . LYS A 1 16  ? -1.823  6.474   -2.100  1.00 9.82  ? 16  LYS A O     1 
ATOM   107  C  CB    . LYS A 1 16  ? -1.226  4.516   -4.705  1.00 7.76  ? 16  LYS A CB    1 
ATOM   108  C  CG    . LYS A 1 16  ? -1.347  3.103   -5.207  1.00 7.03  ? 16  LYS A CG    1 
ATOM   109  C  CD    . LYS A 1 16  ? -0.169  2.733   -6.108  1.00 8.33  ? 16  LYS A CD    1 
ATOM   110  C  CE    . LYS A 1 16  ? -0.045  3.495   -7.418  1.00 9.04  ? 16  LYS A CE    1 
ATOM   111  N  NZ    . LYS A 1 16  ? -1.124  3.182   -8.332  1.00 10.04 ? 16  LYS A NZ    1 
ATOM   112  N  N     . SER A 1 17  ? -2.264  7.324   -4.159  1.00 9.82  ? 17  SER A N     1 
ATOM   113  C  CA    . SER A 1 17  ? -1.984  8.709   -3.766  1.00 10.35 ? 17  SER A CA    1 
ATOM   114  C  C     . SER A 1 17  ? -3.013  9.235   -2.790  1.00 10.88 ? 17  SER A C     1 
ATOM   115  O  O     . SER A 1 17  ? -2.656  9.906   -1.819  1.00 11.89 ? 17  SER A O     1 
ATOM   116  C  CB    . SER A 1 17  ? -1.995  9.635   -4.958  1.00 10.70 ? 17  SER A CB    1 
ATOM   117  O  OG    . SER A 1 17  ? -0.854  9.323   -5.723  1.00 9.86  ? 17  SER A OG    1 
ATOM   118  N  N     . ALA A 1 18  ? -4.293  8.964   -3.075  1.00 10.16 ? 18  ALA A N     1 
ATOM   119  C  CA    . ALA A 1 18  ? -5.323  9.479   -2.185  1.00 11.02 ? 18  ALA A CA    1 
ATOM   120  C  C     . ALA A 1 18  ? -5.124  8.898   -0.778  1.00 10.36 ? 18  ALA A C     1 
ATOM   121  O  O     . ALA A 1 18  ? -5.339  9.599   0.225   1.00 12.09 ? 18  ALA A O     1 
ATOM   122  C  CB    . ALA A 1 18  ? -6.739  9.112   -2.706  1.00 10.40 ? 18  ALA A CB    1 
ATOM   123  N  N     . LEU A 1 19  ? -4.717  7.639   -0.661  1.00 7.89  ? 19  LEU A N     1 
ATOM   124  C  CA    . LEU A 1 19  ? -4.464  7.051   0.652   1.00 9.41  ? 19  LEU A CA    1 
ATOM   125  C  C     . LEU A 1 19  ? -3.342  7.787   1.339   1.00 10.06 ? 19  LEU A C     1 
ATOM   126  O  O     . LEU A 1 19  ? -3.478  8.227   2.488   1.00 10.43 ? 19  LEU A O     1 
ATOM   127  C  CB    . LEU A 1 19  ? -4.042  5.589   0.535   1.00 10.43 ? 19  LEU A CB    1 
ATOM   128  C  CG    . LEU A 1 19  ? -5.125  4.571   0.350   1.00 11.64 ? 19  LEU A CG    1 
ATOM   129  C  CD1   . LEU A 1 19  ? -4.400  3.243   0.062   1.00 10.81 ? 19  LEU A CD1   1 
ATOM   130  C  CD2   . LEU A 1 19  ? -6.095  4.582   1.546   1.00 11.84 ? 19  LEU A CD2   1 
ATOM   131  N  N     . THR A 1 20  ? -2.208  7.937   0.664   1.00 10.65 ? 20  THR A N     1 
ATOM   132  C  CA    . THR A 1 20  ? -1.076  8.636   1.269   1.00 13.00 ? 20  THR A CA    1 
ATOM   133  C  C     . THR A 1 20  ? -1.379  10.103  1.659   1.00 13.82 ? 20  THR A C     1 
ATOM   134  O  O     . THR A 1 20  ? -0.964  10.602  2.718   1.00 13.36 ? 20  THR A O     1 
ATOM   135  C  CB    . THR A 1 20  ? 0.098   8.586   0.304   1.00 14.26 ? 20  THR A CB    1 
ATOM   136  O  OG1   . THR A 1 20  ? 0.272   7.244   -0.065  1.00 16.02 ? 20  THR A OG1   1 
ATOM   137  C  CG2   . THR A 1 20  ? 1.407   9.002   0.945   1.00 15.48 ? 20  THR A CG2   1 
ATOM   138  N  N     . ILE A 1 21  ? -2.098  10.854  0.817   1.00 12.21 ? 21  ILE A N     1 
ATOM   139  C  CA    . ILE A 1 21  ? -2.367  12.236  1.164   1.00 12.46 ? 21  ILE A CA    1 
ATOM   140  C  C     . ILE A 1 21  ? -3.372  12.309  2.298   1.00 13.97 ? 21  ILE A C     1 
ATOM   141  O  O     . ILE A 1 21  ? -3.317  13.254  3.115   1.00 14.26 ? 21  ILE A O     1 
ATOM   142  C  CB    . ILE A 1 21  ? -2.850  12.943  -0.077  1.00 12.42 ? 21  ILE A CB    1 
ATOM   143  C  CG1   . ILE A 1 21  ? -1.642  13.100  -0.981  1.00 13.33 ? 21  ILE A CG1   1 
ATOM   144  C  CG2   . ILE A 1 21  ? -3.411  14.315  0.226   1.00 12.97 ? 21  ILE A CG2   1 
ATOM   145  C  CD1   . ILE A 1 21  ? -2.031  13.341  -2.457  1.00 16.01 ? 21  ILE A CD1   1 
ATOM   146  N  N     . GLN A 1 22  ? -4.295  11.350  2.387   1.00 14.01 ? 22  GLN A N     1 
ATOM   147  C  CA    . GLN A 1 22  ? -5.198  11.314  3.530   1.00 14.40 ? 22  GLN A CA    1 
ATOM   148  C  C     . GLN A 1 22  ? -4.372  11.211  4.772   1.00 16.50 ? 22  GLN A C     1 
ATOM   149  O  O     . GLN A 1 22  ? -4.586  11.996  5.709   1.00 15.12 ? 22  GLN A O     1 
ATOM   150  C  CB    . GLN A 1 22  ? -6.111  10.129  3.564   1.00 14.59 ? 22  GLN A CB    1 
ATOM   151  C  CG    . GLN A 1 22  ? -7.474  10.549  3.131   1.00 16.52 ? 22  GLN A CG    1 
ATOM   152  C  CD    . GLN A 1 22  ? -8.258  11.583  3.947   1.00 15.96 ? 22  GLN A CD    1 
ATOM   153  O  OE1   . GLN A 1 22  ? -7.882  12.214  4.945   1.00 16.24 ? 22  GLN A OE1   1 
ATOM   154  N  NE2   . GLN A 1 22  ? -9.463  11.743  3.455   1.00 15.14 ? 22  GLN A NE2   1 
ATOM   155  N  N     . LEU A 1 23  ? -3.407  10.277  4.751   1.00 16.67 ? 23  LEU A N     1 
ATOM   156  C  CA    . LEU A 1 23  ? -2.539  10.119  5.902   1.00 18.58 ? 23  LEU A CA    1 
ATOM   157  C  C     . LEU A 1 23  ? -1.709  11.367  6.162   1.00 20.34 ? 23  LEU A C     1 
ATOM   158  O  O     . LEU A 1 23  ? -1.721  11.853  7.290   1.00 22.77 ? 23  LEU A O     1 
ATOM   159  C  CB    . LEU A 1 23  ? -1.564  8.953   5.739   1.00 17.55 ? 23  LEU A CB    1 
ATOM   160  C  CG    . LEU A 1 23  ? -0.698  8.654   6.982   1.00 18.46 ? 23  LEU A CG    1 
ATOM   161  C  CD1   . LEU A 1 23  ? -1.495  7.919   8.079   1.00 17.92 ? 23  LEU A CD1   1 
ATOM   162  C  CD2   . LEU A 1 23  ? 0.478   7.826   6.524   1.00 18.89 ? 23  LEU A CD2   1 
ATOM   163  N  N     . ILE A 1 24  ? -0.986  11.919  5.194   1.00 21.88 ? 24  ILE A N     1 
ATOM   164  C  CA    . ILE A 1 24  ? -0.118  13.052  5.460   1.00 22.87 ? 24  ILE A CA    1 
ATOM   165  C  C     . ILE A 1 24  ? -0.863  14.389  5.522   1.00 25.24 ? 24  ILE A C     1 
ATOM   166  O  O     . ILE A 1 24  ? -0.569  15.189  6.421   1.00 26.54 ? 24  ILE A O     1 
ATOM   167  C  CB    . ILE A 1 24  ? 1.013   13.096  4.365   1.00 22.97 ? 24  ILE A CB    1 
ATOM   168  C  CG1   . ILE A 1 24  ? 1.791   11.780  4.344   1.00 23.16 ? 24  ILE A CG1   1 
ATOM   169  C  CG2   . ILE A 1 24  ? 2.022   14.199  4.662   1.00 21.61 ? 24  ILE A CG2   1 
ATOM   170  C  CD1   . ILE A 1 24  ? 2.519   11.358  5.645   1.00 25.94 ? 24  ILE A CD1   1 
ATOM   171  N  N     . GLN A 1 25  ? -1.797  14.679  4.611   1.00 23.48 ? 25  GLN A N     1 
ATOM   172  C  CA    . GLN A 1 25  ? -2.366  15.994  4.586   1.00 24.44 ? 25  GLN A CA    1 
ATOM   173  C  C     . GLN A 1 25  ? -3.814  16.063  5.039   1.00 22.94 ? 25  GLN A C     1 
ATOM   174  O  O     . GLN A 1 25  ? -4.469  17.114  4.965   1.00 22.99 ? 25  GLN A O     1 
ATOM   175  C  CB    . GLN A 1 25  ? -2.165  16.557  3.150   1.00 25.07 ? 25  GLN A CB    1 
ATOM   176  C  CG    . GLN A 1 25  ? -0.669  16.775  2.824   1.00 27.57 ? 25  GLN A CG    1 
ATOM   177  C  CD    . GLN A 1 25  ? -0.324  17.209  1.401   1.00 28.54 ? 25  GLN A CD    1 
ATOM   178  O  OE1   . GLN A 1 25  ? -1.200  17.508  0.594   1.00 29.17 ? 25  GLN A OE1   1 
ATOM   179  N  NE2   . GLN A 1 25  ? 0.961   17.278  1.028   1.00 28.34 ? 25  GLN A NE2   1 
ATOM   180  N  N     . ASN A 1 26  ? -4.333  14.947  5.532   1.00 22.18 ? 26  ASN A N     1 
ATOM   181  C  CA    . ASN A 1 26  ? -5.689  14.864  5.992   1.00 23.56 ? 26  ASN A CA    1 
ATOM   182  C  C     . ASN A 1 26  ? -6.770  15.404  5.036   1.00 22.91 ? 26  ASN A C     1 
ATOM   183  O  O     . ASN A 1 26  ? -7.693  16.116  5.451   1.00 25.41 ? 26  ASN A O     1 
ATOM   184  C  CB    . ASN A 1 26  ? -5.741  15.558  7.373   1.00 26.19 ? 26  ASN A CB    1 
ATOM   185  C  CG    . ASN A 1 26  ? -7.053  15.340  8.110   1.00 28.71 ? 26  ASN A CG    1 
ATOM   186  O  OD1   . ASN A 1 26  ? -7.392  14.234  8.559   1.00 30.21 ? 26  ASN A OD1   1 
ATOM   187  N  ND2   . ASN A 1 26  ? -7.801  16.434  8.236   1.00 30.24 ? 26  ASN A ND2   1 
ATOM   188  N  N     . HIS A 1 27  ? -6.729  15.123  3.733   1.00 19.09 ? 27  HIS A N     1 
ATOM   189  C  CA    . HIS A 1 27  ? -7.854  15.468  2.890   1.00 18.21 ? 27  HIS A CA    1 
ATOM   190  C  C     . HIS A 1 27  ? -7.952  14.531  1.712   1.00 15.69 ? 27  HIS A C     1 
ATOM   191  O  O     . HIS A 1 27  ? -6.953  13.905  1.366   1.00 15.44 ? 27  HIS A O     1 
ATOM   192  C  CB    . HIS A 1 27  ? -7.798  16.911  2.365   1.00 19.11 ? 27  HIS A CB    1 
ATOM   193  C  CG    . HIS A 1 27  ? -6.756  17.275  1.360   1.00 20.00 ? 27  HIS A CG    1 
ATOM   194  N  ND1   . HIS A 1 27  ? -7.141  17.658  0.169   1.00 21.45 ? 27  HIS A ND1   1 
ATOM   195  C  CD2   . HIS A 1 27  ? -5.414  17.157  1.510   1.00 21.29 ? 27  HIS A CD2   1 
ATOM   196  C  CE1   . HIS A 1 27  ? -6.008  17.775  -0.474  1.00 21.93 ? 27  HIS A CE1   1 
ATOM   197  N  NE2   . HIS A 1 27  ? -4.991  17.479  0.314   1.00 22.01 ? 27  HIS A NE2   1 
ATOM   198  N  N     . PHE A 1 28  ? -9.157  14.360  1.173   1.00 15.64 ? 28  PHE A N     1 
ATOM   199  C  CA    . PHE A 1 28  ? -9.398  13.467  0.038   1.00 15.21 ? 28  PHE A CA    1 
ATOM   200  C  C     . PHE A 1 28  ? -9.151  14.138  -1.306  1.00 15.63 ? 28  PHE A C     1 
ATOM   201  O  O     . PHE A 1 28  ? -9.827  15.128  -1.577  1.00 15.64 ? 28  PHE A O     1 
ATOM   202  C  CB    . PHE A 1 28  ? -10.822 12.973  0.094   1.00 14.22 ? 28  PHE A CB    1 
ATOM   203  C  CG    . PHE A 1 28  ? -11.248 12.079  -1.064  1.00 16.05 ? 28  PHE A CG    1 
ATOM   204  C  CD1   . PHE A 1 28  ? -10.545 10.907  -1.321  1.00 14.56 ? 28  PHE A CD1   1 
ATOM   205  C  CD2   . PHE A 1 28  ? -12.365 12.422  -1.818  1.00 16.40 ? 28  PHE A CD2   1 
ATOM   206  C  CE1   . PHE A 1 28  ? -10.976 10.079  -2.325  1.00 15.13 ? 28  PHE A CE1   1 
ATOM   207  C  CE2   . PHE A 1 28  ? -12.784 11.580  -2.833  1.00 16.03 ? 28  PHE A CE2   1 
ATOM   208  C  CZ    . PHE A 1 28  ? -12.087 10.413  -3.076  1.00 15.23 ? 28  PHE A CZ    1 
ATOM   209  N  N     . VAL A 1 29  ? -8.205  13.665  -2.127  1.00 16.57 ? 29  VAL A N     1 
ATOM   210  C  CA    . VAL A 1 29  ? -7.981  14.231  -3.456  1.00 20.26 ? 29  VAL A CA    1 
ATOM   211  C  C     . VAL A 1 29  ? -8.880  13.518  -4.464  1.00 19.38 ? 29  VAL A C     1 
ATOM   212  O  O     . VAL A 1 29  ? -8.967  12.280  -4.566  1.00 20.22 ? 29  VAL A O     1 
ATOM   213  C  CB    . VAL A 1 29  ? -6.507  14.105  -3.964  1.00 22.76 ? 29  VAL A CB    1 
ATOM   214  C  CG1   . VAL A 1 29  ? -5.587  14.911  -3.033  1.00 25.49 ? 29  VAL A CG1   1 
ATOM   215  C  CG2   . VAL A 1 29  ? -6.056  12.646  -4.011  1.00 25.22 ? 29  VAL A CG2   1 
ATOM   216  N  N     . ASP A 1 30  ? -9.633  14.335  -5.164  1.00 19.20 ? 30  ASP A N     1 
ATOM   217  C  CA    . ASP A 1 30  ? -10.544 13.817  -6.134  1.00 23.42 ? 30  ASP A CA    1 
ATOM   218  C  C     . ASP A 1 30  ? -10.271 14.517  -7.441  1.00 25.49 ? 30  ASP A C     1 
ATOM   219  O  O     . ASP A 1 30  ? -10.967 15.455  -7.811  1.00 28.78 ? 30  ASP A O     1 
ATOM   220  C  CB    . ASP A 1 30  ? -11.960 14.072  -5.677  1.00 26.58 ? 30  ASP A CB    1 
ATOM   221  C  CG    . ASP A 1 30  ? -13.018 13.500  -6.604  1.00 29.11 ? 30  ASP A CG    1 
ATOM   222  O  OD1   . ASP A 1 30  ? -12.722 12.720  -7.519  1.00 30.12 ? 30  ASP A OD1   1 
ATOM   223  O  OD2   . ASP A 1 30  ? -14.177 13.837  -6.370  1.00 33.90 ? 30  ASP A OD2   1 
ATOM   224  N  N     . GLU A 1 31  ? -9.187  14.176  -8.106  1.00 24.67 ? 31  GLU A N     1 
ATOM   225  C  CA    . GLU A 1 31  ? -8.881  14.719  -9.401  1.00 25.91 ? 31  GLU A CA    1 
ATOM   226  C  C     . GLU A 1 31  ? -7.921  13.772  -10.085 1.00 24.26 ? 31  GLU A C     1 
ATOM   227  O  O     . GLU A 1 31  ? -7.355  12.874  -9.459  1.00 24.90 ? 31  GLU A O     1 
ATOM   228  C  CB    . GLU A 1 31  ? -8.279  16.127  -9.282  1.00 29.70 ? 31  GLU A CB    1 
ATOM   229  C  CG    . GLU A 1 31  ? -7.257  16.470  -8.218  1.00 34.92 ? 31  GLU A CG    1 
ATOM   230  C  CD    . GLU A 1 31  ? -7.042  17.983  -8.099  1.00 37.19 ? 31  GLU A CD    1 
ATOM   231  O  OE1   . GLU A 1 31  ? -8.024  18.732  -7.963  1.00 39.07 ? 31  GLU A OE1   1 
ATOM   232  O  OE2   . GLU A 1 31  ? -5.889  18.419  -8.135  1.00 38.89 ? 31  GLU A OE2   1 
ATOM   233  N  N     . TYR A 1 32  ? -7.731  13.952  -11.382 1.00 21.36 ? 32  TYR A N     1 
ATOM   234  C  CA    . TYR A 1 32  ? -6.950  13.051  -12.197 1.00 18.15 ? 32  TYR A CA    1 
ATOM   235  C  C     . TYR A 1 32  ? -5.556  13.601  -12.127 1.00 17.10 ? 32  TYR A C     1 
ATOM   236  O  O     . TYR A 1 32  ? -5.302  14.688  -12.637 1.00 17.31 ? 32  TYR A O     1 
ATOM   237  C  CB    . TYR A 1 32  ? -7.496  13.084  -13.613 1.00 17.50 ? 32  TYR A CB    1 
ATOM   238  C  CG    . TYR A 1 32  ? -6.816  12.102  -14.552 1.00 15.64 ? 32  TYR A CG    1 
ATOM   239  C  CD1   . TYR A 1 32  ? -5.676  12.488  -15.226 1.00 16.43 ? 32  TYR A CD1   1 
ATOM   240  C  CD2   . TYR A 1 32  ? -7.355  10.846  -14.756 1.00 16.70 ? 32  TYR A CD2   1 
ATOM   241  C  CE1   . TYR A 1 32  ? -5.056  11.645  -16.118 1.00 14.01 ? 32  TYR A CE1   1 
ATOM   242  C  CE2   . TYR A 1 32  ? -6.725  9.984   -15.652 1.00 16.54 ? 32  TYR A CE2   1 
ATOM   243  C  CZ    . TYR A 1 32  ? -5.588  10.393  -16.328 1.00 15.66 ? 32  TYR A CZ    1 
ATOM   244  O  OH    . TYR A 1 32  ? -4.988  9.559   -17.250 1.00 13.82 ? 32  TYR A OH    1 
ATOM   245  N  N     . ASP A 1 33  ? -4.644  12.825  -11.561 1.00 14.84 ? 33  ASP A N     1 
ATOM   246  C  CA    . ASP A 1 33  ? -3.274  13.268  -11.358 1.00 15.62 ? 33  ASP A CA    1 
ATOM   247  C  C     . ASP A 1 33  ? -2.298  12.101  -11.209 1.00 13.65 ? 33  ASP A C     1 
ATOM   248  O  O     . ASP A 1 33  ? -1.853  11.755  -10.103 1.00 13.30 ? 33  ASP A O     1 
ATOM   249  C  CB    . ASP A 1 33  ? -3.219  14.156  -10.118 1.00 17.31 ? 33  ASP A CB    1 
ATOM   250  C  CG    . ASP A 1 33  ? -1.872  14.819  -9.890  1.00 21.54 ? 33  ASP A CG    1 
ATOM   251  O  OD1   . ASP A 1 33  ? -0.972  14.736  -10.739 1.00 22.53 ? 33  ASP A OD1   1 
ATOM   252  O  OD2   . ASP A 1 33  ? -1.731  15.426  -8.824  1.00 24.70 ? 33  ASP A OD2   1 
ATOM   253  N  N     . PRO A 1 34  ? -1.964  11.445  -12.343 1.00 12.50 ? 34  PRO A N     1 
ATOM   254  C  CA    . PRO A 1 34  ? -1.087  10.288  -12.373 1.00 12.14 ? 34  PRO A CA    1 
ATOM   255  C  C     . PRO A 1 34  ? 0.267   10.576  -11.748 1.00 11.67 ? 34  PRO A C     1 
ATOM   256  O  O     . PRO A 1 34  ? 0.909   11.608  -11.994 1.00 11.91 ? 34  PRO A O     1 
ATOM   257  C  CB    . PRO A 1 34  ? -0.988  9.891   -13.838 1.00 11.59 ? 34  PRO A CB    1 
ATOM   258  C  CG    . PRO A 1 34  ? -2.211  10.523  -14.468 1.00 11.74 ? 34  PRO A CG    1 
ATOM   259  C  CD    . PRO A 1 34  ? -2.359  11.826  -13.709 1.00 12.86 ? 34  PRO A CD    1 
ATOM   260  N  N     . THR A 1 35  ? 0.719   9.635   -10.923 1.00 10.59 ? 35  THR A N     1 
ATOM   261  C  CA    . THR A 1 35  ? 1.987   9.809   -10.232 1.00 11.94 ? 35  THR A CA    1 
ATOM   262  C  C     . THR A 1 35  ? 3.128   9.285   -11.079 1.00 14.12 ? 35  THR A C     1 
ATOM   263  O  O     . THR A 1 35  ? 2.984   8.286   -11.782 1.00 12.75 ? 35  THR A O     1 
ATOM   264  C  CB    . THR A 1 35  ? 1.964   9.047   -8.873  1.00 12.15 ? 35  THR A CB    1 
ATOM   265  O  OG1   . THR A 1 35  ? 0.860   9.624   -8.185  1.00 11.27 ? 35  THR A OG1   1 
ATOM   266  C  CG2   . THR A 1 35  ? 3.173   9.211   -7.956  1.00 12.75 ? 35  THR A CG2   1 
ATOM   267  N  N     . ILE A 1 36  ? 4.262   9.957   -10.987 1.00 16.13 ? 36  ILE A N     1 
ATOM   268  C  CA    . ILE A 1 36  ? 5.511   9.467   -11.546 1.00 19.12 ? 36  ILE A CA    1 
ATOM   269  C  C     . ILE A 1 36  ? 6.165   8.813   -10.329 1.00 18.52 ? 36  ILE A C     1 
ATOM   270  O  O     . ILE A 1 36  ? 6.205   7.583   -10.243 1.00 18.51 ? 36  ILE A O     1 
ATOM   271  C  CB    . ILE A 1 36  ? 6.365   10.664  -12.119 1.00 20.83 ? 36  ILE A CB    1 
ATOM   272  C  CG1   . ILE A 1 36  ? 5.834   11.192  -13.471 1.00 22.10 ? 36  ILE A CG1   1 
ATOM   273  C  CG2   . ILE A 1 36  ? 7.762   10.132  -12.404 1.00 20.33 ? 36  ILE A CG2   1 
ATOM   274  C  CD1   . ILE A 1 36  ? 4.393   11.771  -13.496 1.00 24.41 ? 36  ILE A CD1   1 
ATOM   275  N  N     . GLU A 1 37  ? 6.639   9.599   -9.338  1.00 20.67 ? 37  GLU A N     1 
ATOM   276  C  CA    . GLU A 1 37  ? 7.199   9.084   -8.074  1.00 21.18 ? 37  GLU A CA    1 
ATOM   277  C  C     . GLU A 1 37  ? 7.114   10.266  -7.128  1.00 20.97 ? 37  GLU A C     1 
ATOM   278  O  O     . GLU A 1 37  ? 7.505   11.352  -7.565  1.00 23.61 ? 37  GLU A O     1 
ATOM   279  C  CB    . GLU A 1 37  ? 8.668   8.681   -8.197  1.00 24.08 ? 37  GLU A CB    1 
ATOM   280  C  CG    . GLU A 1 37  ? 9.234   7.971   -6.966  1.00 28.60 ? 37  GLU A CG    1 
ATOM   281  C  CD    . GLU A 1 37  ? 10.650  7.371   -7.094  1.00 31.80 ? 37  GLU A CD    1 
ATOM   282  O  OE1   . GLU A 1 37  ? 11.639  8.102   -7.231  1.00 34.29 ? 37  GLU A OE1   1 
ATOM   283  O  OE2   . GLU A 1 37  ? 10.776  6.152   -7.010  1.00 33.47 ? 37  GLU A OE2   1 
ATOM   284  N  N     . ASP A 1 38  ? 6.534   10.146  -5.936  1.00 17.95 ? 38  ASP A N     1 
ATOM   285  C  CA    . ASP A 1 38  ? 6.555   11.201  -4.925  1.00 18.14 ? 38  ASP A CA    1 
ATOM   286  C  C     . ASP A 1 38  ? 6.964   10.636  -3.564  1.00 18.90 ? 38  ASP A C     1 
ATOM   287  O  O     . ASP A 1 38  ? 6.682   9.462   -3.256  1.00 17.64 ? 38  ASP A O     1 
ATOM   288  C  CB    . ASP A 1 38  ? 5.190   11.843  -4.770  1.00 21.35 ? 38  ASP A CB    1 
ATOM   289  C  CG    . ASP A 1 38  ? 4.706   12.637  -5.978  1.00 21.85 ? 38  ASP A CG    1 
ATOM   290  O  OD1   . ASP A 1 38  ? 5.515   13.260  -6.658  1.00 25.77 ? 38  ASP A OD1   1 
ATOM   291  O  OD2   . ASP A 1 38  ? 3.513   12.655  -6.244  1.00 22.93 ? 38  ASP A OD2   1 
ATOM   292  N  N     . SER A 1 39  ? 7.666   11.458  -2.765  1.00 16.93 ? 39  SER A N     1 
ATOM   293  C  CA    . SER A 1 39  ? 8.162   11.110  -1.440  1.00 17.66 ? 39  SER A CA    1 
ATOM   294  C  C     . SER A 1 39  ? 7.456   11.960  -0.426  1.00 17.08 ? 39  SER A C     1 
ATOM   295  O  O     . SER A 1 39  ? 7.218   13.161  -0.661  1.00 16.12 ? 39  SER A O     1 
ATOM   296  C  CB    . SER A 1 39  ? 9.640   11.417  -1.221  1.00 19.79 ? 39  SER A CB    1 
ATOM   297  O  OG    . SER A 1 39  ? 10.478  10.478  -1.853  1.00 25.88 ? 39  SER A OG    1 
ATOM   298  N  N     . TYR A 1 40  ? 7.109   11.346  0.701   1.00 15.96 ? 40  TYR A N     1 
ATOM   299  C  CA    . TYR A 1 40  ? 6.536   12.127  1.785   1.00 16.94 ? 40  TYR A CA    1 
ATOM   300  C  C     . TYR A 1 40  ? 7.286   11.683  3.011   1.00 17.95 ? 40  TYR A C     1 
ATOM   301  O  O     . TYR A 1 40  ? 7.552   10.484  3.141   1.00 18.56 ? 40  TYR A O     1 
ATOM   302  C  CB    . TYR A 1 40  ? 5.044   11.852  1.985   1.00 16.58 ? 40  TYR A CB    1 
ATOM   303  C  CG    . TYR A 1 40  ? 4.228   12.316  0.797   1.00 18.10 ? 40  TYR A CG    1 
ATOM   304  C  CD1   . TYR A 1 40  ? 3.733   13.614  0.775   1.00 18.93 ? 40  TYR A CD1   1 
ATOM   305  C  CD2   . TYR A 1 40  ? 3.971   11.432  -0.252  1.00 18.29 ? 40  TYR A CD2   1 
ATOM   306  C  CE1   . TYR A 1 40  ? 2.971   14.019  -0.303  1.00 18.82 ? 40  TYR A CE1   1 
ATOM   307  C  CE2   . TYR A 1 40  ? 3.219   11.840  -1.337  1.00 17.30 ? 40  TYR A CE2   1 
ATOM   308  C  CZ    . TYR A 1 40  ? 2.730   13.129  -1.324  1.00 18.76 ? 40  TYR A CZ    1 
ATOM   309  O  OH    . TYR A 1 40  ? 1.984   13.570  -2.370  1.00 21.77 ? 40  TYR A OH    1 
ATOM   310  N  N     . ARG A 1 41  ? 7.645   12.629  3.894   1.00 18.19 ? 41  ARG A N     1 
ATOM   311  C  CA    . ARG A 1 41  ? 8.375   12.324  5.127   1.00 15.53 ? 41  ARG A CA    1 
ATOM   312  C  C     . ARG A 1 41  ? 7.551   12.962  6.226   1.00 17.76 ? 41  ARG A C     1 
ATOM   313  O  O     . ARG A 1 41  ? 7.076   14.096  6.036   1.00 17.44 ? 41  ARG A O     1 
ATOM   314  C  CB    . ARG A 1 41  ? 9.750   12.944  5.067   1.00 17.31 ? 41  ARG A CB    1 
ATOM   315  C  CG    . ARG A 1 41  ? 10.687  12.141  4.184   1.00 17.53 ? 41  ARG A CG    1 
ATOM   316  C  CD    . ARG A 1 41  ? 12.030  12.825  3.919   1.00 20.20 ? 41  ARG A CD    1 
ATOM   317  N  NE    . ARG A 1 41  ? 12.781  13.070  5.142   1.00 20.76 ? 41  ARG A NE    1 
ATOM   318  C  CZ    . ARG A 1 41  ? 13.541  12.142  5.725   1.00 20.73 ? 41  ARG A CZ    1 
ATOM   319  N  NH1   . ARG A 1 41  ? 13.670  10.911  5.257   1.00 19.14 ? 41  ARG A NH1   1 
ATOM   320  N  NH2   . ARG A 1 41  ? 14.195  12.466  6.817   1.00 22.23 ? 41  ARG A NH2   1 
ATOM   321  N  N     . LYS A 1 42  ? 7.309   12.265  7.348   1.00 16.41 ? 42  LYS A N     1 
ATOM   322  C  CA    . LYS A 1 42  ? 6.492   12.836  8.413   1.00 18.01 ? 42  LYS A CA    1 
ATOM   323  C  C     . LYS A 1 42  ? 6.910   12.229  9.744   1.00 17.04 ? 42  LYS A C     1 
ATOM   324  O  O     . LYS A 1 42  ? 7.122   11.010  9.840   1.00 15.48 ? 42  LYS A O     1 
ATOM   325  C  CB    . LYS A 1 42  ? 4.989   12.549  8.230   1.00 18.95 ? 42  LYS A CB    1 
ATOM   326  C  CG    . LYS A 1 42  ? 4.255   13.371  9.291   1.00 22.88 ? 42  LYS A CG    1 
ATOM   327  C  CD    . LYS A 1 42  ? 2.820   13.685  8.935   1.00 25.20 ? 42  LYS A CD    1 
ATOM   328  C  CE    . LYS A 1 42  ? 2.261   14.624  9.978   1.00 26.20 ? 42  LYS A CE    1 
ATOM   329  N  NZ    . LYS A 1 42  ? 2.719   15.989  9.750   1.00 28.49 ? 42  LYS A NZ    1 
ATOM   330  N  N     . GLN A 1 43  ? 7.083   13.120  10.735  1.00 16.80 ? 43  GLN A N     1 
ATOM   331  C  CA    . GLN A 1 43  ? 7.463   12.677  12.051  1.00 18.61 ? 43  GLN A CA    1 
ATOM   332  C  C     . GLN A 1 43  ? 6.189   12.248  12.720  1.00 17.83 ? 43  GLN A C     1 
ATOM   333  O  O     . GLN A 1 43  ? 5.255   13.051  12.729  1.00 17.79 ? 43  GLN A O     1 
ATOM   334  C  CB    . GLN A 1 43  ? 8.070   13.784  12.877  1.00 20.25 ? 43  GLN A CB    1 
ATOM   335  C  CG    . GLN A 1 43  ? 9.474   14.257  12.481  1.00 24.90 ? 43  GLN A CG    1 
ATOM   336  C  CD    . GLN A 1 43  ? 9.813   15.480  13.330  1.00 26.49 ? 43  GLN A CD    1 
ATOM   337  O  OE1   . GLN A 1 43  ? 9.855   15.395  14.552  1.00 30.38 ? 43  GLN A OE1   1 
ATOM   338  N  NE2   . GLN A 1 43  ? 10.018  16.661  12.773  1.00 27.86 ? 43  GLN A NE2   1 
ATOM   339  N  N     . VAL A 1 44  ? 6.069   11.040  13.281  1.00 17.74 ? 44  VAL A N     1 
ATOM   340  C  CA    . VAL A 1 44  ? 4.840   10.632  13.976  1.00 17.31 ? 44  VAL A CA    1 
ATOM   341  C  C     . VAL A 1 44  ? 5.247   9.890   15.255  1.00 16.53 ? 44  VAL A C     1 
ATOM   342  O  O     . VAL A 1 44  ? 6.439   9.620   15.522  1.00 15.29 ? 44  VAL A O     1 
ATOM   343  C  CB    . VAL A 1 44  ? 3.952   9.674   13.119  1.00 16.57 ? 44  VAL A CB    1 
ATOM   344  C  CG1   . VAL A 1 44  ? 3.451   10.351  11.846  1.00 18.47 ? 44  VAL A CG1   1 
ATOM   345  C  CG2   . VAL A 1 44  ? 4.780   8.489   12.704  1.00 15.48 ? 44  VAL A CG2   1 
ATOM   346  N  N     . VAL A 1 45  ? 4.230   9.604   16.061  1.00 14.46 ? 45  VAL A N     1 
ATOM   347  C  CA    . VAL A 1 45  ? 4.440   8.807   17.248  1.00 13.26 ? 45  VAL A CA    1 
ATOM   348  C  C     . VAL A 1 45  ? 3.531   7.612   17.144  1.00 13.08 ? 45  VAL A C     1 
ATOM   349  O  O     . VAL A 1 45  ? 2.306   7.803   17.113  1.00 13.72 ? 45  VAL A O     1 
ATOM   350  C  CB    . VAL A 1 45  ? 4.103   9.562   18.545  1.00 15.20 ? 45  VAL A CB    1 
ATOM   351  C  CG1   . VAL A 1 45  ? 4.465   8.632   19.721  1.00 13.97 ? 45  VAL A CG1   1 
ATOM   352  C  CG2   . VAL A 1 45  ? 4.867   10.903  18.606  1.00 14.68 ? 45  VAL A CG2   1 
ATOM   353  N  N     . ILE A 1 46  ? 4.104   6.404   17.048  1.00 11.55 ? 46  ILE A N     1 
ATOM   354  C  CA    . ILE A 1 46  ? 3.256   5.238   16.927  1.00 12.27 ? 46  ILE A CA    1 
ATOM   355  C  C     . ILE A 1 46  ? 3.510   4.373   18.157  1.00 13.28 ? 46  ILE A C     1 
ATOM   356  O  O     . ILE A 1 46  ? 4.659   3.972   18.416  1.00 13.46 ? 46  ILE A O     1 
ATOM   357  C  CB    . ILE A 1 46  ? 3.594   4.465   15.589  1.00 12.26 ? 46  ILE A CB    1 
ATOM   358  C  CG1   . ILE A 1 46  ? 3.318   5.390   14.406  1.00 13.39 ? 46  ILE A CG1   1 
ATOM   359  C  CG2   . ILE A 1 46  ? 2.720   3.198   15.431  1.00 12.19 ? 46  ILE A CG2   1 
ATOM   360  C  CD1   . ILE A 1 46  ? 3.740   4.843   13.038  1.00 12.98 ? 46  ILE A CD1   1 
ATOM   361  N  N     . ASP A 1 47  ? 2.458   4.022   18.904  1.00 13.22 ? 47  ASP A N     1 
ATOM   362  C  CA    . ASP A 1 47  ? 2.559   3.177   20.104  1.00 12.90 ? 47  ASP A CA    1 
ATOM   363  C  C     . ASP A 1 47  ? 3.713   3.599   20.987  1.00 13.88 ? 47  ASP A C     1 
ATOM   364  O  O     . ASP A 1 47  ? 4.582   2.821   21.391  1.00 16.10 ? 47  ASP A O     1 
ATOM   365  C  CB    . ASP A 1 47  ? 2.762   1.679   19.764  1.00 13.57 ? 47  ASP A CB    1 
ATOM   366  C  CG    . ASP A 1 47  ? 1.732   1.225   18.772  1.00 12.83 ? 47  ASP A CG    1 
ATOM   367  O  OD1   . ASP A 1 47  ? 0.567   1.483   19.037  1.00 12.71 ? 47  ASP A OD1   1 
ATOM   368  O  OD2   . ASP A 1 47  ? 2.099   0.693   17.725  1.00 11.41 ? 47  ASP A OD2   1 
ATOM   369  N  N     . GLY A 1 48  ? 3.708   4.906   21.200  1.00 15.19 ? 48  GLY A N     1 
ATOM   370  C  CA    . GLY A 1 48  ? 4.692   5.545   22.056  1.00 17.29 ? 48  GLY A CA    1 
ATOM   371  C  C     . GLY A 1 48  ? 6.075   5.775   21.451  1.00 18.09 ? 48  GLY A C     1 
ATOM   372  O  O     . GLY A 1 48  ? 6.875   6.479   22.077  1.00 18.93 ? 48  GLY A O     1 
ATOM   373  N  N     . GLU A 1 49  ? 6.405   5.222   20.288  1.00 17.37 ? 49  GLU A N     1 
ATOM   374  C  CA    . GLU A 1 49  ? 7.715   5.388   19.685  1.00 18.04 ? 49  GLU A CA    1 
ATOM   375  C  C     . GLU A 1 49  ? 7.696   6.585   18.759  1.00 18.90 ? 49  GLU A C     1 
ATOM   376  O  O     . GLU A 1 49  ? 6.812   6.712   17.911  1.00 16.90 ? 49  GLU A O     1 
ATOM   377  C  CB    . GLU A 1 49  ? 8.082   4.144   18.881  1.00 18.35 ? 49  GLU A CB    1 
ATOM   378  C  CG    . GLU A 1 49  ? 9.461   4.236   18.224  1.00 19.12 ? 49  GLU A CG    1 
ATOM   379  C  CD    . GLU A 1 49  ? 9.721   3.109   17.243  1.00 20.16 ? 49  GLU A CD    1 
ATOM   380  O  OE1   . GLU A 1 49  ? 8.905   2.884   16.355  1.00 18.45 ? 49  GLU A OE1   1 
ATOM   381  O  OE2   . GLU A 1 49  ? 10.738  2.435   17.383  1.00 21.95 ? 49  GLU A OE2   1 
ATOM   382  N  N     . THR A 1 50  ? 8.635   7.503   18.923  1.00 19.21 ? 50  THR A N     1 
ATOM   383  C  CA    . THR A 1 50  ? 8.763   8.629   18.020  1.00 20.75 ? 50  THR A CA    1 
ATOM   384  C  C     . THR A 1 50  ? 9.442   8.066   16.776  1.00 18.50 ? 50  THR A C     1 
ATOM   385  O  O     . THR A 1 50  ? 10.480  7.397   16.863  1.00 20.07 ? 50  THR A O     1 
ATOM   386  C  CB    . THR A 1 50  ? 9.610   9.739   18.711  1.00 22.18 ? 50  THR A CB    1 
ATOM   387  O  OG1   . THR A 1 50  ? 9.850   10.780  17.760  1.00 25.79 ? 50  THR A OG1   1 
ATOM   388  C  CG2   . THR A 1 50  ? 10.959  9.230   19.162  1.00 24.74 ? 50  THR A CG2   1 
ATOM   389  N  N     . CYS A 1 51  ? 8.874   8.277   15.604  1.00 16.23 ? 51  CYS A N     1 
ATOM   390  C  CA    . CYS A 1 51  ? 9.514   7.778   14.411  1.00 16.32 ? 51  CYS A CA    1 
ATOM   391  C  C     . CYS A 1 51  ? 9.216   8.636   13.176  1.00 15.40 ? 51  CYS A C     1 
ATOM   392  O  O     . CYS A 1 51  ? 8.359   9.530   13.175  1.00 13.78 ? 51  CYS A O     1 
ATOM   393  C  CB    . CYS A 1 51  ? 9.072   6.316   14.198  1.00 16.28 ? 51  CYS A CB    1 
ATOM   394  S  SG    . CYS A 1 51  ? 7.287   6.064   13.949  1.00 17.84 ? 51  CYS A SG    1 
ATOM   395  N  N     . LEU A 1 52  ? 9.967   8.339   12.126  1.00 16.20 ? 52  LEU A N     1 
ATOM   396  C  CA    . LEU A 1 52  ? 9.770   9.005   10.857  1.00 18.46 ? 52  LEU A CA    1 
ATOM   397  C  C     . LEU A 1 52  ? 9.294   8.032   9.777   1.00 15.43 ? 52  LEU A C     1 
ATOM   398  O  O     . LEU A 1 52  ? 9.876   6.962   9.520   1.00 16.18 ? 52  LEU A O     1 
ATOM   399  C  CB    . LEU A 1 52  ? 11.084  9.662   10.454  1.00 21.24 ? 52  LEU A CB    1 
ATOM   400  C  CG    . LEU A 1 52  ? 11.020  10.564  9.227   1.00 23.04 ? 52  LEU A CG    1 
ATOM   401  C  CD1   . LEU A 1 52  ? 11.198  12.023  9.586   1.00 23.59 ? 52  LEU A CD1   1 
ATOM   402  C  CD2   . LEU A 1 52  ? 12.131  10.133  8.306   1.00 25.14 ? 52  LEU A CD2   1 
ATOM   403  N  N     . LEU A 1 53  ? 8.166   8.406   9.201   1.00 15.17 ? 53  LEU A N     1 
ATOM   404  C  CA    . LEU A 1 53  ? 7.553   7.685   8.095   1.00 13.81 ? 53  LEU A CA    1 
ATOM   405  C  C     . LEU A 1 53  ? 8.114   8.284   6.811   1.00 13.29 ? 53  LEU A C     1 
ATOM   406  O  O     . LEU A 1 53  ? 7.866   9.469   6.542   1.00 13.37 ? 53  LEU A O     1 
ATOM   407  C  CB    . LEU A 1 53  ? 6.073   7.892   8.106   1.00 13.83 ? 53  LEU A CB    1 
ATOM   408  C  CG    . LEU A 1 53  ? 5.065   6.937   8.760   1.00 19.28 ? 53  LEU A CG    1 
ATOM   409  C  CD1   . LEU A 1 53  ? 5.708   6.157   9.912   1.00 19.38 ? 53  LEU A CD1   1 
ATOM   410  C  CD2   . LEU A 1 53  ? 3.795   7.773   9.056   1.00 18.90 ? 53  LEU A CD2   1 
ATOM   411  N  N     . ASP A 1 54  ? 8.858   7.501   6.036   1.00 13.20 ? 54  ASP A N     1 
ATOM   412  C  CA    . ASP A 1 54  ? 9.379   7.946   4.765   1.00 13.95 ? 54  ASP A CA    1 
ATOM   413  C  C     . ASP A 1 54  ? 8.579   7.107   3.766   1.00 13.55 ? 54  ASP A C     1 
ATOM   414  O  O     . ASP A 1 54  ? 8.828   5.900   3.593   1.00 12.79 ? 54  ASP A O     1 
ATOM   415  C  CB    . ASP A 1 54  ? 10.861  7.652   4.705   1.00 17.88 ? 54  ASP A CB    1 
ATOM   416  C  CG    . ASP A 1 54  ? 11.446  8.217   3.420   1.00 23.43 ? 54  ASP A CG    1 
ATOM   417  O  OD1   . ASP A 1 54  ? 11.019  7.808   2.342   1.00 26.85 ? 54  ASP A OD1   1 
ATOM   418  O  OD2   . ASP A 1 54  ? 12.327  9.069   3.471   1.00 27.34 ? 54  ASP A OD2   1 
ATOM   419  N  N     . ILE A 1 55  ? 7.602   7.739   3.121   1.00 12.01 ? 55  ILE A N     1 
ATOM   420  C  CA    . ILE A 1 55  ? 6.660   7.033   2.261   1.00 13.28 ? 55  ILE A CA    1 
ATOM   421  C  C     . ILE A 1 55  ? 6.887   7.340   0.780   1.00 14.78 ? 55  ILE A C     1 
ATOM   422  O  O     . ILE A 1 55  ? 6.954   8.519   0.391   1.00 13.63 ? 55  ILE A O     1 
ATOM   423  C  CB    . ILE A 1 55  ? 5.226   7.418   2.611   1.00 13.94 ? 55  ILE A CB    1 
ATOM   424  C  CG1   . ILE A 1 55  ? 4.885   7.065   4.064   1.00 16.67 ? 55  ILE A CG1   1 
ATOM   425  C  CG2   . ILE A 1 55  ? 4.299   6.620   1.720   1.00 15.03 ? 55  ILE A CG2   1 
ATOM   426  C  CD1   . ILE A 1 55  ? 3.584   7.654   4.630   1.00 16.85 ? 55  ILE A CD1   1 
ATOM   427  N  N     . LEU A 1 56  ? 6.988   6.269   -0.028  1.00 12.34 ? 56  LEU A N     1 
ATOM   428  C  CA    . LEU A 1 56  ? 7.162   6.469   -1.453  1.00 13.19 ? 56  LEU A CA    1 
ATOM   429  C  C     . LEU A 1 56  ? 5.871   6.105   -2.139  1.00 11.14 ? 56  LEU A C     1 
ATOM   430  O  O     . LEU A 1 56  ? 5.398   4.969   -1.999  1.00 11.36 ? 56  LEU A O     1 
ATOM   431  C  CB    . LEU A 1 56  ? 8.267   5.588   -2.026  1.00 13.94 ? 56  LEU A CB    1 
ATOM   432  C  CG    . LEU A 1 56  ? 8.706   5.938   -3.452  1.00 15.29 ? 56  LEU A CG    1 
ATOM   433  C  CD1   . LEU A 1 56  ? 9.564   7.204   -3.422  1.00 16.29 ? 56  LEU A CD1   1 
ATOM   434  C  CD2   . LEU A 1 56  ? 9.525   4.820   -4.032  1.00 17.00 ? 56  LEU A CD2   1 
ATOM   435  N  N     . ASP A 1 57  ? 5.349   7.083   -2.879  1.00 10.88 ? 57  ASP A N     1 
ATOM   436  C  CA    . ASP A 1 57  ? 4.116   6.944   -3.617  1.00 11.48 ? 57  ASP A CA    1 
ATOM   437  C  C     . ASP A 1 57  ? 4.473   6.679   -5.055  1.00 12.99 ? 57  ASP A C     1 
ATOM   438  O  O     . ASP A 1 57  ? 5.157   7.491   -5.704  1.00 14.17 ? 57  ASP A O     1 
ATOM   439  C  CB    . ASP A 1 57  ? 3.316   8.205   -3.533  1.00 10.77 ? 57  ASP A CB    1 
ATOM   440  C  CG    . ASP A 1 57  ? 1.903   8.056   -4.114  1.00 12.96 ? 57  ASP A CG    1 
ATOM   441  O  OD1   . ASP A 1 57  ? 1.415   6.943   -4.313  1.00 11.09 ? 57  ASP A OD1   1 
ATOM   442  O  OD2   . ASP A 1 57  ? 1.282   9.094   -4.367  1.00 13.30 ? 57  ASP A OD2   1 
ATOM   443  N  N     . THR A 1 58  ? 4.042   5.530   -5.586  1.00 15.77 ? 58  THR A N     1 
ATOM   444  C  CA    . THR A 1 58  ? 4.550   5.137   -6.908  1.00 15.72 ? 58  THR A CA    1 
ATOM   445  C  C     . THR A 1 58  ? 3.573   5.242   -8.051  1.00 15.13 ? 58  THR A C     1 
ATOM   446  O  O     . THR A 1 58  ? 2.370   5.424   -7.891  1.00 16.03 ? 58  THR A O     1 
ATOM   447  C  CB    . THR A 1 58  ? 5.103   3.697   -6.806  1.00 14.82 ? 58  THR A CB    1 
ATOM   448  O  OG1   . THR A 1 58  ? 3.997   2.811   -6.671  1.00 14.59 ? 58  THR A OG1   1 
ATOM   449  C  CG2   . THR A 1 58  ? 6.059   3.543   -5.605  1.00 13.43 ? 58  THR A CG2   1 
ATOM   450  N  N     . ALA A 1 59  ? 4.068   5.109   -9.276  1.00 17.00 ? 59  ALA A N     1 
ATOM   451  C  CA    . ALA A 1 59  ? 3.227   5.116   -10.469 1.00 15.53 ? 59  ALA A CA    1 
ATOM   452  C  C     . ALA A 1 59  ? 2.532   3.791   -10.612 1.00 14.63 ? 59  ALA A C     1 
ATOM   453  O  O     . ALA A 1 59  ? 3.126   2.738   -10.378 1.00 14.45 ? 59  ALA A O     1 
ATOM   454  C  CB    . ALA A 1 59  ? 4.070   5.316   -11.742 1.00 14.44 ? 59  ALA A CB    1 
ATOM   455  N  N     . GLY A 1 60  ? 1.289   3.771   -11.053 1.00 16.99 ? 60  GLY A N     1 
ATOM   456  C  CA    . GLY A 1 60  ? 0.643   2.520   -11.392 1.00 22.67 ? 60  GLY A CA    1 
ATOM   457  C  C     . GLY A 1 60  ? 1.130   1.967   -12.729 1.00 26.91 ? 60  GLY A C     1 
ATOM   458  O  O     . GLY A 1 60  ? 1.126   0.759   -12.910 1.00 27.98 ? 60  GLY A O     1 
ATOM   459  N  N     . GLN A 1 61  ? 1.577   2.797   -13.671 1.00 32.19 ? 61  GLN A N     1 
ATOM   460  C  CA    . GLN A 1 61  ? 1.933   2.389   -15.042 1.00 37.29 ? 61  GLN A CA    1 
ATOM   461  C  C     . GLN A 1 61  ? 3.181   1.546   -15.295 1.00 39.01 ? 61  GLN A C     1 
ATOM   462  O  O     . GLN A 1 61  ? 4.087   1.493   -14.473 1.00 39.08 ? 61  GLN A O     1 
ATOM   463  C  CB    . GLN A 1 61  ? 2.005   3.647   -15.883 1.00 39.02 ? 61  GLN A CB    1 
ATOM   464  C  CG    . GLN A 1 61  ? 0.683   4.254   -16.351 1.00 40.32 ? 61  GLN A CG    1 
ATOM   465  C  CD    . GLN A 1 61  ? 0.010   3.435   -17.444 1.00 42.01 ? 61  GLN A CD    1 
ATOM   466  O  OE1   . GLN A 1 61  ? -0.582  2.397   -17.190 1.00 42.70 ? 61  GLN A OE1   1 
ATOM   467  N  NE2   . GLN A 1 61  ? 0.062   3.822   -18.707 1.00 41.99 ? 61  GLN A NE2   1 
ATOM   468  N  N     . GLU A 1 62  ? 3.252   0.869   -16.450 1.00 42.31 ? 62  GLU A N     1 
ATOM   469  C  CA    . GLU A 1 62  ? 4.272   -0.131  -16.782 1.00 43.48 ? 62  GLU A CA    1 
ATOM   470  C  C     . GLU A 1 62  ? 5.647   0.329   -17.193 1.00 43.54 ? 62  GLU A C     1 
ATOM   471  O  O     . GLU A 1 62  ? 6.603   -0.435  -17.025 1.00 43.73 ? 62  GLU A O     1 
ATOM   472  C  CB    . GLU A 1 62  ? 3.681   -1.061  -17.872 1.00 44.44 ? 62  GLU A CB    1 
ATOM   473  C  CG    . GLU A 1 62  ? 4.449   -1.411  -19.174 1.00 47.12 ? 62  GLU A CG    1 
ATOM   474  C  CD    . GLU A 1 62  ? 4.667   -0.289  -20.211 1.00 48.47 ? 62  GLU A CD    1 
ATOM   475  O  OE1   . GLU A 1 62  ? 3.736   0.479   -20.497 1.00 48.81 ? 62  GLU A OE1   1 
ATOM   476  O  OE2   . GLU A 1 62  ? 5.777   -0.193  -20.748 1.00 48.42 ? 62  GLU A OE2   1 
ATOM   477  N  N     . GLU A 1 63  ? 5.741   1.528   -17.765 1.00 45.52 ? 63  GLU A N     1 
ATOM   478  C  CA    . GLU A 1 63  ? 7.013   2.080   -18.213 1.00 46.89 ? 63  GLU A CA    1 
ATOM   479  C  C     . GLU A 1 63  ? 8.041   1.931   -17.109 1.00 47.38 ? 63  GLU A C     1 
ATOM   480  O  O     . GLU A 1 63  ? 7.925   2.481   -16.018 1.00 47.10 ? 63  GLU A O     1 
ATOM   481  C  CB    . GLU A 1 63  ? 6.956   3.569   -18.538 1.00 47.46 ? 63  GLU A CB    1 
ATOM   482  C  CG    . GLU A 1 63  ? 5.785   4.004   -19.414 1.00 48.01 ? 63  GLU A CG    1 
ATOM   483  C  CD    . GLU A 1 63  ? 4.466   3.973   -18.651 1.00 48.19 ? 63  GLU A CD    1 
ATOM   484  O  OE1   . GLU A 1 63  ? 4.379   4.641   -17.617 1.00 46.96 ? 63  GLU A OE1   1 
ATOM   485  O  OE2   . GLU A 1 63  ? 3.540   3.268   -19.072 1.00 48.99 ? 63  GLU A OE2   1 
ATOM   486  N  N     . TYR A 1 64  ? 9.020   1.106   -17.483 1.00 48.61 ? 64  TYR A N     1 
ATOM   487  C  CA    . TYR A 1 64  ? 10.187  0.721   -16.709 1.00 48.21 ? 64  TYR A CA    1 
ATOM   488  C  C     . TYR A 1 64  ? 9.803   -0.255  -15.589 1.00 48.32 ? 64  TYR A C     1 
ATOM   489  O  O     . TYR A 1 64  ? 10.140  -0.007  -14.424 1.00 49.22 ? 64  TYR A O     1 
ATOM   490  C  CB    . TYR A 1 64  ? 10.864  1.933   -16.081 1.00 48.30 ? 64  TYR A CB    1 
ATOM   491  C  CG    . TYR A 1 64  ? 11.003  3.235   -16.849 1.00 48.60 ? 64  TYR A CG    1 
ATOM   492  C  CD1   . TYR A 1 64  ? 10.995  3.295   -18.232 1.00 49.27 ? 64  TYR A CD1   1 
ATOM   493  C  CD2   . TYR A 1 64  ? 11.190  4.376   -16.095 1.00 48.74 ? 64  TYR A CD2   1 
ATOM   494  C  CE1   . TYR A 1 64  ? 11.185  4.506   -18.859 1.00 49.27 ? 64  TYR A CE1   1 
ATOM   495  C  CE2   . TYR A 1 64  ? 11.381  5.588   -16.708 1.00 49.22 ? 64  TYR A CE2   1 
ATOM   496  C  CZ    . TYR A 1 64  ? 11.380  5.632   -18.087 1.00 49.76 ? 64  TYR A CZ    1 
ATOM   497  O  OH    . TYR A 1 64  ? 11.630  6.837   -18.704 1.00 50.85 ? 64  TYR A OH    1 
ATOM   498  N  N     . SER A 1 65  ? 9.173   -1.417  -15.836 1.00 47.56 ? 65  SER A N     1 
ATOM   499  C  CA    . SER A 1 65  ? 8.852   -2.314  -14.727 1.00 47.96 ? 65  SER A CA    1 
ATOM   500  C  C     . SER A 1 65  ? 10.133  -2.628  -13.957 1.00 46.86 ? 65  SER A C     1 
ATOM   501  O  O     . SER A 1 65  ? 10.104  -2.752  -12.730 1.00 46.02 ? 65  SER A O     1 
ATOM   502  C  CB    . SER A 1 65  ? 8.227   -3.614  -15.219 1.00 49.47 ? 65  SER A CB    1 
ATOM   503  O  OG    . SER A 1 65  ? 6.913   -3.795  -14.694 1.00 51.90 ? 65  SER A OG    1 
ATOM   504  N  N     . ALA A 1 66  ? 11.290  -2.725  -14.617 1.00 45.50 ? 66  ALA A N     1 
ATOM   505  C  CA    . ALA A 1 66  ? 12.557  -2.848  -13.905 1.00 43.35 ? 66  ALA A CA    1 
ATOM   506  C  C     . ALA A 1 66  ? 12.943  -1.583  -13.119 1.00 41.57 ? 66  ALA A C     1 
ATOM   507  O  O     . ALA A 1 66  ? 13.808  -1.686  -12.252 1.00 41.45 ? 66  ALA A O     1 
ATOM   508  C  CB    . ALA A 1 66  ? 13.661  -3.175  -14.902 1.00 43.47 ? 66  ALA A CB    1 
ATOM   509  N  N     . MET A 1 67  ? 12.392  -0.361  -13.313 1.00 39.82 ? 67  MET A N     1 
ATOM   510  C  CA    . MET A 1 67  ? 12.716  0.784   -12.441 1.00 37.96 ? 67  MET A CA    1 
ATOM   511  C  C     . MET A 1 67  ? 11.891  0.631   -11.154 1.00 36.46 ? 67  MET A C     1 
ATOM   512  O  O     . MET A 1 67  ? 11.996  1.471   -10.236 1.00 34.75 ? 67  MET A O     1 
ATOM   513  C  CB    . MET A 1 67  ? 12.331  2.161   -13.015 1.00 41.04 ? 67  MET A CB    1 
ATOM   514  C  CG    . MET A 1 67  ? 13.508  3.146   -13.125 1.00 42.82 ? 67  MET A CG    1 
ATOM   515  S  SD    . MET A 1 67  ? 13.226  4.838   -13.724 1.00 45.66 ? 67  MET A SD    1 
ATOM   516  C  CE    . MET A 1 67  ? 14.550  5.774   -13.008 1.00 43.39 ? 67  MET A CE    1 
ATOM   517  N  N     . ARG A 1 68  ? 11.024  -0.405  -11.048 1.00 32.09 ? 68  ARG A N     1 
ATOM   518  C  CA    . ARG A 1 68  ? 10.380  -0.661  -9.781  1.00 29.81 ? 68  ARG A CA    1 
ATOM   519  C  C     . ARG A 1 68  ? 11.468  -1.366  -8.963  1.00 27.62 ? 68  ARG A C     1 
ATOM   520  O  O     . ARG A 1 68  ? 11.529  -1.158  -7.745  1.00 27.66 ? 68  ARG A O     1 
ATOM   521  C  CB    . ARG A 1 68  ? 9.211   -1.645  -9.812  1.00 32.03 ? 68  ARG A CB    1 
ATOM   522  C  CG    . ARG A 1 68  ? 8.100   -1.729  -10.874 1.00 34.91 ? 68  ARG A CG    1 
ATOM   523  C  CD    . ARG A 1 68  ? 6.995   -0.695  -11.047 1.00 37.42 ? 68  ARG A CD    1 
ATOM   524  N  NE    . ARG A 1 68  ? 6.090   -1.224  -12.075 1.00 39.51 ? 68  ARG A NE    1 
ATOM   525  C  CZ    . ARG A 1 68  ? 4.954   -0.638  -12.474 1.00 40.34 ? 68  ARG A CZ    1 
ATOM   526  N  NH1   . ARG A 1 68  ? 4.555   0.542   -11.998 1.00 41.08 ? 68  ARG A NH1   1 
ATOM   527  N  NH2   . ARG A 1 68  ? 4.211   -1.256  -13.389 1.00 38.99 ? 68  ARG A NH2   1 
ATOM   528  N  N     . ASP A 1 69  ? 12.391  -2.167  -9.526  1.00 23.54 ? 69  ASP A N     1 
ATOM   529  C  CA    . ASP A 1 69  ? 13.390  -2.882  -8.733  1.00 21.27 ? 69  ASP A CA    1 
ATOM   530  C  C     . ASP A 1 69  ? 14.133  -1.991  -7.767  1.00 19.77 ? 69  ASP A C     1 
ATOM   531  O  O     . ASP A 1 69  ? 14.386  -2.309  -6.604  1.00 18.51 ? 69  ASP A O     1 
ATOM   532  C  CB    . ASP A 1 69  ? 14.466  -3.542  -9.589  1.00 22.06 ? 69  ASP A CB    1 
ATOM   533  C  CG    . ASP A 1 69  ? 14.019  -4.707  -10.448 1.00 23.15 ? 69  ASP A CG    1 
ATOM   534  O  OD1   . ASP A 1 69  ? 12.827  -4.970  -10.552 1.00 24.62 ? 69  ASP A OD1   1 
ATOM   535  O  OD2   . ASP A 1 69  ? 14.876  -5.375  -11.020 1.00 24.94 ? 69  ASP A OD2   1 
ATOM   536  N  N     . GLN A 1 70  ? 14.427  -0.798  -8.215  1.00 20.44 ? 70  GLN A N     1 
ATOM   537  C  CA    . GLN A 1 70  ? 15.203  0.074   -7.374  1.00 23.04 ? 70  GLN A CA    1 
ATOM   538  C  C     . GLN A 1 70  ? 14.415  0.458   -6.128  1.00 22.09 ? 70  GLN A C     1 
ATOM   539  O  O     . GLN A 1 70  ? 14.970  0.377   -5.024  1.00 22.49 ? 70  GLN A O     1 
ATOM   540  C  CB    . GLN A 1 70  ? 15.588  1.288   -8.188  1.00 25.34 ? 70  GLN A CB    1 
ATOM   541  C  CG    . GLN A 1 70  ? 16.545  2.075   -7.345  1.00 28.11 ? 70  GLN A CG    1 
ATOM   542  C  CD    . GLN A 1 70  ? 17.116  3.294   -8.019  1.00 29.51 ? 70  GLN A CD    1 
ATOM   543  O  OE1   . GLN A 1 70  ? 16.413  4.066   -8.666  1.00 31.10 ? 70  GLN A OE1   1 
ATOM   544  N  NE2   . GLN A 1 70  ? 18.420  3.461   -7.834  1.00 31.59 ? 70  GLN A NE2   1 
ATOM   545  N  N     . TYR A 1 71  ? 13.127  0.820   -6.250  1.00 20.71 ? 71  TYR A N     1 
ATOM   546  C  CA    . TYR A 1 71  ? 12.422  1.214   -5.034  1.00 20.29 ? 71  TYR A CA    1 
ATOM   547  C  C     . TYR A 1 71  ? 11.962  0.007   -4.262  1.00 19.82 ? 71  TYR A C     1 
ATOM   548  O  O     . TYR A 1 71  ? 11.777  0.093   -3.046  1.00 20.05 ? 71  TYR A O     1 
ATOM   549  C  CB    . TYR A 1 71  ? 11.219  2.122   -5.333  1.00 20.48 ? 71  TYR A CB    1 
ATOM   550  C  CG    . TYR A 1 71  ? 10.007  1.631   -6.115  1.00 20.54 ? 71  TYR A CG    1 
ATOM   551  C  CD1   . TYR A 1 71  ? 9.237   0.568   -5.680  1.00 20.81 ? 71  TYR A CD1   1 
ATOM   552  C  CD2   . TYR A 1 71  ? 9.657   2.319   -7.258  1.00 20.90 ? 71  TYR A CD2   1 
ATOM   553  C  CE1   . TYR A 1 71  ? 8.114   0.193   -6.379  1.00 20.88 ? 71  TYR A CE1   1 
ATOM   554  C  CE2   . TYR A 1 71  ? 8.538   1.951   -7.964  1.00 21.59 ? 71  TYR A CE2   1 
ATOM   555  C  CZ    . TYR A 1 71  ? 7.779   0.896   -7.514  1.00 22.06 ? 71  TYR A CZ    1 
ATOM   556  O  OH    . TYR A 1 71  ? 6.638   0.552   -8.207  1.00 24.37 ? 71  TYR A OH    1 
ATOM   557  N  N     . MET A 1 72  ? 11.813  -1.135  -4.931  1.00 17.89 ? 72  MET A N     1 
ATOM   558  C  CA    . MET A 1 72  ? 11.525  -2.347  -4.184  1.00 20.48 ? 72  MET A CA    1 
ATOM   559  C  C     . MET A 1 72  ? 12.729  -2.811  -3.329  1.00 20.90 ? 72  MET A C     1 
ATOM   560  O  O     . MET A 1 72  ? 12.552  -3.259  -2.186  1.00 19.14 ? 72  MET A O     1 
ATOM   561  C  CB    . MET A 1 72  ? 11.114  -3.421  -5.156  1.00 18.40 ? 72  MET A CB    1 
ATOM   562  C  CG    . MET A 1 72  ? 9.762   -3.104  -5.708  1.00 18.63 ? 72  MET A CG    1 
ATOM   563  S  SD    . MET A 1 72  ? 9.156   -4.380  -6.822  1.00 20.15 ? 72  MET A SD    1 
ATOM   564  C  CE    . MET A 1 72  ? 7.497   -3.728  -6.983  1.00 16.95 ? 72  MET A CE    1 
ATOM   565  N  N     . ARG A 1 73  ? 13.964  -2.676  -3.818  1.00 20.69 ? 73  ARG A N     1 
ATOM   566  C  CA    . ARG A 1 73  ? 15.119  -3.100  -3.038  1.00 22.59 ? 73  ARG A CA    1 
ATOM   567  C  C     . ARG A 1 73  ? 15.277  -2.362  -1.695  1.00 22.64 ? 73  ARG A C     1 
ATOM   568  O  O     . ARG A 1 73  ? 15.548  -2.956  -0.637  1.00 21.87 ? 73  ARG A O     1 
ATOM   569  C  CB    . ARG A 1 73  ? 16.349  -2.915  -3.923  1.00 23.77 ? 73  ARG A CB    1 
ATOM   570  C  CG    . ARG A 1 73  ? 17.614  -3.556  -3.387  1.00 25.01 ? 73  ARG A CG    1 
ATOM   571  C  CD    . ARG A 1 73  ? 18.712  -3.457  -4.437  1.00 26.56 ? 73  ARG A CD    1 
ATOM   572  N  NE    . ARG A 1 73  ? 18.434  -4.341  -5.550  1.00 29.02 ? 73  ARG A NE    1 
ATOM   573  C  CZ    . ARG A 1 73  ? 18.199  -3.917  -6.801  1.00 29.92 ? 73  ARG A CZ    1 
ATOM   574  N  NH1   . ARG A 1 73  ? 18.211  -2.634  -7.144  1.00 30.75 ? 73  ARG A NH1   1 
ATOM   575  N  NH2   . ARG A 1 73  ? 17.931  -4.810  -7.740  1.00 30.74 ? 73  ARG A NH2   1 
ATOM   576  N  N     . THR A 1 74  ? 15.035  -1.052  -1.741  1.00 21.95 ? 74  THR A N     1 
ATOM   577  C  CA    . THR A 1 74  ? 15.166  -0.152  -0.606  1.00 23.80 ? 74  THR A CA    1 
ATOM   578  C  C     . THR A 1 74  ? 14.014  -0.137  0.392   1.00 21.05 ? 74  THR A C     1 
ATOM   579  O  O     . THR A 1 74  ? 14.210  0.236   1.560   1.00 21.29 ? 74  THR A O     1 
ATOM   580  C  CB    . THR A 1 74  ? 15.421  1.255   -1.201  1.00 24.03 ? 74  THR A CB    1 
ATOM   581  O  OG1   . THR A 1 74  ? 16.732  1.143   -1.736  1.00 28.40 ? 74  THR A OG1   1 
ATOM   582  C  CG2   . THR A 1 74  ? 15.392  2.419   -0.251  1.00 26.24 ? 74  THR A CG2   1 
ATOM   583  N  N     . GLY A 1 75  ? 12.810  -0.485  -0.046  1.00 18.04 ? 75  GLY A N     1 
ATOM   584  C  CA    . GLY A 1 75  ? 11.641  -0.424  0.822   1.00 16.27 ? 75  GLY A CA    1 
ATOM   585  C  C     . GLY A 1 75  ? 11.686  -1.434  1.950   1.00 14.12 ? 75  GLY A C     1 
ATOM   586  O  O     . GLY A 1 75  ? 12.122  -2.573  1.759   1.00 15.11 ? 75  GLY A O     1 
ATOM   587  N  N     . GLU A 1 76  ? 11.242  -1.066  3.144   1.00 13.72 ? 76  GLU A N     1 
ATOM   588  C  CA    . GLU A 1 76  ? 11.227  -2.038  4.227   1.00 14.37 ? 76  GLU A CA    1 
ATOM   589  C  C     . GLU A 1 76  ? 9.882   -2.753  4.320   1.00 14.34 ? 76  GLU A C     1 
ATOM   590  O  O     . GLU A 1 76  ? 9.818   -3.917  4.721   1.00 13.34 ? 76  GLU A O     1 
ATOM   591  C  CB    . GLU A 1 76  ? 11.503  -1.364  5.541   1.00 14.92 ? 76  GLU A CB    1 
ATOM   592  C  CG    . GLU A 1 76  ? 12.947  -0.847  5.601   1.00 18.91 ? 76  GLU A CG    1 
ATOM   593  C  CD    . GLU A 1 76  ? 13.150  -0.090  6.906   1.00 21.63 ? 76  GLU A CD    1 
ATOM   594  O  OE1   . GLU A 1 76  ? 12.606  1.002   7.063   1.00 21.45 ? 76  GLU A OE1   1 
ATOM   595  O  OE2   . GLU A 1 76  ? 13.811  -0.604  7.794   1.00 23.57 ? 76  GLU A OE2   1 
ATOM   596  N  N     . GLY A 1 77  ? 8.793   -2.072  3.903   1.00 13.86 ? 77  GLY A N     1 
ATOM   597  C  CA    . GLY A 1 77  ? 7.465   -2.626  3.977   1.00 10.44 ? 77  GLY A CA    1 
ATOM   598  C  C     . GLY A 1 77  ? 6.645   -2.081  2.821   1.00 10.03 ? 77  GLY A C     1 
ATOM   599  O  O     . GLY A 1 77  ? 6.925   -0.976  2.342   1.00 10.31 ? 77  GLY A O     1 
ATOM   600  N  N     . PHE A 1 78  ? 5.627   -2.833  2.379   1.00 10.08 ? 78  PHE A N     1 
ATOM   601  C  CA    . PHE A 1 78  ? 4.851   -2.443  1.214   1.00 10.74 ? 78  PHE A CA    1 
ATOM   602  C  C     . PHE A 1 78  ? 3.354   -2.469  1.475   1.00 10.87 ? 78  PHE A C     1 
ATOM   603  O  O     . PHE A 1 78  ? 2.837   -3.412  2.079   1.00 9.53  ? 78  PHE A O     1 
ATOM   604  C  CB    . PHE A 1 78  ? 5.156   -3.391  0.025   1.00 9.73  ? 78  PHE A CB    1 
ATOM   605  C  CG    . PHE A 1 78  ? 6.635   -3.404  -0.356  1.00 10.59 ? 78  PHE A CG    1 
ATOM   606  C  CD1   . PHE A 1 78  ? 7.553   -4.125  0.395   1.00 9.66  ? 78  PHE A CD1   1 
ATOM   607  C  CD2   . PHE A 1 78  ? 7.070   -2.644  -1.428  1.00 12.52 ? 78  PHE A CD2   1 
ATOM   608  C  CE1   . PHE A 1 78  ? 8.898   -4.079  0.084   1.00 10.64 ? 78  PHE A CE1   1 
ATOM   609  C  CE2   . PHE A 1 78  ? 8.430   -2.601  -1.729  1.00 13.24 ? 78  PHE A CE2   1 
ATOM   610  C  CZ    . PHE A 1 78  ? 9.339   -3.314  -0.972  1.00 12.28 ? 78  PHE A CZ    1 
ATOM   611  N  N     . LEU A 1 79  ? 2.630   -1.448  1.051   1.00 9.95  ? 79  LEU A N     1 
ATOM   612  C  CA    . LEU A 1 79  ? 1.169   -1.540  1.076   1.00 10.80 ? 79  LEU A CA    1 
ATOM   613  C  C     . LEU A 1 79  ? 0.797   -1.935  -0.348  1.00 12.26 ? 79  LEU A C     1 
ATOM   614  O  O     . LEU A 1 79  ? 1.070   -1.171  -1.288  1.00 12.44 ? 79  LEU A O     1 
ATOM   615  C  CB    . LEU A 1 79  ? 0.452   -0.224  1.339   1.00 13.24 ? 79  LEU A CB    1 
ATOM   616  C  CG    . LEU A 1 79  ? 0.357   0.372   2.719   1.00 16.05 ? 79  LEU A CG    1 
ATOM   617  C  CD1   . LEU A 1 79  ? -0.669  1.493   2.694   1.00 17.07 ? 79  LEU A CD1   1 
ATOM   618  C  CD2   . LEU A 1 79  ? -0.185  -0.642  3.702   1.00 15.77 ? 79  LEU A CD2   1 
ATOM   619  N  N     . CYS A 1 80  ? 0.223   -3.108  -0.536  1.00 11.40 ? 80  CYS A N     1 
ATOM   620  C  CA    . CYS A 1 80  ? -0.191  -3.593  -1.853  1.00 11.84 ? 80  CYS A CA    1 
ATOM   621  C  C     . CYS A 1 80  ? -1.666  -3.280  -1.998  1.00 9.15  ? 80  CYS A C     1 
ATOM   622  O  O     . CYS A 1 80  ? -2.535  -3.903  -1.366  1.00 9.61  ? 80  CYS A O     1 
ATOM   623  C  CB    . CYS A 1 80  ? 0.056   -5.081  -1.919  1.00 14.44 ? 80  CYS A CB    1 
ATOM   624  S  SG    . CYS A 1 80  ? 1.831   -5.440  -1.921  1.00 19.30 ? 80  CYS A SG    1 
ATOM   625  N  N     . VAL A 1 81  ? -1.960  -2.287  -2.828  1.00 8.36  ? 81  VAL A N     1 
ATOM   626  C  CA    . VAL A 1 81  ? -3.313  -1.740  -2.896  1.00 8.01  ? 81  VAL A CA    1 
ATOM   627  C  C     . VAL A 1 81  ? -4.072  -2.176  -4.127  1.00 9.29  ? 81  VAL A C     1 
ATOM   628  O  O     . VAL A 1 81  ? -3.495  -2.122  -5.229  1.00 8.59  ? 81  VAL A O     1 
ATOM   629  C  CB    . VAL A 1 81  ? -3.247  -0.181  -2.867  1.00 8.31  ? 81  VAL A CB    1 
ATOM   630  C  CG1   . VAL A 1 81  ? -4.660  0.330   -2.662  1.00 9.90  ? 81  VAL A CG1   1 
ATOM   631  C  CG2   . VAL A 1 81  ? -2.430  0.380   -1.691  1.00 8.35  ? 81  VAL A CG2   1 
ATOM   632  N  N     . PHE A 1 82  ? -5.321  -2.617  -3.974  1.00 9.30  ? 82  PHE A N     1 
ATOM   633  C  CA    . PHE A 1 82  ? -6.212  -2.764  -5.114  1.00 9.44  ? 82  PHE A CA    1 
ATOM   634  C  C     . PHE A 1 82  ? -7.515  -2.028  -4.781  1.00 9.71  ? 82  PHE A C     1 
ATOM   635  O  O     . PHE A 1 82  ? -7.733  -1.555  -3.647  1.00 11.00 ? 82  PHE A O     1 
ATOM   636  C  CB    . PHE A 1 82  ? -6.504  -4.275  -5.441  1.00 9.01  ? 82  PHE A CB    1 
ATOM   637  C  CG    . PHE A 1 82  ? -7.302  -5.029  -4.370  1.00 10.06 ? 82  PHE A CG    1 
ATOM   638  C  CD1   . PHE A 1 82  ? -6.629  -5.640  -3.325  1.00 8.82  ? 82  PHE A CD1   1 
ATOM   639  C  CD2   . PHE A 1 82  ? -8.695  -5.062  -4.412  1.00 10.45 ? 82  PHE A CD2   1 
ATOM   640  C  CE1   . PHE A 1 82  ? -7.331  -6.282  -2.326  1.00 9.94  ? 82  PHE A CE1   1 
ATOM   641  C  CE2   . PHE A 1 82  ? -9.391  -5.710  -3.393  1.00 9.42  ? 82  PHE A CE2   1 
ATOM   642  C  CZ    . PHE A 1 82  ? -8.708  -6.311  -2.351  1.00 10.16 ? 82  PHE A CZ    1 
ATOM   643  N  N     . ALA A 1 83  ? -8.417  -1.896  -5.745  1.00 8.77  ? 83  ALA A N     1 
ATOM   644  C  CA    . ALA A 1 83  ? -9.699  -1.228  -5.478  1.00 10.28 ? 83  ALA A CA    1 
ATOM   645  C  C     . ALA A 1 83  ? -10.801 -2.273  -5.530  1.00 9.49  ? 83  ALA A C     1 
ATOM   646  O  O     . ALA A 1 83  ? -10.815 -3.114  -6.444  1.00 8.40  ? 83  ALA A O     1 
ATOM   647  C  CB    . ALA A 1 83  ? -9.963  -0.136  -6.529  1.00 9.40  ? 83  ALA A CB    1 
ATOM   648  N  N     . ILE A 1 84  ? -11.738 -2.237  -4.581  1.00 10.76 ? 84  ILE A N     1 
ATOM   649  C  CA    . ILE A 1 84  ? -12.749 -3.304  -4.467  1.00 12.94 ? 84  ILE A CA    1 
ATOM   650  C  C     . ILE A 1 84  ? -13.784 -3.317  -5.610  1.00 14.25 ? 84  ILE A C     1 
ATOM   651  O  O     . ILE A 1 84  ? -14.611 -4.254  -5.753  1.00 15.24 ? 84  ILE A O     1 
ATOM   652  C  CB    . ILE A 1 84  ? -13.499 -3.236  -3.059  1.00 13.97 ? 84  ILE A CB    1 
ATOM   653  C  CG1   . ILE A 1 84  ? -14.227 -1.924  -2.747  1.00 14.11 ? 84  ILE A CG1   1 
ATOM   654  C  CG2   . ILE A 1 84  ? -12.402 -3.519  -2.008  1.00 12.53 ? 84  ILE A CG2   1 
ATOM   655  C  CD1   . ILE A 1 84  ? -15.583 -1.617  -3.408  1.00 14.57 ? 84  ILE A CD1   1 
ATOM   656  N  N     . ASN A 1 85  ? -13.743 -2.266  -6.446  1.00 13.29 ? 85  ASN A N     1 
ATOM   657  C  CA    . ASN A 1 85  ? -14.627 -2.185  -7.594  1.00 16.91 ? 85  ASN A CA    1 
ATOM   658  C  C     . ASN A 1 85  ? -13.858 -2.445  -8.887  1.00 16.87 ? 85  ASN A C     1 
ATOM   659  O  O     . ASN A 1 85  ? -14.323 -2.086  -9.982  1.00 16.28 ? 85  ASN A O     1 
ATOM   660  C  CB    . ASN A 1 85  ? -15.283 -0.801  -7.675  1.00 15.58 ? 85  ASN A CB    1 
ATOM   661  C  CG    . ASN A 1 85  ? -14.310 0.327   -8.032  1.00 15.19 ? 85  ASN A CG    1 
ATOM   662  O  OD1   . ASN A 1 85  ? -13.119 0.295   -7.741  1.00 15.53 ? 85  ASN A OD1   1 
ATOM   663  N  ND2   . ASN A 1 85  ? -14.791 1.354   -8.704  1.00 15.78 ? 85  ASN A ND2   1 
ATOM   664  N  N     . ASN A 1 86  ? -12.636 -2.995  -8.800  1.00 18.68 ? 86  ASN A N     1 
ATOM   665  C  CA    . ASN A 1 86  ? -11.891 -3.253  -10.008 1.00 17.66 ? 86  ASN A CA    1 
ATOM   666  C  C     . ASN A 1 86  ? -11.141 -4.577  -9.910  1.00 17.17 ? 86  ASN A C     1 
ATOM   667  O  O     . ASN A 1 86  ? -10.034 -4.687  -9.372  1.00 16.67 ? 86  ASN A O     1 
ATOM   668  C  CB    . ASN A 1 86  ? -10.947 -2.069  -10.260 1.00 20.09 ? 86  ASN A CB    1 
ATOM   669  C  CG    . ASN A 1 86  ? -10.338 -2.180  -11.644 1.00 23.32 ? 86  ASN A CG    1 
ATOM   670  O  OD1   . ASN A 1 86  ? -10.828 -1.693  -12.672 1.00 26.42 ? 86  ASN A OD1   1 
ATOM   671  N  ND2   . ASN A 1 86  ? -9.238  -2.898  -11.688 1.00 25.08 ? 86  ASN A ND2   1 
ATOM   672  N  N     . THR A 1 87  ? -11.754 -5.614  -10.473 1.00 16.81 ? 87  THR A N     1 
ATOM   673  C  CA    . THR A 1 87  ? -11.230 -6.966  -10.455 1.00 18.21 ? 87  THR A CA    1 
ATOM   674  C  C     . THR A 1 87  ? -9.825  -7.093  -11.054 1.00 18.31 ? 87  THR A C     1 
ATOM   675  O  O     . THR A 1 87  ? -8.939  -7.722  -10.449 1.00 15.46 ? 87  THR A O     1 
ATOM   676  C  CB    . THR A 1 87  ? -12.275 -7.852  -11.176 1.00 19.15 ? 87  THR A CB    1 
ATOM   677  O  OG1   . THR A 1 87  ? -13.383 -7.833  -10.278 1.00 20.82 ? 87  THR A OG1   1 
ATOM   678  C  CG2   . THR A 1 87  ? -11.884 -9.278  -11.449 1.00 20.83 ? 87  THR A CG2   1 
ATOM   679  N  N     . LYS A 1 88  ? -9.541  -6.413  -12.166 1.00 16.88 ? 88  LYS A N     1 
ATOM   680  C  CA    . LYS A 1 88  ? -8.222  -6.508  -12.751 1.00 18.79 ? 88  LYS A CA    1 
ATOM   681  C  C     . LYS A 1 88  ? -7.181  -6.047  -11.708 1.00 17.85 ? 88  LYS A C     1 
ATOM   682  O  O     . LYS A 1 88  ? -6.111  -6.649  -11.551 1.00 16.48 ? 88  LYS A O     1 
ATOM   683  C  CB    . LYS A 1 88  ? -8.144  -5.620  -14.018 1.00 21.88 ? 88  LYS A CB    1 
ATOM   684  C  CG    . LYS A 1 88  ? -6.923  -5.957  -14.871 1.00 27.28 ? 88  LYS A CG    1 
ATOM   685  C  CD    . LYS A 1 88  ? -6.624  -5.018  -16.043 1.00 30.37 ? 88  LYS A CD    1 
ATOM   686  C  CE    . LYS A 1 88  ? -7.727  -4.953  -17.124 1.00 33.38 ? 88  LYS A CE    1 
ATOM   687  N  NZ    . LYS A 1 88  ? -7.337  -4.085  -18.235 1.00 33.39 ? 88  LYS A NZ    1 
ATOM   688  N  N     . SER A 1 89  ? -7.509  -5.010  -10.923 1.00 13.71 ? 89  SER A N     1 
ATOM   689  C  CA    . SER A 1 89  ? -6.496  -4.509  -10.005 1.00 12.89 ? 89  SER A CA    1 
ATOM   690  C  C     . SER A 1 89  ? -6.201  -5.556  -8.944  1.00 11.98 ? 89  SER A C     1 
ATOM   691  O  O     . SER A 1 89  ? -5.074  -5.587  -8.471  1.00 10.84 ? 89  SER A O     1 
ATOM   692  C  CB    . SER A 1 89  ? -6.942  -3.225  -9.304  1.00 12.53 ? 89  SER A CB    1 
ATOM   693  O  OG    . SER A 1 89  ? -8.042  -3.288  -8.414  1.00 11.68 ? 89  SER A OG    1 
ATOM   694  N  N     . PHE A 1 90  ? -7.204  -6.363  -8.565  1.00 11.39 ? 90  PHE A N     1 
ATOM   695  C  CA    . PHE A 1 90  ? -7.042  -7.395  -7.557  1.00 12.98 ? 90  PHE A CA    1 
ATOM   696  C  C     . PHE A 1 90  ? -6.132  -8.495  -8.116  1.00 16.64 ? 90  PHE A C     1 
ATOM   697  O  O     . PHE A 1 90  ? -5.183  -8.970  -7.476  1.00 15.03 ? 90  PHE A O     1 
ATOM   698  C  CB    . PHE A 1 90  ? -8.433  -7.930  -7.191  1.00 14.31 ? 90  PHE A CB    1 
ATOM   699  C  CG    . PHE A 1 90  ? -8.382  -9.072  -6.179  1.00 16.73 ? 90  PHE A CG    1 
ATOM   700  C  CD1   . PHE A 1 90  ? -7.828  -8.878  -4.923  1.00 17.56 ? 90  PHE A CD1   1 
ATOM   701  C  CD2   . PHE A 1 90  ? -8.857  -10.329 -6.530  1.00 17.61 ? 90  PHE A CD2   1 
ATOM   702  C  CE1   . PHE A 1 90  ? -7.753  -9.932  -4.025  1.00 17.66 ? 90  PHE A CE1   1 
ATOM   703  C  CE2   . PHE A 1 90  ? -8.766  -11.379 -5.629  1.00 17.82 ? 90  PHE A CE2   1 
ATOM   704  C  CZ    . PHE A 1 90  ? -8.211  -11.191 -4.388  1.00 17.61 ? 90  PHE A CZ    1 
ATOM   705  N  N     . GLU A 1 91  ? -6.359  -8.856  -9.379  1.00 18.35 ? 91  GLU A N     1 
ATOM   706  C  CA    . GLU A 1 91  ? -5.537  -9.838  -10.084 1.00 21.95 ? 91  GLU A CA    1 
ATOM   707  C  C     . GLU A 1 91  ? -4.094  -9.391  -10.256 1.00 21.45 ? 91  GLU A C     1 
ATOM   708  O  O     . GLU A 1 91  ? -3.159  -10.179 -10.108 1.00 21.69 ? 91  GLU A O     1 
ATOM   709  C  CB    . GLU A 1 91  ? -6.165  -10.104 -11.449 1.00 24.58 ? 91  GLU A CB    1 
ATOM   710  C  CG    . GLU A 1 91  ? -7.533  -10.717 -11.235 1.00 28.21 ? 91  GLU A CG    1 
ATOM   711  C  CD    . GLU A 1 91  ? -8.292  -11.127 -12.470 1.00 31.41 ? 91  GLU A CD    1 
ATOM   712  O  OE1   . GLU A 1 91  ? -7.987  -10.663 -13.573 1.00 32.87 ? 91  GLU A OE1   1 
ATOM   713  O  OE2   . GLU A 1 91  ? -9.204  -11.932 -12.300 1.00 32.54 ? 91  GLU A OE2   1 
ATOM   714  N  N     . ASP A 1 92  ? -3.874  -8.128  -10.588 1.00 20.50 ? 92  ASP A N     1 
ATOM   715  C  CA    . ASP A 1 92  ? -2.534  -7.560  -10.645 1.00 21.08 ? 92  ASP A CA    1 
ATOM   716  C  C     . ASP A 1 92  ? -1.705  -7.688  -9.356  1.00 19.55 ? 92  ASP A C     1 
ATOM   717  O  O     . ASP A 1 92  ? -0.458  -7.665  -9.392  1.00 17.62 ? 92  ASP A O     1 
ATOM   718  C  CB    . ASP A 1 92  ? -2.632  -6.080  -11.010 1.00 22.88 ? 92  ASP A CB    1 
ATOM   719  C  CG    . ASP A 1 92  ? -2.915  -5.777  -12.482 1.00 24.29 ? 92  ASP A CG    1 
ATOM   720  O  OD1   . ASP A 1 92  ? -2.929  -6.697  -13.305 1.00 23.22 ? 92  ASP A OD1   1 
ATOM   721  O  OD2   . ASP A 1 92  ? -3.132  -4.601  -12.791 1.00 26.30 ? 92  ASP A OD2   1 
ATOM   722  N  N     . ILE A 1 93  ? -2.338  -7.835  -8.186  1.00 17.45 ? 93  ILE A N     1 
ATOM   723  C  CA    . ILE A 1 93  ? -1.594  -7.899  -6.924  1.00 18.21 ? 93  ILE A CA    1 
ATOM   724  C  C     . ILE A 1 93  ? -0.472  -8.938  -6.996  1.00 18.25 ? 93  ILE A C     1 
ATOM   725  O  O     . ILE A 1 93  ? 0.685   -8.693  -6.616  1.00 17.64 ? 93  ILE A O     1 
ATOM   726  C  CB    . ILE A 1 93  ? -2.569  -8.246  -5.736  1.00 17.92 ? 93  ILE A CB    1 
ATOM   727  C  CG1   . ILE A 1 93  ? -3.421  -7.033  -5.414  1.00 18.31 ? 93  ILE A CG1   1 
ATOM   728  C  CG2   . ILE A 1 93  ? -1.788  -8.741  -4.523  1.00 18.24 ? 93  ILE A CG2   1 
ATOM   729  C  CD1   . ILE A 1 93  ? -2.747  -5.830  -4.732  1.00 20.61 ? 93  ILE A CD1   1 
ATOM   730  N  N     . HIS A 1 94  ? -0.838  -10.107 -7.521  1.00 18.45 ? 94  HIS A N     1 
ATOM   731  C  CA    . HIS A 1 94  ? 0.039   -11.254 -7.584  1.00 18.25 ? 94  HIS A CA    1 
ATOM   732  C  C     . HIS A 1 94  ? 1.349   -10.790 -8.236  1.00 17.03 ? 94  HIS A C     1 
ATOM   733  O  O     . HIS A 1 94  ? 2.437   -11.011 -7.681  1.00 16.77 ? 94  HIS A O     1 
ATOM   734  C  CB    . HIS A 1 94  ? -0.709  -12.369 -8.380  1.00 20.46 ? 94  HIS A CB    1 
ATOM   735  C  CG    . HIS A 1 94  ? -2.164  -12.649 -7.914  1.00 25.91 ? 94  HIS A CG    1 
ATOM   736  N  ND1   . HIS A 1 94  ? -3.090  -11.685 -7.786  1.00 26.90 ? 94  HIS A ND1   1 
ATOM   737  C  CD2   . HIS A 1 94  ? -2.722  -13.899 -7.690  1.00 27.09 ? 94  HIS A CD2   1 
ATOM   738  C  CE1   . HIS A 1 94  ? -4.212  -12.334 -7.495  1.00 28.10 ? 94  HIS A CE1   1 
ATOM   739  N  NE2   . HIS A 1 94  ? -3.991  -13.642 -7.439  1.00 27.07 ? 94  HIS A NE2   1 
ATOM   740  N  N     . GLN A 1 95  ? 1.288   -10.043 -9.356  1.00 16.48 ? 95  GLN A N     1 
ATOM   741  C  CA    . GLN A 1 95  ? 2.492   -9.594  -10.038 1.00 19.09 ? 95  GLN A CA    1 
ATOM   742  C  C     . GLN A 1 95  ? 3.353   -8.684  -9.183  1.00 17.74 ? 95  GLN A C     1 
ATOM   743  O  O     . GLN A 1 95  ? 4.590   -8.786  -9.239  1.00 18.33 ? 95  GLN A O     1 
ATOM   744  C  CB    . GLN A 1 95  ? 2.157   -8.837  -11.340 1.00 21.91 ? 95  GLN A CB    1 
ATOM   745  C  CG    . GLN A 1 95  ? 2.114   -9.657  -12.646 1.00 26.26 ? 95  GLN A CG    1 
ATOM   746  C  CD    . GLN A 1 95  ? 1.241   -10.910 -12.658 1.00 28.32 ? 95  GLN A CD    1 
ATOM   747  O  OE1   . GLN A 1 95  ? 0.020   -10.871 -12.752 1.00 30.24 ? 95  GLN A OE1   1 
ATOM   748  N  NE2   . GLN A 1 95  ? 1.828   -12.095 -12.587 1.00 30.51 ? 95  GLN A NE2   1 
ATOM   749  N  N     . TYR A 1 96  ? 2.774   -7.767  -8.393  1.00 16.32 ? 96  TYR A N     1 
ATOM   750  C  CA    . TYR A 1 96  ? 3.598   -6.916  -7.542  1.00 16.12 ? 96  TYR A CA    1 
ATOM   751  C  C     . TYR A 1 96  ? 4.213   -7.746  -6.424  1.00 15.00 ? 96  TYR A C     1 
ATOM   752  O  O     . TYR A 1 96  ? 5.420   -7.617  -6.189  1.00 15.21 ? 96  TYR A O     1 
ATOM   753  C  CB    . TYR A 1 96  ? 2.779   -5.786  -6.933  1.00 19.02 ? 96  TYR A CB    1 
ATOM   754  C  CG    . TYR A 1 96  ? 2.292   -4.774  -7.963  1.00 19.68 ? 96  TYR A CG    1 
ATOM   755  C  CD1   . TYR A 1 96  ? 1.079   -4.991  -8.572  1.00 21.95 ? 96  TYR A CD1   1 
ATOM   756  C  CD2   . TYR A 1 96  ? 3.018   -3.662  -8.279  1.00 20.35 ? 96  TYR A CD2   1 
ATOM   757  C  CE1   . TYR A 1 96  ? 0.566   -4.108  -9.506  1.00 23.67 ? 96  TYR A CE1   1 
ATOM   758  C  CE2   . TYR A 1 96  ? 2.519   -2.765  -9.218  1.00 22.33 ? 96  TYR A CE2   1 
ATOM   759  C  CZ    . TYR A 1 96  ? 1.300   -2.999  -9.823  1.00 23.79 ? 96  TYR A CZ    1 
ATOM   760  O  OH    . TYR A 1 96  ? 0.789   -2.153  -10.784 1.00 25.95 ? 96  TYR A OH    1 
ATOM   761  N  N     . ARG A 1 97  ? 3.483   -8.651  -5.761  1.00 14.98 ? 97  ARG A N     1 
ATOM   762  C  CA    . ARG A 1 97  ? 4.109   -9.486  -4.722  1.00 17.04 ? 97  ARG A CA    1 
ATOM   763  C  C     . ARG A 1 97  ? 5.272   -10.334 -5.272  1.00 16.39 ? 97  ARG A C     1 
ATOM   764  O  O     . ARG A 1 97  ? 6.377   -10.385 -4.684  1.00 16.03 ? 97  ARG A O     1 
ATOM   765  C  CB    . ARG A 1 97  ? 3.108   -10.447 -4.081  1.00 17.93 ? 97  ARG A CB    1 
ATOM   766  C  CG    . ARG A 1 97  ? 3.807   -11.083 -2.869  1.00 20.29 ? 97  ARG A CG    1 
ATOM   767  C  CD    . ARG A 1 97  ? 2.896   -11.811 -1.912  1.00 23.28 ? 97  ARG A CD    1 
ATOM   768  N  NE    . ARG A 1 97  ? 3.656   -12.841 -1.182  1.00 25.59 ? 97  ARG A NE    1 
ATOM   769  C  CZ    . ARG A 1 97  ? 3.985   -12.784 0.119   1.00 27.62 ? 97  ARG A CZ    1 
ATOM   770  N  NH1   . ARG A 1 97  ? 3.647   -11.724 0.874   1.00 28.55 ? 97  ARG A NH1   1 
ATOM   771  N  NH2   . ARG A 1 97  ? 4.671   -13.799 0.661   1.00 27.52 ? 97  ARG A NH2   1 
ATOM   772  N  N     . GLU A 1 98  ? 5.082   -10.980 -6.433  1.00 16.88 ? 98  GLU A N     1 
ATOM   773  C  CA    . GLU A 1 98  ? 6.183   -11.772 -6.965  1.00 17.29 ? 98  GLU A CA    1 
ATOM   774  C  C     . GLU A 1 98  ? 7.386   -10.905 -7.293  1.00 17.77 ? 98  GLU A C     1 
ATOM   775  O  O     . GLU A 1 98  ? 8.542   -11.276 -7.044  1.00 16.25 ? 98  GLU A O     1 
ATOM   776  C  CB    . GLU A 1 98  ? 5.726   -12.516 -8.197  1.00 20.97 ? 98  GLU A CB    1 
ATOM   777  C  CG    . GLU A 1 98  ? 4.624   -13.523 -7.940  1.00 25.74 ? 98  GLU A CG    1 
ATOM   778  C  CD    . GLU A 1 98  ? 4.882   -14.593 -6.881  1.00 30.48 ? 98  GLU A CD    1 
ATOM   779  O  OE1   . GLU A 1 98  ? 5.863   -15.345 -6.989  1.00 33.26 ? 98  GLU A OE1   1 
ATOM   780  O  OE2   . GLU A 1 98  ? 4.097   -14.672 -5.931  1.00 32.21 ? 98  GLU A OE2   1 
ATOM   781  N  N     . GLN A 1 99  ? 7.180   -9.707  -7.829  1.00 18.19 ? 99  GLN A N     1 
ATOM   782  C  CA    . GLN A 1 99  ? 8.319   -8.861  -8.127  1.00 19.81 ? 99  GLN A CA    1 
ATOM   783  C  C     . GLN A 1 99  ? 9.010   -8.444  -6.820  1.00 19.61 ? 99  GLN A C     1 
ATOM   784  O  O     . GLN A 1 99  ? 10.263  -8.429  -6.747  1.00 19.20 ? 99  GLN A O     1 
ATOM   785  C  CB    . GLN A 1 99  ? 7.865   -7.627  -8.927  1.00 20.79 ? 99  GLN A CB    1 
ATOM   786  C  CG    . GLN A 1 99  ? 9.137   -6.970  -9.451  1.00 21.96 ? 99  GLN A CG    1 
ATOM   787  C  CD    . GLN A 1 99  ? 8.926   -5.893  -10.499 1.00 22.72 ? 99  GLN A CD    1 
ATOM   788  O  OE1   . GLN A 1 99  ? 7.877   -5.826  -11.142 1.00 25.63 ? 99  GLN A OE1   1 
ATOM   789  N  NE2   . GLN A 1 99  ? 9.930   -5.057  -10.741 1.00 21.63 ? 99  GLN A NE2   1 
ATOM   790  N  N     . ILE A 1 100 ? 8.256   -8.127  -5.766  1.00 16.11 ? 100 ILE A N     1 
ATOM   791  C  CA    . ILE A 1 100 ? 8.905   -7.750  -4.509  1.00 16.33 ? 100 ILE A CA    1 
ATOM   792  C  C     . ILE A 1 100 ? 9.693   -8.938  -3.971  1.00 15.17 ? 100 ILE A C     1 
ATOM   793  O  O     . ILE A 1 100 ? 10.826  -8.736  -3.532  1.00 14.76 ? 100 ILE A O     1 
ATOM   794  C  CB    . ILE A 1 100 ? 7.836   -7.276  -3.459  1.00 16.96 ? 100 ILE A CB    1 
ATOM   795  C  CG1   . ILE A 1 100 ? 7.146   -5.988  -3.922  1.00 18.34 ? 100 ILE A CG1   1 
ATOM   796  C  CG2   . ILE A 1 100 ? 8.520   -7.003  -2.130  1.00 17.33 ? 100 ILE A CG2   1 
ATOM   797  C  CD1   . ILE A 1 100 ? 5.758   -5.717  -3.278  1.00 18.02 ? 100 ILE A CD1   1 
ATOM   798  N  N     . LYS A 1 101 ? 9.149   -10.162 -3.992  1.00 15.78 ? 101 LYS A N     1 
ATOM   799  C  CA    . LYS A 1 101 ? 9.886   -11.290 -3.437  1.00 18.51 ? 101 LYS A CA    1 
ATOM   800  C  C     . LYS A 1 101 ? 11.200  -11.555 -4.157  1.00 20.33 ? 101 LYS A C     1 
ATOM   801  O  O     . LYS A 1 101 ? 12.234  -11.893 -3.569  1.00 20.71 ? 101 LYS A O     1 
ATOM   802  C  CB    . LYS A 1 101 ? 9.086   -12.565 -3.502  1.00 18.71 ? 101 LYS A CB    1 
ATOM   803  C  CG    . LYS A 1 101 ? 7.881   -12.650 -2.549  1.00 19.65 ? 101 LYS A CG    1 
ATOM   804  C  CD    . LYS A 1 101 ? 7.222   -14.017 -2.566  1.00 22.09 ? 101 LYS A CD    1 
ATOM   805  C  CE    . LYS A 1 101 ? 7.128   -14.577 -3.978  1.00 26.26 ? 101 LYS A CE    1 
ATOM   806  N  NZ    . LYS A 1 101 ? 5.963   -15.415 -4.163  1.00 29.72 ? 101 LYS A NZ    1 
ATOM   807  N  N     . ARG A 1 102 ? 11.129  -11.353 -5.473  1.00 22.33 ? 102 ARG A N     1 
ATOM   808  C  CA    . ARG A 1 102 ? 12.242  -11.581 -6.382  1.00 23.28 ? 102 ARG A CA    1 
ATOM   809  C  C     . ARG A 1 102 ? 13.331  -10.591 -6.087  1.00 21.25 ? 102 ARG A C     1 
ATOM   810  O  O     . ARG A 1 102 ? 14.442  -11.041 -5.827  1.00 23.14 ? 102 ARG A O     1 
ATOM   811  C  CB    . ARG A 1 102 ? 11.807  -11.410 -7.827  1.00 26.87 ? 102 ARG A CB    1 
ATOM   812  C  CG    . ARG A 1 102 ? 12.731  -12.159 -8.783  1.00 31.26 ? 102 ARG A CG    1 
ATOM   813  C  CD    . ARG A 1 102 ? 12.618  -11.638 -10.214 1.00 33.40 ? 102 ARG A CD    1 
ATOM   814  N  NE    . ARG A 1 102 ? 13.310  -10.360 -10.362 1.00 36.06 ? 102 ARG A NE    1 
ATOM   815  C  CZ    . ARG A 1 102 ? 12.696  -9.239  -10.773 1.00 38.31 ? 102 ARG A CZ    1 
ATOM   816  N  NH1   . ARG A 1 102 ? 11.380  -9.213  -11.055 1.00 39.99 ? 102 ARG A NH1   1 
ATOM   817  N  NH2   . ARG A 1 102 ? 13.414  -8.124  -10.914 1.00 39.11 ? 102 ARG A NH2   1 
ATOM   818  N  N     . VAL A 1 103 ? 13.080  -9.291  -6.026  1.00 18.57 ? 103 VAL A N     1 
ATOM   819  C  CA    . VAL A 1 103 ? 14.174  -8.363  -5.779  1.00 20.78 ? 103 VAL A CA    1 
ATOM   820  C  C     . VAL A 1 103 ? 14.683  -8.363  -4.336  1.00 18.93 ? 103 VAL A C     1 
ATOM   821  O  O     . VAL A 1 103 ? 15.850  -8.027  -4.102  1.00 18.38 ? 103 VAL A O     1 
ATOM   822  C  CB    . VAL A 1 103 ? 13.785  -6.904  -6.181  1.00 22.99 ? 103 VAL A CB    1 
ATOM   823  C  CG1   . VAL A 1 103 ? 13.462  -6.864  -7.675  1.00 25.08 ? 103 VAL A CG1   1 
ATOM   824  C  CG2   . VAL A 1 103 ? 12.578  -6.440  -5.420  1.00 25.37 ? 103 VAL A CG2   1 
ATOM   825  N  N     . LYS A 1 104 ? 13.855  -8.690  -3.339  1.00 18.27 ? 104 LYS A N     1 
ATOM   826  C  CA    . LYS A 1 104 ? 14.324  -8.747  -1.967  1.00 16.92 ? 104 LYS A CA    1 
ATOM   827  C  C     . LYS A 1 104 ? 14.819  -10.098 -1.496  1.00 18.72 ? 104 LYS A C     1 
ATOM   828  O  O     . LYS A 1 104 ? 15.080  -10.262 -0.290  1.00 18.27 ? 104 LYS A O     1 
ATOM   829  C  CB    . LYS A 1 104 ? 13.226  -8.288  -1.029  1.00 19.67 ? 104 LYS A CB    1 
ATOM   830  C  CG    . LYS A 1 104 ? 12.939  -6.799  -1.233  1.00 19.72 ? 104 LYS A CG    1 
ATOM   831  C  CD    . LYS A 1 104 ? 12.046  -6.252  -0.155  1.00 20.18 ? 104 LYS A CD    1 
ATOM   832  C  CE    . LYS A 1 104 ? 12.880  -5.828  1.027   1.00 19.57 ? 104 LYS A CE    1 
ATOM   833  N  NZ    . LYS A 1 104 ? 13.550  -4.563  0.802   1.00 19.33 ? 104 LYS A NZ    1 
ATOM   834  N  N     . ASP A 1 105 ? 14.881  -11.075 -2.420  1.00 19.08 ? 105 ASP A N     1 
ATOM   835  C  CA    . ASP A 1 105 ? 15.366  -12.423 -2.125  1.00 20.61 ? 105 ASP A CA    1 
ATOM   836  C  C     . ASP A 1 105 ? 14.644  -12.993 -0.894  1.00 20.56 ? 105 ASP A C     1 
ATOM   837  O  O     . ASP A 1 105 ? 15.251  -13.601 0.001   1.00 20.54 ? 105 ASP A O     1 
ATOM   838  C  CB    . ASP A 1 105 ? 16.887  -12.367 -1.864  1.00 23.01 ? 105 ASP A CB    1 
ATOM   839  C  CG    . ASP A 1 105 ? 17.839  -12.166 -3.031  1.00 27.64 ? 105 ASP A CG    1 
ATOM   840  O  OD1   . ASP A 1 105 ? 17.500  -12.435 -4.175  1.00 27.57 ? 105 ASP A OD1   1 
ATOM   841  O  OD2   . ASP A 1 105 ? 18.970  -11.758 -2.790  1.00 29.78 ? 105 ASP A OD2   1 
ATOM   842  N  N     . SER A 1 106 ? 13.329  -12.828 -0.812  1.00 19.86 ? 106 SER A N     1 
ATOM   843  C  CA    . SER A 1 106 ? 12.653  -13.189 0.403   1.00 21.37 ? 106 SER A CA    1 
ATOM   844  C  C     . SER A 1 106 ? 11.224  -13.605 0.216   1.00 20.91 ? 106 SER A C     1 
ATOM   845  O  O     . SER A 1 106 ? 10.492  -12.970 -0.525  1.00 23.05 ? 106 SER A O     1 
ATOM   846  C  CB    . SER A 1 106 ? 12.754  -11.993 1.334   1.00 23.32 ? 106 SER A CB    1 
ATOM   847  O  OG    . SER A 1 106 ? 12.014  -12.129 2.523   1.00 27.36 ? 106 SER A OG    1 
ATOM   848  N  N     . ASP A 1 107 ? 10.821  -14.657 0.921   1.00 20.66 ? 107 ASP A N     1 
ATOM   849  C  CA    . ASP A 1 107 ? 9.461   -15.170 0.877   1.00 20.80 ? 107 ASP A CA    1 
ATOM   850  C  C     . ASP A 1 107 ? 8.586   -14.467 1.908   1.00 19.88 ? 107 ASP A C     1 
ATOM   851  O  O     . ASP A 1 107 ? 7.353   -14.558 1.848   1.00 19.82 ? 107 ASP A O     1 
ATOM   852  C  CB    . ASP A 1 107 ? 9.448   -16.687 1.139   1.00 20.80 ? 107 ASP A CB    1 
ATOM   853  C  CG    . ASP A 1 107 ? 10.273  -17.538 0.184   1.00 22.52 ? 107 ASP A CG    1 
ATOM   854  O  OD1   . ASP A 1 107 ? 10.616  -17.074 -0.889  1.00 23.47 ? 107 ASP A OD1   1 
ATOM   855  O  OD2   . ASP A 1 107 ? 10.600  -18.675 0.517   1.00 24.66 ? 107 ASP A OD2   1 
ATOM   856  N  N     . ASP A 1 108 ? 9.163   -13.781 2.887   1.00 19.98 ? 108 ASP A N     1 
ATOM   857  C  CA    . ASP A 1 108 ? 8.351   -12.987 3.773   1.00 22.37 ? 108 ASP A CA    1 
ATOM   858  C  C     . ASP A 1 108 ? 8.923   -11.605 3.866   1.00 22.38 ? 108 ASP A C     1 
ATOM   859  O  O     . ASP A 1 108 ? 10.025  -11.355 4.339   1.00 25.77 ? 108 ASP A O     1 
ATOM   860  C  CB    . ASP A 1 108 ? 8.266   -13.568 5.165   1.00 26.29 ? 108 ASP A CB    1 
ATOM   861  C  CG    . ASP A 1 108 ? 9.508   -14.057 5.869   1.00 28.82 ? 108 ASP A CG    1 
ATOM   862  O  OD1   . ASP A 1 108 ? 10.607  -13.510 5.717   1.00 29.76 ? 108 ASP A OD1   1 
ATOM   863  O  OD2   . ASP A 1 108 ? 9.333   -15.033 6.602   1.00 32.71 ? 108 ASP A OD2   1 
ATOM   864  N  N     . VAL A 1 109 ? 8.219   -10.678 3.262   1.00 20.74 ? 109 VAL A N     1 
ATOM   865  C  CA    . VAL A 1 109 ? 8.603   -9.275  3.299   1.00 18.03 ? 109 VAL A CA    1 
ATOM   866  C  C     . VAL A 1 109 ? 7.450   -8.599  4.037   1.00 15.43 ? 109 VAL A C     1 
ATOM   867  O  O     . VAL A 1 109 ? 6.304   -8.997  3.786   1.00 12.79 ? 109 VAL A O     1 
ATOM   868  C  CB    . VAL A 1 109 ? 8.742   -8.729  1.852   1.00 18.62 ? 109 VAL A CB    1 
ATOM   869  C  CG1   . VAL A 1 109 ? 8.930   -7.228  1.890   1.00 17.98 ? 109 VAL A CG1   1 
ATOM   870  C  CG2   . VAL A 1 109 ? 9.964   -9.355  1.154   1.00 18.59 ? 109 VAL A CG2   1 
ATOM   871  N  N     . PRO A 1 110 ? 7.644   -7.641  4.962   1.00 12.62 ? 110 PRO A N     1 
ATOM   872  C  CA    . PRO A 1 110 ? 6.559   -6.889  5.571   1.00 11.80 ? 110 PRO A CA    1 
ATOM   873  C  C     . PRO A 1 110 ? 5.646   -6.310  4.477   1.00 12.83 ? 110 PRO A C     1 
ATOM   874  O  O     . PRO A 1 110 ? 6.056   -5.544  3.594   1.00 10.46 ? 110 PRO A O     1 
ATOM   875  C  CB    . PRO A 1 110 ? 7.245   -5.831  6.401   1.00 12.54 ? 110 PRO A CB    1 
ATOM   876  C  CG    . PRO A 1 110 ? 8.540   -6.499  6.799   1.00 13.23 ? 110 PRO A CG    1 
ATOM   877  C  CD    . PRO A 1 110 ? 8.932   -7.228  5.512   1.00 13.57 ? 110 PRO A CD    1 
ATOM   878  N  N     . MET A 1 111 ? 4.356   -6.665  4.547   1.00 11.97 ? 111 MET A N     1 
ATOM   879  C  CA    . MET A 1 111 ? 3.405   -6.296  3.521   1.00 13.34 ? 111 MET A CA    1 
ATOM   880  C  C     . MET A 1 111 ? 2.008   -6.280  4.121   1.00 13.65 ? 111 MET A C     1 
ATOM   881  O  O     . MET A 1 111 ? 1.731   -7.019  5.061   1.00 10.65 ? 111 MET A O     1 
ATOM   882  C  CB    . MET A 1 111 ? 3.503   -7.333  2.412   1.00 14.66 ? 111 MET A CB    1 
ATOM   883  C  CG    . MET A 1 111 ? 2.887   -6.990  1.114   1.00 19.53 ? 111 MET A CG    1 
ATOM   884  S  SD    . MET A 1 111 ? 3.343   -8.287  -0.090  1.00 21.77 ? 111 MET A SD    1 
ATOM   885  C  CE    . MET A 1 111 ? 4.988   -7.826  -0.443  1.00 21.30 ? 111 MET A CE    1 
ATOM   886  N  N     . VAL A 1 112 ? 1.134   -5.416  3.618   1.00 12.46 ? 112 VAL A N     1 
ATOM   887  C  CA    . VAL A 1 112 ? -0.285  -5.431  3.981   1.00 12.03 ? 112 VAL A CA    1 
ATOM   888  C  C     . VAL A 1 112 ? -1.031  -5.381  2.670   1.00 11.17 ? 112 VAL A C     1 
ATOM   889  O  O     . VAL A 1 112 ? -0.673  -4.609  1.760   1.00 10.56 ? 112 VAL A O     1 
ATOM   890  C  CB    . VAL A 1 112 ? -0.678  -4.188  4.843   1.00 13.37 ? 112 VAL A CB    1 
ATOM   891  C  CG1   . VAL A 1 112 ? -2.192  -4.072  5.140   1.00 14.03 ? 112 VAL A CG1   1 
ATOM   892  C  CG2   . VAL A 1 112 ? 0.063   -4.355  6.167   1.00 15.72 ? 112 VAL A CG2   1 
ATOM   893  N  N     . LEU A 1 113 ? -2.064  -6.200  2.576   1.00 10.90 ? 113 LEU A N     1 
ATOM   894  C  CA    . LEU A 1 113 ? -2.953  -6.200  1.416   1.00 10.71 ? 113 LEU A CA    1 
ATOM   895  C  C     . LEU A 1 113 ? -4.090  -5.220  1.685   1.00 11.07 ? 113 LEU A C     1 
ATOM   896  O  O     . LEU A 1 113 ? -4.830  -5.385  2.672   1.00 10.49 ? 113 LEU A O     1 
ATOM   897  C  CB    . LEU A 1 113 ? -3.532  -7.604  1.196   1.00 10.88 ? 113 LEU A CB    1 
ATOM   898  C  CG    . LEU A 1 113 ? -4.365  -7.725  -0.069  1.00 10.74 ? 113 LEU A CG    1 
ATOM   899  C  CD1   . LEU A 1 113 ? -3.485  -7.449  -1.308  1.00 13.62 ? 113 LEU A CD1   1 
ATOM   900  C  CD2   . LEU A 1 113 ? -4.966  -9.102  -0.148  1.00 10.50 ? 113 LEU A CD2   1 
ATOM   901  N  N     . VAL A 1 114 ? -4.251  -4.186  0.866   1.00 10.01 ? 114 VAL A N     1 
ATOM   902  C  CA    . VAL A 1 114 ? -5.232  -3.162  1.158   1.00 8.84  ? 114 VAL A CA    1 
ATOM   903  C  C     . VAL A 1 114 ? -6.293  -3.177  0.064   1.00 9.45  ? 114 VAL A C     1 
ATOM   904  O  O     . VAL A 1 114 ? -5.973  -3.079  -1.142  1.00 9.93  ? 114 VAL A O     1 
ATOM   905  C  CB    . VAL A 1 114 ? -4.494  -1.788  1.250   1.00 9.89  ? 114 VAL A CB    1 
ATOM   906  C  CG1   . VAL A 1 114 ? -5.487  -0.657  1.440   1.00 10.04 ? 114 VAL A CG1   1 
ATOM   907  C  CG2   . VAL A 1 114 ? -3.581  -1.771  2.474   1.00 10.28 ? 114 VAL A CG2   1 
ATOM   908  N  N     . GLY A 1 115 ? -7.547  -3.268  0.481   1.00 6.88  ? 115 GLY A N     1 
ATOM   909  C  CA    . GLY A 1 115 ? -8.653  -3.199  -0.451  1.00 8.65  ? 115 GLY A CA    1 
ATOM   910  C  C     . GLY A 1 115 ? -9.282  -1.841  -0.270  1.00 9.23  ? 115 GLY A C     1 
ATOM   911  O  O     . GLY A 1 115 ? -10.037 -1.610  0.692   1.00 8.94  ? 115 GLY A O     1 
ATOM   912  N  N     . ASN A 1 116 ? -8.908  -0.925  -1.164  1.00 9.21  ? 116 ASN A N     1 
ATOM   913  C  CA    . ASN A 1 116 ? -9.388  0.449   -1.095  1.00 9.85  ? 116 ASN A CA    1 
ATOM   914  C  C     . ASN A 1 116 ? -10.725 0.713   -1.807  1.00 9.06  ? 116 ASN A C     1 
ATOM   915  O  O     . ASN A 1 116 ? -11.217 -0.113  -2.593  1.00 10.28 ? 116 ASN A O     1 
ATOM   916  C  CB    . ASN A 1 116 ? -8.275  1.367   -1.659  1.00 9.77  ? 116 ASN A CB    1 
ATOM   917  C  CG    . ASN A 1 116 ? -8.484  2.860   -1.362  1.00 11.23 ? 116 ASN A CG    1 
ATOM   918  O  OD1   . ASN A 1 116 ? -8.872  3.266   -0.276  1.00 9.53  ? 116 ASN A OD1   1 
ATOM   919  N  ND2   . ASN A 1 116 ? -8.271  3.722   -2.349  1.00 9.58  ? 116 ASN A ND2   1 
ATOM   920  N  N     . LYS A 1 117 ? -11.259 1.913   -1.542  1.00 9.44  ? 117 LYS A N     1 
ATOM   921  C  CA    . LYS A 1 117 ? -12.526 2.426   -2.064  1.00 12.40 ? 117 LYS A CA    1 
ATOM   922  C  C     . LYS A 1 117 ? -13.675 1.638   -1.462  1.00 13.20 ? 117 LYS A C     1 
ATOM   923  O  O     . LYS A 1 117 ? -14.738 1.486   -2.079  1.00 15.16 ? 117 LYS A O     1 
ATOM   924  C  CB    . LYS A 1 117 ? -12.599 2.334   -3.633  1.00 10.62 ? 117 LYS A CB    1 
ATOM   925  C  CG    . LYS A 1 117 ? -11.383 2.913   -4.313  1.00 10.24 ? 117 LYS A CG    1 
ATOM   926  C  CD    . LYS A 1 117 ? -11.691 3.352   -5.710  1.00 10.38 ? 117 LYS A CD    1 
ATOM   927  C  CE    . LYS A 1 117 ? -10.422 3.890   -6.347  1.00 10.08 ? 117 LYS A CE    1 
ATOM   928  N  NZ    . LYS A 1 117 ? -10.712 4.393   -7.678  1.00 9.04  ? 117 LYS A NZ    1 
ATOM   929  N  N     . CYS A 1 118 ? -13.543 1.208   -0.202  1.00 13.85 ? 118 CYS A N     1 
ATOM   930  C  CA    . CYS A 1 118 ? -14.624 0.431   0.390   1.00 16.37 ? 118 CYS A CA    1 
ATOM   931  C  C     . CYS A 1 118 ? -15.914 1.236   0.601   1.00 14.67 ? 118 CYS A C     1 
ATOM   932  O  O     . CYS A 1 118 ? -16.934 0.681   0.990   1.00 13.91 ? 118 CYS A O     1 
ATOM   933  C  CB    . CYS A 1 118 ? -14.186 -0.191  1.736   1.00 17.21 ? 118 CYS A CB    1 
ATOM   934  S  SG    . CYS A 1 118 ? -13.797 0.942   3.090   1.00 19.59 ? 118 CYS A SG    1 
ATOM   935  N  N     . ASP A 1 119 ? -15.899 2.535   0.316   1.00 15.69 ? 119 ASP A N     1 
ATOM   936  C  CA    . ASP A 1 119 ? -17.105 3.355   0.438   1.00 16.73 ? 119 ASP A CA    1 
ATOM   937  C  C     . ASP A 1 119 ? -18.042 3.119   -0.741  1.00 15.80 ? 119 ASP A C     1 
ATOM   938  O  O     . ASP A 1 119 ? -19.229 3.424   -0.638  1.00 16.49 ? 119 ASP A O     1 
ATOM   939  C  CB    . ASP A 1 119 ? -16.759 4.870   0.505   1.00 15.33 ? 119 ASP A CB    1 
ATOM   940  C  CG    . ASP A 1 119 ? -15.876 5.293   -0.650  1.00 17.28 ? 119 ASP A CG    1 
ATOM   941  O  OD1   . ASP A 1 119 ? -14.691 4.945   -0.631  1.00 14.61 ? 119 ASP A OD1   1 
ATOM   942  O  OD2   . ASP A 1 119 ? -16.373 5.967   -1.544  1.00 16.48 ? 119 ASP A OD2   1 
ATOM   943  N  N     . LEU A 1 120 ? -17.517 2.591   -1.853  1.00 15.91 ? 120 LEU A N     1 
ATOM   944  C  CA    . LEU A 1 120 ? -18.262 2.445   -3.092  1.00 17.42 ? 120 LEU A CA    1 
ATOM   945  C  C     . LEU A 1 120 ? -19.166 1.237   -3.018  1.00 19.00 ? 120 LEU A C     1 
ATOM   946  O  O     . LEU A 1 120 ? -18.788 0.207   -2.458  1.00 18.91 ? 120 LEU A O     1 
ATOM   947  C  CB    . LEU A 1 120 ? -17.332 2.267   -4.276  1.00 16.57 ? 120 LEU A CB    1 
ATOM   948  C  CG    . LEU A 1 120 ? -16.467 3.450   -4.773  1.00 19.72 ? 120 LEU A CG    1 
ATOM   949  C  CD1   . LEU A 1 120 ? -15.788 3.028   -6.081  1.00 19.48 ? 120 LEU A CD1   1 
ATOM   950  C  CD2   . LEU A 1 120 ? -17.302 4.688   -5.059  1.00 18.86 ? 120 LEU A CD2   1 
ATOM   951  N  N     . ALA A 1 121 ? -20.378 1.328   -3.555  1.00 19.44 ? 121 ALA A N     1 
ATOM   952  C  CA    . ALA A 1 121 ? -21.238 0.174   -3.429  1.00 21.19 ? 121 ALA A CA    1 
ATOM   953  C  C     . ALA A 1 121 ? -21.067 -0.831  -4.543  1.00 22.11 ? 121 ALA A C     1 
ATOM   954  O  O     . ALA A 1 121 ? -21.217 -2.024  -4.300  1.00 23.31 ? 121 ALA A O     1 
ATOM   955  C  CB    . ALA A 1 121 ? -22.642 0.658   -3.365  1.00 20.04 ? 121 ALA A CB    1 
ATOM   956  N  N     . ALA A 1 122 ? -20.701 -0.394  -5.751  1.00 23.22 ? 122 ALA A N     1 
ATOM   957  C  CA    . ALA A 1 122 ? -20.475 -1.270  -6.898  1.00 23.07 ? 122 ALA A CA    1 
ATOM   958  C  C     . ALA A 1 122 ? -19.285 -2.215  -6.664  1.00 23.57 ? 122 ALA A C     1 
ATOM   959  O  O     . ALA A 1 122 ? -18.291 -2.208  -7.392  1.00 25.91 ? 122 ALA A O     1 
ATOM   960  N  N     . ARG A 1 123 ? -19.301 -3.015  -5.626  1.00 23.05 ? 123 ARG A N     1 
ATOM   961  C  CA    . ARG A 1 123 ? -18.225 -3.932  -5.319  1.00 21.52 ? 123 ARG A CA    1 
ATOM   962  C  C     . ARG A 1 123 ? -18.096 -5.084  -6.293  1.00 21.15 ? 123 ARG A C     1 
ATOM   963  O  O     . ARG A 1 123 ? -19.091 -5.776  -6.527  1.00 21.47 ? 123 ARG A O     1 
ATOM   964  C  CB    . ARG A 1 123 ? -18.503 -4.398  -3.894  1.00 21.52 ? 123 ARG A CB    1 
ATOM   965  C  CG    . ARG A 1 123 ? -17.689 -5.504  -3.367  1.00 21.85 ? 123 ARG A CG    1 
ATOM   966  C  CD    . ARG A 1 123 ? -17.700 -5.260  -1.904  1.00 25.26 ? 123 ARG A CD    1 
ATOM   967  N  NE    . ARG A 1 123 ? -16.464 -5.839  -1.498  1.00 26.56 ? 123 ARG A NE    1 
ATOM   968  C  CZ    . ARG A 1 123 ? -15.727 -5.419  -0.486  1.00 24.42 ? 123 ARG A CZ    1 
ATOM   969  N  NH1   . ARG A 1 123 ? -16.042 -4.383  0.298   1.00 22.27 ? 123 ARG A NH1   1 
ATOM   970  N  NH2   . ARG A 1 123 ? -14.629 -6.110  -0.342  1.00 23.89 ? 123 ARG A NH2   1 
ATOM   971  N  N     . THR A 1 124 ? -16.920 -5.349  -6.877  1.00 20.78 ? 124 THR A N     1 
ATOM   972  C  CA    . THR A 1 124 ? -16.756 -6.538  -7.701  1.00 21.02 ? 124 THR A CA    1 
ATOM   973  C  C     . THR A 1 124 ? -15.789 -7.546  -7.056  1.00 22.27 ? 124 THR A C     1 
ATOM   974  O  O     . THR A 1 124 ? -15.738 -8.711  -7.462  1.00 22.82 ? 124 THR A O     1 
ATOM   975  C  CB    . THR A 1 124 ? -16.261 -6.173  -9.138  1.00 22.07 ? 124 THR A CB    1 
ATOM   976  O  OG1   . THR A 1 124 ? -15.050 -5.434  -9.066  1.00 22.74 ? 124 THR A OG1   1 
ATOM   977  C  CG2   . THR A 1 124 ? -17.330 -5.412  -9.889  1.00 22.09 ? 124 THR A CG2   1 
ATOM   978  N  N     . VAL A 1 125 ? -14.990 -7.189  -6.037  1.00 20.01 ? 125 VAL A N     1 
ATOM   979  C  CA    . VAL A 1 125 ? -14.103 -8.142  -5.409  1.00 19.29 ? 125 VAL A CA    1 
ATOM   980  C  C     . VAL A 1 125 ? -14.721 -8.472  -4.054  1.00 19.34 ? 125 VAL A C     1 
ATOM   981  O  O     . VAL A 1 125 ? -14.861 -7.571  -3.231  1.00 17.99 ? 125 VAL A O     1 
ATOM   982  C  CB    . VAL A 1 125 ? -12.664 -7.530  -5.211  1.00 19.36 ? 125 VAL A CB    1 
ATOM   983  C  CG1   . VAL A 1 125 ? -11.771 -8.571  -4.526  1.00 18.82 ? 125 VAL A CG1   1 
ATOM   984  C  CG2   . VAL A 1 125 ? -12.004 -7.169  -6.546  1.00 19.92 ? 125 VAL A CG2   1 
ATOM   985  N  N     . GLU A 1 126 ? -15.140 -9.686  -3.736  1.00 20.50 ? 126 GLU A N     1 
ATOM   986  C  CA    . GLU A 1 126 ? -15.632 -9.985  -2.388  1.00 25.55 ? 126 GLU A CA    1 
ATOM   987  C  C     . GLU A 1 126 ? -14.515 -9.975  -1.327  1.00 23.99 ? 126 GLU A C     1 
ATOM   988  O  O     . GLU A 1 126 ? -13.396 -10.471 -1.559  1.00 24.61 ? 126 GLU A O     1 
ATOM   989  C  CB    . GLU A 1 126 ? -16.339 -11.367 -2.437  1.00 29.39 ? 126 GLU A CB    1 
ATOM   990  C  CG    . GLU A 1 126 ? -16.221 -12.340 -1.268  1.00 33.89 ? 126 GLU A CG    1 
ATOM   991  C  CD    . GLU A 1 126 ? -17.244 -12.275 -0.132  1.00 36.13 ? 126 GLU A CD    1 
ATOM   992  O  OE1   . GLU A 1 126 ? -17.136 -11.403 0.730   1.00 36.81 ? 126 GLU A OE1   1 
ATOM   993  O  OE2   . GLU A 1 126 ? -18.129 -13.142 -0.083  1.00 38.39 ? 126 GLU A OE2   1 
ATOM   994  N  N     . SER A 1 127 ? -14.814 -9.482  -0.127  1.00 22.99 ? 127 SER A N     1 
ATOM   995  C  CA    . SER A 1 127 ? -13.852 -9.493  0.992   1.00 23.13 ? 127 SER A CA    1 
ATOM   996  C  C     . SER A 1 127 ? -13.307 -10.880 1.274   1.00 21.86 ? 127 SER A C     1 
ATOM   997  O  O     . SER A 1 127 ? -12.109 -11.078 1.456   1.00 22.11 ? 127 SER A O     1 
ATOM   998  C  CB    . SER A 1 127 ? -14.498 -8.988  2.264   1.00 21.85 ? 127 SER A CB    1 
ATOM   999  O  OG    . SER A 1 127 ? -14.942 -7.652  2.028   1.00 25.75 ? 127 SER A OG    1 
ATOM   1000 N  N     . ARG A 1 128 ? -14.164 -11.889 1.266   1.00 22.31 ? 128 ARG A N     1 
ATOM   1001 C  CA    . ARG A 1 128 ? -13.721 -13.259 1.489   1.00 24.95 ? 128 ARG A CA    1 
ATOM   1002 C  C     . ARG A 1 128 ? -12.632 -13.643 0.485   1.00 22.58 ? 128 ARG A C     1 
ATOM   1003 O  O     . ARG A 1 128 ? -11.625 -14.257 0.853   1.00 21.02 ? 128 ARG A O     1 
ATOM   1004 C  CB    . ARG A 1 128 ? -14.930 -14.217 1.363   1.00 27.42 ? 128 ARG A CB    1 
ATOM   1005 C  CG    . ARG A 1 128 ? -14.905 -15.323 2.401   1.00 31.70 ? 128 ARG A CG    1 
ATOM   1006 C  CD    . ARG A 1 128 ? -15.974 -16.398 2.192   1.00 35.09 ? 128 ARG A CD    1 
ATOM   1007 N  NE    . ARG A 1 128 ? -17.368 -15.958 2.108   1.00 37.96 ? 128 ARG A NE    1 
ATOM   1008 C  CZ    . ARG A 1 128 ? -18.146 -15.676 3.156   1.00 38.50 ? 128 ARG A CZ    1 
ATOM   1009 N  NH1   . ARG A 1 128 ? -17.679 -15.628 4.399   1.00 40.86 ? 128 ARG A NH1   1 
ATOM   1010 N  NH2   . ARG A 1 128 ? -19.412 -15.350 2.945   1.00 38.51 ? 128 ARG A NH2   1 
ATOM   1011 N  N     . GLN A 1 129 ? -12.768 -13.243 -0.788  1.00 22.66 ? 129 GLN A N     1 
ATOM   1012 C  CA    . GLN A 1 129 ? -11.768 -13.615 -1.802  1.00 23.19 ? 129 GLN A CA    1 
ATOM   1013 C  C     . GLN A 1 129 ? -10.429 -12.991 -1.396  1.00 21.06 ? 129 GLN A C     1 
ATOM   1014 O  O     . GLN A 1 129 ? -9.369  -13.610 -1.390  1.00 20.14 ? 129 GLN A O     1 
ATOM   1015 C  CB    . GLN A 1 129 ? -12.106 -13.065 -3.200  1.00 26.03 ? 129 GLN A CB    1 
ATOM   1016 C  CG    . GLN A 1 129 ? -13.396 -13.415 -3.959  1.00 28.34 ? 129 GLN A CG    1 
ATOM   1017 C  CD    . GLN A 1 129 ? -13.568 -12.482 -5.164  1.00 29.72 ? 129 GLN A CD    1 
ATOM   1018 O  OE1   . GLN A 1 129 ? -14.612 -11.857 -5.368  1.00 29.87 ? 129 GLN A OE1   1 
ATOM   1019 N  NE2   . GLN A 1 129 ? -12.537 -12.299 -5.992  1.00 31.18 ? 129 GLN A NE2   1 
ATOM   1020 N  N     . ALA A 1 130 ? -10.453 -11.722 -1.036  1.00 17.50 ? 130 ALA A N     1 
ATOM   1021 C  CA    . ALA A 1 130 ? -9.240  -11.003 -0.641  1.00 16.53 ? 130 ALA A CA    1 
ATOM   1022 C  C     . ALA A 1 130 ? -8.628  -11.529 0.631   1.00 15.79 ? 130 ALA A C     1 
ATOM   1023 O  O     . ALA A 1 130 ? -7.401  -11.606 0.751   1.00 13.61 ? 130 ALA A O     1 
ATOM   1024 C  CB    . ALA A 1 130 ? -9.526  -9.541  -0.411  1.00 15.43 ? 130 ALA A CB    1 
ATOM   1025 N  N     . GLN A 1 131 ? -9.469  -11.857 1.623   1.00 17.84 ? 131 GLN A N     1 
ATOM   1026 C  CA    . GLN A 1 131 ? -8.966  -12.418 2.867   1.00 19.36 ? 131 GLN A CA    1 
ATOM   1027 C  C     . GLN A 1 131 ? -8.306  -13.772 2.596   1.00 19.14 ? 131 GLN A C     1 
ATOM   1028 O  O     . GLN A 1 131 ? -7.221  -14.039 3.144   1.00 16.84 ? 131 GLN A O     1 
ATOM   1029 C  CB    . GLN A 1 131 ? -10.099 -12.584 3.876   1.00 22.07 ? 131 GLN A CB    1 
ATOM   1030 C  CG    . GLN A 1 131 ? -9.512  -13.103 5.191   1.00 25.38 ? 131 GLN A CG    1 
ATOM   1031 C  CD    . GLN A 1 131 ? -8.464  -12.148 5.774   1.00 28.24 ? 131 GLN A CD    1 
ATOM   1032 O  OE1   . GLN A 1 131 ? -8.762  -10.961 5.966   1.00 31.52 ? 131 GLN A OE1   1 
ATOM   1033 N  NE2   . GLN A 1 131 ? -7.232  -12.577 6.053   1.00 28.17 ? 131 GLN A NE2   1 
ATOM   1034 N  N     . ASP A 1 132 ? -8.906  -14.625 1.755   1.00 19.56 ? 132 ASP A N     1 
ATOM   1035 C  CA    . ASP A 1 132 ? -8.254  -15.866 1.389   1.00 22.51 ? 132 ASP A CA    1 
ATOM   1036 C  C     . ASP A 1 132 ? -6.884  -15.618 0.764   1.00 22.18 ? 132 ASP A C     1 
ATOM   1037 O  O     . ASP A 1 132 ? -5.880  -16.253 1.134   1.00 22.94 ? 132 ASP A O     1 
ATOM   1038 C  CB    . ASP A 1 132 ? -9.130  -16.614 0.419   1.00 25.79 ? 132 ASP A CB    1 
ATOM   1039 C  CG    . ASP A 1 132 ? -10.347 -17.293 1.059   1.00 29.50 ? 132 ASP A CG    1 
ATOM   1040 O  OD1   . ASP A 1 132 ? -10.409 -17.472 2.285   1.00 31.18 ? 132 ASP A OD1   1 
ATOM   1041 O  OD2   . ASP A 1 132 ? -11.248 -17.692 0.311   1.00 31.95 ? 132 ASP A OD2   1 
ATOM   1042 N  N     . LEU A 1 133 ? -6.797  -14.678 -0.194  1.00 21.78 ? 133 LEU A N     1 
ATOM   1043 C  CA    . LEU A 1 133 ? -5.526  -14.344 -0.808  1.00 20.14 ? 133 LEU A CA    1 
ATOM   1044 C  C     . LEU A 1 133 ? -4.544  -13.893 0.256   1.00 18.75 ? 133 LEU A C     1 
ATOM   1045 O  O     . LEU A 1 133 ? -3.423  -14.417 0.326   1.00 19.65 ? 133 LEU A O     1 
ATOM   1046 C  CB    . LEU A 1 133 ? -5.670  -13.215 -1.827  1.00 20.86 ? 133 LEU A CB    1 
ATOM   1047 C  CG    . LEU A 1 133 ? -4.417  -12.922 -2.666  1.00 22.65 ? 133 LEU A CG    1 
ATOM   1048 C  CD1   . LEU A 1 133 ? -4.209  -14.052 -3.684  1.00 21.97 ? 133 LEU A CD1   1 
ATOM   1049 C  CD2   . LEU A 1 133 ? -4.572  -11.560 -3.361  1.00 21.90 ? 133 LEU A CD2   1 
ATOM   1050 N  N     . ALA A 1 134 ? -4.926  -12.952 1.099   1.00 14.93 ? 134 ALA A N     1 
ATOM   1051 C  CA    . ALA A 1 134 ? -4.037  -12.463 2.134   1.00 16.76 ? 134 ALA A CA    1 
ATOM   1052 C  C     . ALA A 1 134 ? -3.515  -13.596 3.030   1.00 16.85 ? 134 ALA A C     1 
ATOM   1053 O  O     . ALA A 1 134 ? -2.305  -13.685 3.297   1.00 13.82 ? 134 ALA A O     1 
ATOM   1054 C  CB    . ALA A 1 134 ? -4.791  -11.430 2.992   1.00 16.58 ? 134 ALA A CB    1 
ATOM   1055 N  N     . ARG A 1 135 ? -4.422  -14.508 3.417   1.00 18.18 ? 135 ARG A N     1 
ATOM   1056 C  CA    . ARG A 1 135 ? -4.088  -15.635 4.263   1.00 20.93 ? 135 ARG A CA    1 
ATOM   1057 C  C     . ARG A 1 135 ? -3.068  -16.526 3.558   1.00 22.77 ? 135 ARG A C     1 
ATOM   1058 O  O     . ARG A 1 135 ? -2.078  -16.948 4.192   1.00 23.96 ? 135 ARG A O     1 
ATOM   1059 C  CB    . ARG A 1 135 ? -5.387  -16.410 4.626   1.00 22.82 ? 135 ARG A CB    1 
ATOM   1060 C  CG    . ARG A 1 135 ? -5.194  -17.564 5.624   1.00 27.46 ? 135 ARG A CG    1 
ATOM   1061 C  CD    . ARG A 1 135 ? -4.276  -17.141 6.791   1.00 32.50 ? 135 ARG A CD    1 
ATOM   1062 N  NE    . ARG A 1 135 ? -3.504  -18.243 7.361   1.00 36.16 ? 135 ARG A NE    1 
ATOM   1063 C  CZ    . ARG A 1 135 ? -3.872  -18.879 8.478   1.00 36.17 ? 135 ARG A CZ    1 
ATOM   1064 N  NH1   . ARG A 1 135 ? -4.956  -18.513 9.173   1.00 37.01 ? 135 ARG A NH1   1 
ATOM   1065 N  NH2   . ARG A 1 135 ? -3.128  -19.886 8.922   1.00 36.55 ? 135 ARG A NH2   1 
ATOM   1066 N  N     . SER A 1 136 ? -3.211  -16.810 2.253   1.00 23.10 ? 136 SER A N     1 
ATOM   1067 C  CA    . SER A 1 136 ? -2.209  -17.597 1.561   1.00 22.46 ? 136 SER A CA    1 
ATOM   1068 C  C     . SER A 1 136 ? -0.860  -16.881 1.546   1.00 22.52 ? 136 SER A C     1 
ATOM   1069 O  O     . SER A 1 136 ? 0.186   -17.531 1.465   1.00 23.04 ? 136 SER A O     1 
ATOM   1070 C  CB    . SER A 1 136 ? -2.666  -17.885 0.127   1.00 22.95 ? 136 SER A CB    1 
ATOM   1071 O  OG    . SER A 1 136 ? -2.543  -16.803 -0.784  1.00 24.22 ? 136 SER A OG    1 
ATOM   1072 N  N     . TYR A 1 137 ? -0.822  -15.541 1.611   1.00 22.19 ? 137 TYR A N     1 
ATOM   1073 C  CA    . TYR A 1 137 ? 0.439   -14.826 1.602   1.00 21.10 ? 137 TYR A CA    1 
ATOM   1074 C  C     . TYR A 1 137 ? 0.985   -14.685 3.005   1.00 21.55 ? 137 TYR A C     1 
ATOM   1075 O  O     . TYR A 1 137 ? 2.156   -14.297 3.179   1.00 22.61 ? 137 TYR A O     1 
ATOM   1076 C  CB    . TYR A 1 137 ? 0.322   -13.412 1.048   1.00 20.05 ? 137 TYR A CB    1 
ATOM   1077 C  CG    . TYR A 1 137 ? -0.024  -13.268 -0.422  1.00 21.79 ? 137 TYR A CG    1 
ATOM   1078 C  CD1   . TYR A 1 137 ? 0.096   -14.330 -1.305  1.00 22.83 ? 137 TYR A CD1   1 
ATOM   1079 C  CD2   . TYR A 1 137 ? -0.433  -12.014 -0.886  1.00 23.07 ? 137 TYR A CD2   1 
ATOM   1080 C  CE1   . TYR A 1 137 ? -0.192  -14.122 -2.651  1.00 24.28 ? 137 TYR A CE1   1 
ATOM   1081 C  CE2   . TYR A 1 137 ? -0.714  -11.805 -2.230  1.00 22.74 ? 137 TYR A CE2   1 
ATOM   1082 C  CZ    . TYR A 1 137 ? -0.587  -12.878 -3.105  1.00 23.53 ? 137 TYR A CZ    1 
ATOM   1083 O  OH    . TYR A 1 137 ? -0.839  -12.706 -4.454  1.00 24.70 ? 137 TYR A OH    1 
ATOM   1084 N  N     . GLY A 1 138 ? 0.120   -14.984 3.973   1.00 18.97 ? 138 GLY A N     1 
ATOM   1085 C  CA    . GLY A 1 138 ? 0.441   -14.844 5.372   1.00 16.10 ? 138 GLY A CA    1 
ATOM   1086 C  C     . GLY A 1 138 ? 0.541   -13.387 5.746   1.00 15.71 ? 138 GLY A C     1 
ATOM   1087 O  O     . GLY A 1 138 ? 1.389   -13.064 6.572   1.00 16.52 ? 138 GLY A O     1 
ATOM   1088 N  N     . ILE A 1 139 ? -0.243  -12.483 5.171   1.00 13.39 ? 139 ILE A N     1 
ATOM   1089 C  CA    . ILE A 1 139 ? -0.144  -11.074 5.529   1.00 14.17 ? 139 ILE A CA    1 
ATOM   1090 C  C     . ILE A 1 139 ? -1.512  -10.541 5.898   1.00 14.29 ? 139 ILE A C     1 
ATOM   1091 O  O     . ILE A 1 139 ? -2.500  -11.164 5.497   1.00 14.40 ? 139 ILE A O     1 
ATOM   1092 C  CB    . ILE A 1 139 ? 0.459   -10.225 4.348   1.00 14.41 ? 139 ILE A CB    1 
ATOM   1093 C  CG1   . ILE A 1 139 ? -0.334  -10.352 3.061   1.00 15.91 ? 139 ILE A CG1   1 
ATOM   1094 C  CG2   . ILE A 1 139 ? 1.870   -10.711 4.094   1.00 14.46 ? 139 ILE A CG2   1 
ATOM   1095 C  CD1   . ILE A 1 139 ? 0.185   -9.440  1.927   1.00 14.37 ? 139 ILE A CD1   1 
ATOM   1096 N  N     . PRO A 1 140 ? -1.652  -9.436  6.647   1.00 13.09 ? 140 PRO A N     1 
ATOM   1097 C  CA    . PRO A 1 140 ? -2.950  -8.828  6.920   1.00 14.64 ? 140 PRO A CA    1 
ATOM   1098 C  C     . PRO A 1 140 ? -3.668  -8.307  5.672   1.00 14.47 ? 140 PRO A C     1 
ATOM   1099 O  O     . PRO A 1 140 ? -3.053  -7.846  4.709   1.00 15.15 ? 140 PRO A O     1 
ATOM   1100 C  CB    . PRO A 1 140 ? -2.635  -7.724  7.905   1.00 14.39 ? 140 PRO A CB    1 
ATOM   1101 C  CG    . PRO A 1 140 ? -1.195  -7.922  8.339   1.00 14.37 ? 140 PRO A CG    1 
ATOM   1102 C  CD    . PRO A 1 140 ? -0.572  -8.573  7.140   1.00 13.89 ? 140 PRO A CD    1 
ATOM   1103 N  N     . TYR A 1 141 ? -4.994  -8.319  5.741   1.00 14.28 ? 141 TYR A N     1 
ATOM   1104 C  CA    . TYR A 1 141 ? -5.861  -7.693  4.751   1.00 13.13 ? 141 TYR A CA    1 
ATOM   1105 C  C     . TYR A 1 141 ? -6.607  -6.590  5.512   1.00 12.61 ? 141 TYR A C     1 
ATOM   1106 O  O     . TYR A 1 141 ? -7.198  -6.861  6.581   1.00 12.35 ? 141 TYR A O     1 
ATOM   1107 C  CB    . TYR A 1 141 ? -6.901  -8.664  4.196   1.00 13.18 ? 141 TYR A CB    1 
ATOM   1108 C  CG    . TYR A 1 141 ? -7.964  -7.997  3.318   1.00 12.35 ? 141 TYR A CG    1 
ATOM   1109 C  CD1   . TYR A 1 141 ? -7.534  -7.271  2.216   1.00 11.14 ? 141 TYR A CD1   1 
ATOM   1110 C  CD2   . TYR A 1 141 ? -9.316  -8.166  3.571   1.00 11.72 ? 141 TYR A CD2   1 
ATOM   1111 C  CE1   . TYR A 1 141 ? -8.433  -6.705  1.352   1.00 11.69 ? 141 TYR A CE1   1 
ATOM   1112 C  CE2   . TYR A 1 141 ? -10.234 -7.608  2.700   1.00 12.66 ? 141 TYR A CE2   1 
ATOM   1113 C  CZ    . TYR A 1 141 ? -9.769  -6.890  1.593   1.00 13.75 ? 141 TYR A CZ    1 
ATOM   1114 O  OH    . TYR A 1 141 ? -10.643 -6.403  0.645   1.00 13.76 ? 141 TYR A OH    1 
ATOM   1115 N  N     . ILE A 1 142 ? -6.569  -5.360  4.982   1.00 10.75 ? 142 ILE A N     1 
ATOM   1116 C  CA    . ILE A 1 142 ? -7.291  -4.248  5.560   1.00 11.89 ? 142 ILE A CA    1 
ATOM   1117 C  C     . ILE A 1 142 ? -8.065  -3.538  4.464   1.00 10.85 ? 142 ILE A C     1 
ATOM   1118 O  O     . ILE A 1 142 ? -7.526  -3.272  3.385   1.00 10.99 ? 142 ILE A O     1 
ATOM   1119 C  CB    . ILE A 1 142 ? -6.306  -3.251  6.252   1.00 11.11 ? 142 ILE A CB    1 
ATOM   1120 C  CG1   . ILE A 1 142 ? -5.717  -3.964  7.491   1.00 13.06 ? 142 ILE A CG1   1 
ATOM   1121 C  CG2   . ILE A 1 142 ? -6.992  -1.971  6.667   1.00 11.13 ? 142 ILE A CG2   1 
ATOM   1122 C  CD1   . ILE A 1 142 ? -4.664  -3.237  8.383   1.00 12.03 ? 142 ILE A CD1   1 
ATOM   1123 N  N     . GLU A 1 143 ? -9.349  -3.256  4.725   1.00 10.86 ? 143 GLU A N     1 
ATOM   1124 C  CA    . GLU A 1 143 ? -10.111 -2.442  3.791   1.00 9.12  ? 143 GLU A CA    1 
ATOM   1125 C  C     . GLU A 1 143 ? -10.047 -0.978  4.190   1.00 10.53 ? 143 GLU A C     1 
ATOM   1126 O  O     . GLU A 1 143 ? -10.148 -0.620  5.374   1.00 10.81 ? 143 GLU A O     1 
ATOM   1127 C  CB    . GLU A 1 143 ? -11.574 -2.875  3.741   1.00 10.86 ? 143 GLU A CB    1 
ATOM   1128 C  CG    . GLU A 1 143 ? -11.613 -4.235  3.057   1.00 11.12 ? 143 GLU A CG    1 
ATOM   1129 C  CD    . GLU A 1 143 ? -12.927 -4.607  2.388   1.00 12.33 ? 143 GLU A CD    1 
ATOM   1130 O  OE1   . GLU A 1 143 ? -13.931 -3.906  2.515   1.00 13.97 ? 143 GLU A OE1   1 
ATOM   1131 O  OE2   . GLU A 1 143 ? -12.946 -5.632  1.730   1.00 13.45 ? 143 GLU A OE2   1 
ATOM   1132 N  N     . THR A 1 144 ? -9.908  -0.095  3.195   1.00 11.28 ? 144 THR A N     1 
ATOM   1133 C  CA    . THR A 1 144 ? -9.784  1.320   3.459   1.00 10.22 ? 144 THR A CA    1 
ATOM   1134 C  C     . THR A 1 144 ? -10.692 2.129   2.557   1.00 11.08 ? 144 THR A C     1 
ATOM   1135 O  O     . THR A 1 144 ? -11.170 1.684   1.505   1.00 10.61 ? 144 THR A O     1 
ATOM   1136 C  CB    . THR A 1 144 ? -8.341  1.802   3.215   1.00 12.14 ? 144 THR A CB    1 
ATOM   1137 O  OG1   . THR A 1 144 ? -8.078  1.515   1.831   1.00 9.94  ? 144 THR A OG1   1 
ATOM   1138 C  CG2   . THR A 1 144 ? -7.295  1.157   4.165   1.00 10.91 ? 144 THR A CG2   1 
ATOM   1139 N  N     . SER A 1 145 ? -10.906 3.360   2.999   1.00 11.51 ? 145 SER A N     1 
ATOM   1140 C  CA    . SER A 1 145 ? -11.498 4.360   2.145   1.00 10.87 ? 145 SER A CA    1 
ATOM   1141 C  C     . SER A 1 145 ? -10.714 5.648   2.336   1.00 11.28 ? 145 SER A C     1 
ATOM   1142 O  O     . SER A 1 145 ? -10.705 6.244   3.422   1.00 11.70 ? 145 SER A O     1 
ATOM   1143 C  CB    . SER A 1 145 ? -12.962 4.611   2.492   1.00 10.84 ? 145 SER A CB    1 
ATOM   1144 O  OG    . SER A 1 145 ? -13.376 5.695   1.680   1.00 13.10 ? 145 SER A OG    1 
ATOM   1145 N  N     . ALA A 1 146 ? -10.022 6.104   1.281   1.00 11.09 ? 146 ALA A N     1 
ATOM   1146 C  CA    . ALA A 1 146 ? -9.390  7.406   1.319   1.00 12.13 ? 146 ALA A CA    1 
ATOM   1147 C  C     . ALA A 1 146 ? -10.456 8.489   1.322   1.00 14.03 ? 146 ALA A C     1 
ATOM   1148 O  O     . ALA A 1 146 ? -10.201 9.604   1.767   1.00 16.30 ? 146 ALA A O     1 
ATOM   1149 C  CB    . ALA A 1 146 ? -8.489  7.588   0.094   1.00 13.81 ? 146 ALA A CB    1 
ATOM   1150 N  N     . LYS A 1 147 ? -11.673 8.212   0.865   1.00 14.77 ? 147 LYS A N     1 
ATOM   1151 C  CA    . LYS A 1 147 ? -12.707 9.220   0.865   1.00 18.12 ? 147 LYS A CA    1 
ATOM   1152 C  C     . LYS A 1 147 ? -13.169 9.539   2.287   1.00 19.70 ? 147 LYS A C     1 
ATOM   1153 O  O     . LYS A 1 147 ? -13.268 10.716  2.656   1.00 21.70 ? 147 LYS A O     1 
ATOM   1154 C  CB    . LYS A 1 147 ? -13.885 8.733   0.021   1.00 18.91 ? 147 LYS A CB    1 
ATOM   1155 C  CG    . LYS A 1 147 ? -14.988 9.804   -0.089  1.00 21.42 ? 147 LYS A CG    1 
ATOM   1156 C  CD    . LYS A 1 147 ? -15.763 9.583   -1.375  1.00 23.82 ? 147 LYS A CD    1 
ATOM   1157 C  CE    . LYS A 1 147 ? -16.958 10.557  -1.556  1.00 24.92 ? 147 LYS A CE    1 
ATOM   1158 N  NZ    . LYS A 1 147 ? -18.150 10.075  -0.877  1.00 27.84 ? 147 LYS A NZ    1 
ATOM   1159 N  N     . THR A 1 148 ? -13.458 8.498   3.101   1.00 20.11 ? 148 THR A N     1 
ATOM   1160 C  CA    . THR A 1 148 ? -14.014 8.714   4.451   1.00 18.74 ? 148 THR A CA    1 
ATOM   1161 C  C     . THR A 1 148 ? -12.954 8.605   5.539   1.00 21.25 ? 148 THR A C     1 
ATOM   1162 O  O     . THR A 1 148 ? -13.300 8.755   6.718   1.00 22.23 ? 148 THR A O     1 
ATOM   1163 C  CB    . THR A 1 148 ? -15.125 7.692   4.759   1.00 16.15 ? 148 THR A CB    1 
ATOM   1164 O  OG1   . THR A 1 148 ? -14.498 6.429   4.810   1.00 14.43 ? 148 THR A OG1   1 
ATOM   1165 C  CG2   . THR A 1 148 ? -16.159 7.558   3.704   1.00 15.52 ? 148 THR A CG2   1 
ATOM   1166 N  N     . ARG A 1 149 ? -11.698 8.254   5.151   1.00 19.76 ? 149 ARG A N     1 
ATOM   1167 C  CA    . ARG A 1 149 ? -10.548 8.029   6.015   1.00 19.98 ? 149 ARG A CA    1 
ATOM   1168 C  C     . ARG A 1 149 ? -10.632 6.692   6.733   1.00 19.37 ? 149 ARG A C     1 
ATOM   1169 O  O     . ARG A 1 149 ? -9.727  6.286   7.467   1.00 22.18 ? 149 ARG A O     1 
ATOM   1170 C  CB    . ARG A 1 149 ? -10.407 9.161   7.049   1.00 21.05 ? 149 ARG A CB    1 
ATOM   1171 C  CG    . ARG A 1 149 ? -8.958  9.426   7.359   1.00 23.99 ? 149 ARG A CG    1 
ATOM   1172 C  CD    . ARG A 1 149 ? -8.803  10.407  8.526   1.00 26.03 ? 149 ARG A CD    1 
ATOM   1173 N  NE    . ARG A 1 149 ? -7.476  10.245  9.114   1.00 26.94 ? 149 ARG A NE    1 
ATOM   1174 C  CZ    . ARG A 1 149 ? -6.402  10.804  8.570   1.00 26.73 ? 149 ARG A CZ    1 
ATOM   1175 N  NH1   . ARG A 1 149 ? -6.542  11.612  7.539   1.00 26.90 ? 149 ARG A NH1   1 
ATOM   1176 N  NH2   . ARG A 1 149 ? -5.197  10.575  9.078   1.00 27.38 ? 149 ARG A NH2   1 
ATOM   1177 N  N     . GLN A 1 150 ? -11.700 5.926   6.546   1.00 18.04 ? 150 GLN A N     1 
ATOM   1178 C  CA    . GLN A 1 150 ? -11.862 4.616   7.132   1.00 17.64 ? 150 GLN A CA    1 
ATOM   1179 C  C     . GLN A 1 150 ? -10.656 3.718   6.848   1.00 15.65 ? 150 GLN A C     1 
ATOM   1180 O  O     . GLN A 1 150 ? -10.264 3.514   5.696   1.00 15.10 ? 150 GLN A O     1 
ATOM   1181 C  CB    . GLN A 1 150 ? -13.121 4.014   6.549   1.00 19.99 ? 150 GLN A CB    1 
ATOM   1182 C  CG    . GLN A 1 150 ? -13.352 2.555   6.828   1.00 26.08 ? 150 GLN A CG    1 
ATOM   1183 C  CD    . GLN A 1 150 ? -13.816 2.153   8.227   1.00 30.18 ? 150 GLN A CD    1 
ATOM   1184 O  OE1   . GLN A 1 150 ? -14.929 2.495   8.645   1.00 33.46 ? 150 GLN A OE1   1 
ATOM   1185 N  NE2   . GLN A 1 150 ? -13.013 1.365   8.961   1.00 32.38 ? 150 GLN A NE2   1 
ATOM   1186 N  N     . GLY A 1 151 ? -10.067 3.210   7.907   1.00 13.98 ? 151 GLY A N     1 
ATOM   1187 C  CA    . GLY A 1 151 ? -8.970  2.266   7.804   1.00 13.79 ? 151 GLY A CA    1 
ATOM   1188 C  C     . GLY A 1 151 ? -7.636  2.844   7.368   1.00 13.36 ? 151 GLY A C     1 
ATOM   1189 O  O     . GLY A 1 151 ? -6.688  2.057   7.380   1.00 14.19 ? 151 GLY A O     1 
ATOM   1190 N  N     . VAL A 1 152 ? -7.430  4.127   7.036   1.00 13.64 ? 152 VAL A N     1 
ATOM   1191 C  CA    . VAL A 1 152 ? -6.143  4.574   6.501   1.00 13.54 ? 152 VAL A CA    1 
ATOM   1192 C  C     . VAL A 1 152 ? -5.020  4.468   7.530   1.00 15.43 ? 152 VAL A C     1 
ATOM   1193 O  O     . VAL A 1 152 ? -4.006  3.794   7.261   1.00 15.03 ? 152 VAL A O     1 
ATOM   1194 C  CB    . VAL A 1 152 ? -6.287  6.029   5.958   1.00 15.32 ? 152 VAL A CB    1 
ATOM   1195 C  CG1   . VAL A 1 152 ? -4.950  6.555   5.427   1.00 15.00 ? 152 VAL A CG1   1 
ATOM   1196 C  CG2   . VAL A 1 152 ? -7.313  6.053   4.818   1.00 13.90 ? 152 VAL A CG2   1 
ATOM   1197 N  N     . GLU A 1 153 ? -5.154  5.072   8.714   1.00 15.74 ? 153 GLU A N     1 
ATOM   1198 C  CA    . GLU A 1 153 ? -4.172  4.873   9.807   1.00 17.32 ? 153 GLU A CA    1 
ATOM   1199 C  C     . GLU A 1 153 ? -3.870  3.426   10.138  1.00 14.65 ? 153 GLU A C     1 
ATOM   1200 O  O     . GLU A 1 153 ? -2.734  2.998   10.362  1.00 15.65 ? 153 GLU A O     1 
ATOM   1201 C  CB    . GLU A 1 153 ? -4.643  5.489   11.109  1.00 19.25 ? 153 GLU A CB    1 
ATOM   1202 C  CG    . GLU A 1 153 ? -4.486  6.985   10.923  1.00 23.81 ? 153 GLU A CG    1 
ATOM   1203 C  CD    . GLU A 1 153 ? -5.143  7.868   11.959  1.00 26.91 ? 153 GLU A CD    1 
ATOM   1204 O  OE1   . GLU A 1 153 ? -6.048  7.454   12.692  1.00 28.89 ? 153 GLU A OE1   1 
ATOM   1205 O  OE2   . GLU A 1 153 ? -4.742  9.020   11.980  1.00 29.50 ? 153 GLU A OE2   1 
ATOM   1206 N  N     . ASP A 1 154 ? -4.934  2.649   10.192  1.00 14.30 ? 154 ASP A N     1 
ATOM   1207 C  CA    . ASP A 1 154 ? -4.838  1.241   10.465  1.00 14.15 ? 154 ASP A CA    1 
ATOM   1208 C  C     . ASP A 1 154 ? -3.929  0.561   9.461   1.00 12.61 ? 154 ASP A C     1 
ATOM   1209 O  O     . ASP A 1 154 ? -3.025  -0.228  9.808   1.00 13.50 ? 154 ASP A O     1 
ATOM   1210 C  CB    . ASP A 1 154 ? -6.203  0.693   10.380  1.00 17.89 ? 154 ASP A CB    1 
ATOM   1211 C  CG    . ASP A 1 154 ? -6.449  -0.573  11.148  1.00 21.19 ? 154 ASP A CG    1 
ATOM   1212 O  OD1   . ASP A 1 154 ? -5.499  -1.231  11.588  1.00 23.41 ? 154 ASP A OD1   1 
ATOM   1213 O  OD2   . ASP A 1 154 ? -7.636  -0.899  11.282  1.00 23.81 ? 154 ASP A OD2   1 
ATOM   1214 N  N     . ALA A 1 155 ? -4.131  0.861   8.174   1.00 12.26 ? 155 ALA A N     1 
ATOM   1215 C  CA    . ALA A 1 155 ? -3.341  0.202   7.132   1.00 11.97 ? 155 ALA A CA    1 
ATOM   1216 C  C     . ALA A 1 155 ? -1.871  0.544   7.291   1.00 13.61 ? 155 ALA A C     1 
ATOM   1217 O  O     . ALA A 1 155 ? -1.004  -0.345  7.280   1.00 13.92 ? 155 ALA A O     1 
ATOM   1218 C  CB    . ALA A 1 155 ? -3.764  0.641   5.736   1.00 11.45 ? 155 ALA A CB    1 
ATOM   1219 N  N     . PHE A 1 156 ? -1.571  1.824   7.510   1.00 13.02 ? 156 PHE A N     1 
ATOM   1220 C  CA    . PHE A 1 156 ? -0.181  2.247   7.612   1.00 11.26 ? 156 PHE A CA    1 
ATOM   1221 C  C     . PHE A 1 156 ? 0.465   1.788   8.912   1.00 11.74 ? 156 PHE A C     1 
ATOM   1222 O  O     . PHE A 1 156 ? 1.589   1.245   8.904   1.00 13.69 ? 156 PHE A O     1 
ATOM   1223 C  CB    . PHE A 1 156 ? -0.136  3.774   7.476   1.00 12.01 ? 156 PHE A CB    1 
ATOM   1224 C  CG    . PHE A 1 156 ? -0.203  4.258   6.008   1.00 11.35 ? 156 PHE A CG    1 
ATOM   1225 C  CD1   . PHE A 1 156 ? 0.965   4.341   5.267   1.00 11.77 ? 156 PHE A CD1   1 
ATOM   1226 C  CD2   . PHE A 1 156 ? -1.411  4.622   5.425   1.00 11.96 ? 156 PHE A CD2   1 
ATOM   1227 C  CE1   . PHE A 1 156 ? 0.938   4.782   3.946   1.00 12.07 ? 156 PHE A CE1   1 
ATOM   1228 C  CE2   . PHE A 1 156 ? -1.433  5.060   4.103   1.00 11.76 ? 156 PHE A CE2   1 
ATOM   1229 C  CZ    . PHE A 1 156 ? -0.265  5.145   3.350   1.00 10.31 ? 156 PHE A CZ    1 
ATOM   1230 N  N     . TYR A 1 157 ? -0.199  1.962   10.053  1.00 10.60 ? 157 TYR A N     1 
ATOM   1231 C  CA    . TYR A 1 157 ? 0.374   1.552   11.306  1.00 10.61 ? 157 TYR A CA    1 
ATOM   1232 C  C     . TYR A 1 157 ? 0.444   0.051   11.393  1.00 9.76  ? 157 TYR A C     1 
ATOM   1233 O  O     . TYR A 1 157 ? 1.399   -0.468  11.996  1.00 11.11 ? 157 TYR A O     1 
ATOM   1234 C  CB    . TYR A 1 157 ? -0.439  2.069   12.475  1.00 13.96 ? 157 TYR A CB    1 
ATOM   1235 C  CG    . TYR A 1 157 ? -0.435  3.589   12.647  1.00 16.98 ? 157 TYR A CG    1 
ATOM   1236 C  CD1   . TYR A 1 157 ? 0.232   4.421   11.761  1.00 18.49 ? 157 TYR A CD1   1 
ATOM   1237 C  CD2   . TYR A 1 157 ? -1.141  4.121   13.719  1.00 18.70 ? 157 TYR A CD2   1 
ATOM   1238 C  CE1   . TYR A 1 157 ? 0.198   5.789   11.927  1.00 20.29 ? 157 TYR A CE1   1 
ATOM   1239 C  CE2   . TYR A 1 157 ? -1.169  5.487   13.888  1.00 19.86 ? 157 TYR A CE2   1 
ATOM   1240 C  CZ    . TYR A 1 157 ? -0.512  6.297   12.992  1.00 20.91 ? 157 TYR A CZ    1 
ATOM   1241 O  OH    . TYR A 1 157 ? -0.604  7.667   13.114  1.00 24.06 ? 157 TYR A OH    1 
ATOM   1242 N  N     . THR A 1 158 ? -0.487  -0.730  10.843  1.00 10.67 ? 158 THR A N     1 
ATOM   1243 C  CA    . THR A 1 158 ? -0.272  -2.177  10.860  1.00 11.79 ? 158 THR A CA    1 
ATOM   1244 C  C     . THR A 1 158 ? 1.007   -2.495  10.065  1.00 13.51 ? 158 THR A C     1 
ATOM   1245 O  O     . THR A 1 158 ? 1.790   -3.363  10.516  1.00 12.43 ? 158 THR A O     1 
ATOM   1246 C  CB    . THR A 1 158 ? -1.464  -2.970  10.222  1.00 13.25 ? 158 THR A CB    1 
ATOM   1247 O  OG1   . THR A 1 158 ? -2.652  -2.640  10.927  1.00 12.27 ? 158 THR A OG1   1 
ATOM   1248 C  CG2   . THR A 1 158 ? -1.193  -4.450  10.243  1.00 12.67 ? 158 THR A CG2   1 
ATOM   1249 N  N     . LEU A 1 159 ? 1.270   -1.797  8.926   1.00 10.14 ? 159 LEU A N     1 
ATOM   1250 C  CA    . LEU A 1 159 ? 2.471   -2.119  8.195   1.00 10.46 ? 159 LEU A CA    1 
ATOM   1251 C  C     . LEU A 1 159 ? 3.678   -1.785  9.077   1.00 8.98  ? 159 LEU A C     1 
ATOM   1252 O  O     . LEU A 1 159 ? 4.635   -2.562  9.127   1.00 9.88  ? 159 LEU A O     1 
ATOM   1253 C  CB    . LEU A 1 159 ? 2.541   -1.320  6.856   1.00 8.35  ? 159 LEU A CB    1 
ATOM   1254 C  CG    . LEU A 1 159 ? 3.764   -1.619  5.952   1.00 9.27  ? 159 LEU A CG    1 
ATOM   1255 C  CD1   . LEU A 1 159 ? 3.925   -3.112  5.643   1.00 8.53  ? 159 LEU A CD1   1 
ATOM   1256 C  CD2   . LEU A 1 159 ? 3.608   -0.749  4.716   1.00 10.17 ? 159 LEU A CD2   1 
ATOM   1257 N  N     . VAL A 1 160 ? 3.711   -0.636  9.730   1.00 10.35 ? 160 VAL A N     1 
ATOM   1258 C  CA    . VAL A 1 160 ? 4.831   -0.344  10.630  1.00 11.63 ? 160 VAL A CA    1 
ATOM   1259 C  C     . VAL A 1 160 ? 5.000   -1.468  11.668  1.00 10.81 ? 160 VAL A C     1 
ATOM   1260 O  O     . VAL A 1 160 ? 6.134   -1.924  11.899  1.00 11.37 ? 160 VAL A O     1 
ATOM   1261 C  CB    . VAL A 1 160 ? 4.586   1.021   11.312  1.00 13.14 ? 160 VAL A CB    1 
ATOM   1262 C  CG1   . VAL A 1 160 ? 5.543   1.307   12.460  1.00 11.70 ? 160 VAL A CG1   1 
ATOM   1263 C  CG2   . VAL A 1 160 ? 4.811   2.071   10.255  1.00 11.85 ? 160 VAL A CG2   1 
ATOM   1264 N  N     . ARG A 1 161 ? 3.926   -1.957  12.309  1.00 8.93  ? 161 ARG A N     1 
ATOM   1265 C  CA    . ARG A 1 161 ? 4.070   -3.044  13.274  1.00 10.93 ? 161 ARG A CA    1 
ATOM   1266 C  C     . ARG A 1 161 ? 4.593   -4.331  12.621  1.00 13.19 ? 161 ARG A C     1 
ATOM   1267 O  O     . ARG A 1 161 ? 5.367   -5.075  13.250  1.00 12.90 ? 161 ARG A O     1 
ATOM   1268 C  CB    . ARG A 1 161 ? 2.715   -3.242  13.960  1.00 12.95 ? 161 ARG A CB    1 
ATOM   1269 C  CG    . ARG A 1 161 ? 2.436   -1.969  14.797  1.00 15.81 ? 161 ARG A CG    1 
ATOM   1270 C  CD    . ARG A 1 161 ? 1.335   -1.972  15.881  1.00 19.59 ? 161 ARG A CD    1 
ATOM   1271 N  NE    . ARG A 1 161 ? 0.051   -1.739  15.291  1.00 22.11 ? 161 ARG A NE    1 
ATOM   1272 C  CZ    . ARG A 1 161 ? -0.726  -0.688  15.530  1.00 18.34 ? 161 ARG A CZ    1 
ATOM   1273 N  NH1   . ARG A 1 161 ? -0.488  0.306   16.358  1.00 18.07 ? 161 ARG A NH1   1 
ATOM   1274 N  NH2   . ARG A 1 161 ? -1.820  -0.670  14.841  1.00 21.62 ? 161 ARG A NH2   1 
ATOM   1275 N  N     . GLU A 1 162 ? 4.267   -4.611  11.348  1.00 12.17 ? 162 GLU A N     1 
ATOM   1276 C  CA    . GLU A 1 162 ? 4.817   -5.780  10.676  1.00 14.55 ? 162 GLU A CA    1 
ATOM   1277 C  C     . GLU A 1 162 ? 6.330   -5.626  10.521  1.00 14.67 ? 162 GLU A C     1 
ATOM   1278 O  O     . GLU A 1 162 ? 7.109   -6.590  10.645  1.00 15.92 ? 162 GLU A O     1 
ATOM   1279 C  CB    . GLU A 1 162 ? 4.220   -5.984  9.265   1.00 16.41 ? 162 GLU A CB    1 
ATOM   1280 C  CG    . GLU A 1 162 ? 2.777   -6.483  9.189   1.00 18.42 ? 162 GLU A CG    1 
ATOM   1281 C  CD    . GLU A 1 162 ? 2.571   -7.889  9.728   1.00 21.63 ? 162 GLU A CD    1 
ATOM   1282 O  OE1   . GLU A 1 162 ? 3.123   -8.858  9.217   1.00 23.71 ? 162 GLU A OE1   1 
ATOM   1283 O  OE2   . GLU A 1 162 ? 1.826   -8.035  10.677  1.00 25.38 ? 162 GLU A OE2   1 
ATOM   1284 N  N     . ILE A 1 163 ? 6.800   -4.409  10.228  1.00 13.33 ? 163 ILE A N     1 
ATOM   1285 C  CA    . ILE A 1 163 ? 8.237   -4.180  10.108  1.00 15.14 ? 163 ILE A CA    1 
ATOM   1286 C  C     . ILE A 1 163 ? 8.883   -4.413  11.480  1.00 15.56 ? 163 ILE A C     1 
ATOM   1287 O  O     . ILE A 1 163 ? 9.873   -5.121  11.583  1.00 15.03 ? 163 ILE A O     1 
ATOM   1288 C  CB    . ILE A 1 163 ? 8.507   -2.747  9.612   1.00 13.71 ? 163 ILE A CB    1 
ATOM   1289 C  CG1   . ILE A 1 163 ? 7.932   -2.615  8.204   1.00 13.83 ? 163 ILE A CG1   1 
ATOM   1290 C  CG2   . ILE A 1 163 ? 10.039  -2.447  9.623   1.00 13.93 ? 163 ILE A CG2   1 
ATOM   1291 C  CD1   . ILE A 1 163 ? 7.967   -1.174  7.628   1.00 11.63 ? 163 ILE A CD1   1 
ATOM   1292 N  N     . ARG A 1 164 ? 8.328   -3.856  12.544  1.00 16.57 ? 164 ARG A N     1 
ATOM   1293 C  CA    . ARG A 1 164 ? 8.750   -4.097  13.922  1.00 19.20 ? 164 ARG A CA    1 
ATOM   1294 C  C     . ARG A 1 164 ? 8.938   -5.587  14.311  1.00 22.12 ? 164 ARG A C     1 
ATOM   1295 O  O     . ARG A 1 164 ? 9.790   -5.964  15.126  1.00 20.98 ? 164 ARG A O     1 
ATOM   1296 C  CB    . ARG A 1 164 ? 7.684   -3.384  14.800  1.00 20.64 ? 164 ARG A CB    1 
ATOM   1297 C  CG    . ARG A 1 164 ? 8.237   -2.026  15.186  1.00 22.08 ? 164 ARG A CG    1 
ATOM   1298 C  CD    . ARG A 1 164 ? 7.468   -0.716  15.144  1.00 24.89 ? 164 ARG A CD    1 
ATOM   1299 N  NE    . ARG A 1 164 ? 6.366   -0.645  16.043  1.00 24.31 ? 164 ARG A NE    1 
ATOM   1300 C  CZ    . ARG A 1 164 ? 5.780   0.492   16.431  1.00 23.52 ? 164 ARG A CZ    1 
ATOM   1301 N  NH1   . ARG A 1 164 ? 6.244   1.755   16.290  1.00 21.74 ? 164 ARG A NH1   1 
ATOM   1302 N  NH2   . ARG A 1 164 ? 4.659   0.301   17.087  1.00 20.92 ? 164 ARG A NH2   1 
ATOM   1303 N  N     . GLN A 1 165 ? 8.130   -6.472  13.736  1.00 23.20 ? 165 GLN A N     1 
ATOM   1304 C  CA    . GLN A 1 165 ? 8.163   -7.884  14.030  1.00 26.92 ? 165 GLN A CA    1 
ATOM   1305 C  C     . GLN A 1 165 ? 8.960   -8.679  12.986  1.00 28.23 ? 165 GLN A C     1 
ATOM   1306 O  O     . GLN A 1 165 ? 8.895   -9.924  13.028  1.00 29.29 ? 165 GLN A O     1 
ATOM   1307 C  CB    . GLN A 1 165 ? 6.721   -8.417  14.088  1.00 27.93 ? 165 GLN A CB    1 
ATOM   1308 C  CG    . GLN A 1 165 ? 6.157   -8.706  15.489  1.00 33.05 ? 165 GLN A CG    1 
ATOM   1309 C  CD    . GLN A 1 165 ? 4.735   -9.298  15.517  1.00 34.46 ? 165 GLN A CD    1 
ATOM   1310 O  OE1   . GLN A 1 165 ? 3.819   -8.753  16.132  1.00 36.03 ? 165 GLN A OE1   1 
ATOM   1311 N  NE2   . GLN A 1 165 ? 4.440   -10.433 14.896  1.00 36.50 ? 165 GLN A NE2   1 
ATOM   1312 N  N     . HIS A 1 166 ? 9.716   -8.071  12.061  1.00 26.92 ? 166 HIS A N     1 
ATOM   1313 C  CA    . HIS A 1 166 ? 10.372  -8.876  11.035  1.00 28.84 ? 166 HIS A CA    1 
ATOM   1314 C  C     . HIS A 1 166 ? 11.640  -9.585  11.536  1.00 29.53 ? 166 HIS A C     1 
ATOM   1315 O  O     . HIS A 1 166 ? 12.282  -9.070  12.446  1.00 29.64 ? 166 HIS A O     1 
ATOM   1316 C  CB    . HIS A 1 166 ? 10.726  -8.010  9.812   1.00 29.10 ? 166 HIS A CB    1 
ATOM   1317 C  CG    . HIS A 1 166 ? 11.128  -8.855  8.585   1.00 31.79 ? 166 HIS A CG    1 
ATOM   1318 N  ND1   . HIS A 1 166 ? 12.216  -8.779  7.818   1.00 31.80 ? 166 HIS A ND1   1 
ATOM   1319 C  CD2   . HIS A 1 166 ? 10.385  -9.904  8.075   1.00 31.46 ? 166 HIS A CD2   1 
ATOM   1320 C  CE1   . HIS A 1 166 ? 12.150  -9.729  6.898   1.00 32.54 ? 166 HIS A CE1   1 
ATOM   1321 N  NE2   . HIS A 1 166 ? 11.042  -10.404 7.056   1.00 32.57 ? 166 HIS A NE2   1 
ATOM   1322 O  OXT   . HIS A 1 166 ? 11.966  -10.663 11.026  1.00 29.45 ? 166 HIS A OXT   1 
HETATM 1323 MG MG    . MG  B 2 .   ? -0.851  8.227   -7.725  1.00 14.63 ? 168 MG  A MG    1 
HETATM 1324 P  PG    . GCP C 3 .   ? -1.706  6.520   -10.338 1.00 11.69 ? 167 GCP A PG    1 
HETATM 1325 O  O1G   . GCP C 3 .   ? -1.647  6.899   -11.762 1.00 13.29 ? 167 GCP A O1G   1 
HETATM 1326 O  O2G   . GCP C 3 .   ? -0.575  7.130   -9.628  1.00 12.61 ? 167 GCP A O2G   1 
HETATM 1327 O  O3G   . GCP C 3 .   ? -1.297  5.010   -10.347 1.00 13.18 ? 167 GCP A O3G   1 
HETATM 1328 C  C3B   . GCP C 3 .   ? -3.228  6.680   -9.603  1.00 10.08 ? 167 GCP A C3B   1 
HETATM 1329 P  PB    . GCP C 3 .   ? -3.508  6.281   -8.000  1.00 12.01 ? 167 GCP A PB    1 
HETATM 1330 O  O1B   . GCP C 3 .   ? -3.672  4.840   -7.725  1.00 9.31  ? 167 GCP A O1B   1 
HETATM 1331 O  O2B   . GCP C 3 .   ? -2.632  6.962   -7.028  1.00 9.31  ? 167 GCP A O2B   1 
HETATM 1332 O  O3A   . GCP C 3 .   ? -4.972  6.826   -7.614  1.00 12.32 ? 167 GCP A O3A   1 
HETATM 1333 P  PA    . GCP C 3 .   ? -5.414  8.327   -7.130  1.00 11.60 ? 167 GCP A PA    1 
HETATM 1334 O  O1A   . GCP C 3 .   ? -5.007  8.475   -5.708  1.00 12.21 ? 167 GCP A O1A   1 
HETATM 1335 O  O2A   . GCP C 3 .   ? -4.969  9.342   -8.111  1.00 11.38 ? 167 GCP A O2A   1 
HETATM 1336 O  "O5'" . GCP C 3 .   ? -7.009  8.098   -7.223  1.00 10.91 ? 167 GCP A "O5'" 1 
HETATM 1337 C  "C5'" . GCP C 3 .   ? -7.660  7.783   -8.457  1.00 11.16 ? 167 GCP A "C5'" 1 
HETATM 1338 C  "C4'" . GCP C 3 .   ? -9.118  8.132   -8.386  1.00 11.26 ? 167 GCP A "C4'" 1 
HETATM 1339 O  "O4'" . GCP C 3 .   ? -9.738  7.300   -7.417  1.00 12.35 ? 167 GCP A "O4'" 1 
HETATM 1340 C  "C3'" . GCP C 3 .   ? -9.333  9.589   -7.942  1.00 14.16 ? 167 GCP A "C3'" 1 
HETATM 1341 O  "O3'" . GCP C 3 .   ? -10.528 10.094  -8.580  1.00 17.76 ? 167 GCP A "O3'" 1 
HETATM 1342 C  "C2'" . GCP C 3 .   ? -9.541  9.438   -6.422  1.00 14.82 ? 167 GCP A "C2'" 1 
HETATM 1343 O  "O2'" . GCP C 3 .   ? -10.336 10.470  -5.792  1.00 16.12 ? 167 GCP A "O2'" 1 
HETATM 1344 C  "C1'" . GCP C 3 .   ? -10.329 8.118   -6.396  1.00 13.95 ? 167 GCP A "C1'" 1 
HETATM 1345 N  N9    . GCP C 3 .   ? -10.214 7.470   -5.071  1.00 16.11 ? 167 GCP A N9    1 
HETATM 1346 C  C8    . GCP C 3 .   ? -9.077  7.146   -4.366  1.00 12.81 ? 167 GCP A C8    1 
HETATM 1347 N  N7    . GCP C 3 .   ? -9.280  6.579   -3.219  1.00 14.56 ? 167 GCP A N7    1 
HETATM 1348 C  C5    . GCP C 3 .   ? -10.678 6.480   -3.167  1.00 14.09 ? 167 GCP A C5    1 
HETATM 1349 C  C6    . GCP C 3 .   ? -11.486 5.854   -2.230  1.00 14.40 ? 167 GCP A C6    1 
HETATM 1350 O  O6    . GCP C 3 .   ? -11.163 5.321   -1.176  1.00 16.12 ? 167 GCP A O6    1 
HETATM 1351 N  N1    . GCP C 3 .   ? -12.810 5.901   -2.587  1.00 15.53 ? 167 GCP A N1    1 
HETATM 1352 C  C2    . GCP C 3 .   ? -13.337 6.612   -3.615  1.00 15.31 ? 167 GCP A C2    1 
HETATM 1353 N  N2    . GCP C 3 .   ? -14.675 6.600   -3.704  1.00 16.79 ? 167 GCP A N2    1 
HETATM 1354 N  N3    . GCP C 3 .   ? -12.574 7.147   -4.555  1.00 13.85 ? 167 GCP A N3    1 
HETATM 1355 C  C4    . GCP C 3 .   ? -11.260 7.014   -4.282  1.00 14.97 ? 167 GCP A C4    1 
HETATM 1356 O  O     . HOH D 4 .   ? -9.518  17.141  -5.110  1.00 27.46 ? 169 HOH A O     1 
HETATM 1357 O  O     . HOH D 4 .   ? -5.171  10.040  -10.849 1.00 16.11 ? 170 HOH A O     1 
HETATM 1358 O  O     . HOH D 4 .   ? 0.451   12.300  -8.500  1.00 35.44 ? 171 HOH A O     1 
HETATM 1359 O  O     . HOH D 4 .   ? -2.354  9.750   -8.448  1.00 13.81 ? 172 HOH A O     1 
HETATM 1360 O  O     . HOH D 4 .   ? 0.440   6.689   -6.706  1.00 10.94 ? 173 HOH A O     1 
HETATM 1361 O  O     . HOH D 4 .   ? 1.519   11.786  -4.464  1.00 23.32 ? 174 HOH A O     1 
HETATM 1362 O  O     . HOH D 4 .   ? 0.742   6.927   -12.887 1.00 18.21 ? 175 HOH A O     1 
HETATM 1363 O  O     . HOH D 4 .   ? 4.663   12.326  -9.522  1.00 27.98 ? 176 HOH A O     1 
HETATM 1364 O  O     . HOH D 4 .   ? 12.933  6.116   17.557  1.00 22.59 ? 177 HOH A O     1 
HETATM 1365 O  O     . HOH D 4 .   ? -13.598 -0.410  -12.081 1.00 46.05 ? 178 HOH A O     1 
HETATM 1366 O  O     . HOH D 4 .   ? 8.794   16.484  7.149   1.00 43.46 ? 179 HOH A O     1 
HETATM 1367 O  O     . HOH D 4 .   ? 6.950   15.995  10.316  1.00 23.99 ? 180 HOH A O     1 
HETATM 1368 O  O     . HOH D 4 .   ? -6.450  19.981  -2.557  1.00 40.75 ? 181 HOH A O     1 
HETATM 1369 O  O     . HOH D 4 .   ? -12.339 16.315  -2.308  1.00 41.40 ? 182 HOH A O     1 
HETATM 1370 O  O     . HOH D 4 .   ? -11.813 18.302  -6.783  1.00 44.76 ? 183 HOH A O     1 
HETATM 1371 O  O     . HOH D 4 .   ? -6.558  11.986  -0.456  1.00 14.62 ? 184 HOH A O     1 
HETATM 1372 O  O     . HOH D 4 .   ? -3.222  13.006  -6.135  1.00 32.16 ? 185 HOH A O     1 
HETATM 1373 O  O     . HOH D 4 .   ? -5.550  12.074  -7.644  1.00 24.76 ? 186 HOH A O     1 
HETATM 1374 O  O     . HOH D 4 .   ? -0.489  13.180  -5.942  1.00 32.08 ? 187 HOH A O     1 
HETATM 1375 O  O     . HOH D 4 .   ? -1.080  4.418   -13.338 1.00 31.95 ? 188 HOH A O     1 
HETATM 1376 O  O     . HOH D 4 .   ? -2.725  2.579   -15.485 1.00 46.60 ? 189 HOH A O     1 
HETATM 1377 O  O     . HOH D 4 .   ? -2.043  -0.252  -14.039 1.00 26.13 ? 190 HOH A O     1 
HETATM 1378 O  O     . HOH D 4 .   ? -5.727  -0.285  -12.998 1.00 41.15 ? 191 HOH A O     1 
HETATM 1379 O  O     . HOH D 4 .   ? 15.242  1.155   14.025  1.00 44.90 ? 192 HOH A O     1 
HETATM 1380 O  O     . HOH D 4 .   ? 14.854  2.475   7.767   1.00 25.57 ? 193 HOH A O     1 
HETATM 1381 O  O     . HOH D 4 .   ? 11.969  -0.536  14.530  1.00 33.46 ? 194 HOH A O     1 
HETATM 1382 O  O     . HOH D 4 .   ? 13.304  0.773   10.191  1.00 33.82 ? 195 HOH A O     1 
HETATM 1383 O  O     . HOH D 4 .   ? 15.988  3.491   10.941  1.00 28.94 ? 196 HOH A O     1 
HETATM 1384 O  O     . HOH D 4 .   ? -20.556 -7.293  -9.060  1.00 32.20 ? 197 HOH A O     1 
HETATM 1385 O  O     . HOH D 4 .   ? 11.949  2.535   -1.484  1.00 37.44 ? 198 HOH A O     1 
HETATM 1386 O  O     . HOH D 4 .   ? 2.826   0.770   -8.118  1.00 11.52 ? 199 HOH A O     1 
HETATM 1387 O  O     . HOH D 4 .   ? 11.466  -2.093  16.869  1.00 45.63 ? 200 HOH A O     1 
HETATM 1388 O  O     . HOH D 4 .   ? -11.359 1.999   -8.981  1.00 19.94 ? 201 HOH A O     1 
HETATM 1389 O  O     . HOH D 4 .   ? -10.275 5.106   -10.498 1.00 38.60 ? 202 HOH A O     1 
HETATM 1390 O  O     . HOH D 4 .   ? 5.007   16.244  5.402   1.00 50.30 ? 203 HOH A O     1 
HETATM 1391 O  O     . HOH D 4 .   ? 8.618   15.188  2.339   1.00 45.01 ? 204 HOH A O     1 
HETATM 1392 O  O     . HOH D 4 .   ? -2.927  16.926  8.287   1.00 37.19 ? 205 HOH A O     1 
HETATM 1393 O  O     . HOH D 4 .   ? -10.909 3.320   10.599  1.00 30.62 ? 206 HOH A O     1 
HETATM 1394 O  O     . HOH D 4 .   ? -7.719  3.765   10.735  1.00 21.70 ? 207 HOH A O     1 
HETATM 1395 O  O     . HOH D 4 .   ? -7.594  6.327   9.670   1.00 22.62 ? 208 HOH A O     1 
HETATM 1396 O  O     . HOH D 4 .   ? -4.494  18.023  -11.147 1.00 43.14 ? 209 HOH A O     1 
HETATM 1397 O  O     . HOH D 4 .   ? -10.061 14.028  -15.438 1.00 41.47 ? 210 HOH A O     1 
HETATM 1398 O  O     . HOH D 4 .   ? -8.261  16.559  -12.471 1.00 26.29 ? 211 HOH A O     1 
HETATM 1399 O  O     . HOH D 4 .   ? 1.388   12.137  19.200  1.00 46.12 ? 212 HOH A O     1 
HETATM 1400 O  O     . HOH D 4 .   ? -1.482  10.719  18.577  1.00 47.80 ? 213 HOH A O     1 
HETATM 1401 O  O     . HOH D 4 .   ? 10.742  6.601   20.743  1.00 24.91 ? 214 HOH A O     1 
HETATM 1402 O  O     . HOH D 4 .   ? 8.422   5.817   26.618  1.00 25.00 ? 215 HOH A O     1 
HETATM 1403 O  O     . HOH D 4 .   ? 3.573   -8.625  6.523   1.00 18.54 ? 216 HOH A O     1 
HETATM 1404 O  O     . HOH D 4 .   ? 3.724   -14.462 7.689   1.00 33.95 ? 217 HOH A O     1 
HETATM 1405 O  O     . HOH D 4 .   ? 7.630   -10.360 7.981   1.00 33.52 ? 218 HOH A O     1 
HETATM 1406 O  O     . HOH D 4 .   ? -3.471  -3.425  -7.829  1.00 15.85 ? 219 HOH A O     1 
HETATM 1407 O  O     . HOH D 4 .   ? 3.481   -14.851 -3.046  1.00 35.23 ? 220 HOH A O     1 
HETATM 1408 O  O     . HOH D 4 .   ? 5.100   -11.380 3.300   1.00 20.58 ? 221 HOH A O     1 
HETATM 1409 O  O     . HOH D 4 .   ? 5.834   -20.382 6.702   1.00 48.26 ? 222 HOH A O     1 
HETATM 1410 O  O     . HOH D 4 .   ? 12.146  -15.788 3.134   1.00 38.37 ? 223 HOH A O     1 
HETATM 1411 O  O     . HOH D 4 .   ? 17.829  -1.339  -9.905  1.00 43.51 ? 224 HOH A O     1 
HETATM 1412 O  O     . HOH D 4 .   ? -10.315 13.747  5.768   1.00 56.51 ? 225 HOH A O     1 
HETATM 1413 O  O     . HOH D 4 .   ? 12.132  -15.329 -3.316  1.00 38.75 ? 226 HOH A O     1 
HETATM 1414 O  O     . HOH D 4 .   ? 7.621   -20.372 -1.477  1.00 39.24 ? 227 HOH A O     1 
HETATM 1415 O  O     . HOH D 4 .   ? 5.255   -16.379 0.394   1.00 50.87 ? 228 HOH A O     1 
HETATM 1416 O  O     . HOH D 4 .   ? 4.387   -13.489 4.832   1.00 35.15 ? 229 HOH A O     1 
HETATM 1417 O  O     . HOH D 4 .   ? -9.420  -17.867 9.847   1.00 52.50 ? 230 HOH A O     1 
HETATM 1418 O  O     . HOH D 4 .   ? 6.220   -15.844 4.222   1.00 57.01 ? 231 HOH A O     1 
HETATM 1419 O  O     . HOH D 4 .   ? -18.234 -3.369  3.280   1.00 45.10 ? 232 HOH A O     1 
HETATM 1420 O  O     . HOH D 4 .   ? -14.747 -1.664  10.311  1.00 43.10 ? 233 HOH A O     1 
HETATM 1421 O  O     . HOH D 4 .   ? -21.331 4.156   -4.465  1.00 32.17 ? 234 HOH A O     1 
HETATM 1422 O  O     . HOH D 4 .   ? -20.867 4.366   -10.443 1.00 42.68 ? 235 HOH A O     1 
HETATM 1423 O  O     . HOH D 4 .   ? -21.979 -6.250  -3.203  1.00 43.64 ? 236 HOH A O     1 
HETATM 1424 O  O     . HOH D 4 .   ? -11.885 -13.133 7.183   1.00 34.89 ? 237 HOH A O     1 
HETATM 1425 O  O     . HOH D 4 .   ? -21.398 -12.047 3.337   1.00 48.52 ? 238 HOH A O     1 
HETATM 1426 O  O     . HOH D 4 .   ? -11.917 -10.228 5.526   1.00 37.90 ? 239 HOH A O     1 
HETATM 1427 O  O     . HOH D 4 .   ? 2.157   -17.054 -1.095  1.00 41.37 ? 240 HOH A O     1 
HETATM 1428 O  O     . HOH D 4 .   ? -5.789  -10.720 8.112   1.00 27.61 ? 241 HOH A O     1 
HETATM 1429 O  O     . HOH D 4 .   ? -8.088  -9.218  7.667   1.00 21.95 ? 242 HOH A O     1 
HETATM 1430 O  O     . HOH D 4 .   ? -10.861 -1.862  7.849   1.00 24.26 ? 243 HOH A O     1 
HETATM 1431 O  O     . HOH D 4 .   ? -19.171 9.906   -6.324  1.00 46.29 ? 244 HOH A O     1 
HETATM 1432 O  O     . HOH D 4 .   ? -10.046 -0.024  10.000  1.00 46.98 ? 245 HOH A O     1 
HETATM 1433 O  O     . HOH D 4 .   ? -4.440  -4.308  12.394  1.00 36.54 ? 246 HOH A O     1 
HETATM 1434 O  O     . HOH D 4 .   ? -13.902 -5.363  -12.359 1.00 44.30 ? 247 HOH A O     1 
HETATM 1435 O  O     . HOH D 4 .   ? -17.774 -6.686  2.069   1.00 32.39 ? 248 HOH A O     1 
HETATM 1436 O  O     . HOH D 4 .   ? -14.247 -11.540 4.695   1.00 34.03 ? 249 HOH A O     1 
HETATM 1437 O  O     . HOH D 4 .   ? -14.649 19.577  -10.889 1.00 39.94 ? 250 HOH A O     1 
HETATM 1438 O  O     . HOH D 4 .   ? 1.983   11.400  15.913  1.00 29.21 ? 251 HOH A O     1 
HETATM 1439 O  O     . HOH D 4 .   ? 4.187   14.022  15.894  1.00 31.86 ? 252 HOH A O     1 
HETATM 1440 O  O     . HOH D 4 .   ? -1.715  -4.849  -15.860 1.00 49.70 ? 253 HOH A O     1 
HETATM 1441 O  O     . HOH D 4 .   ? 1.444   6.849   22.665  1.00 42.76 ? 254 HOH A O     1 
HETATM 1442 O  O     . HOH D 4 .   ? 17.256  4.225   7.919   1.00 45.53 ? 255 HOH A O     1 
HETATM 1443 O  O     . HOH D 4 .   ? -18.861 -2.241  -1.159  1.00 44.15 ? 256 HOH A O     1 
HETATM 1444 O  O     . HOH D 4 .   ? -19.350 8.236   0.440   1.00 47.01 ? 257 HOH A O     1 
HETATM 1445 O  O     . HOH D 4 .   ? -12.781 5.968   -8.094  1.00 34.77 ? 258 HOH A O     1 
HETATM 1446 O  O     . HOH D 4 .   ? 4.554   -11.274 6.770   1.00 32.00 ? 259 HOH A O     1 
HETATM 1447 O  O     . HOH D 4 .   ? 5.996   -9.006  9.891   1.00 43.04 ? 260 HOH A O     1 
HETATM 1448 O  O     . HOH D 4 .   ? -3.818  -10.696 10.074  1.00 37.56 ? 261 HOH A O     1 
HETATM 1449 O  O     . HOH D 4 .   ? -18.973 7.065   -2.296  1.00 27.66 ? 262 HOH A O     1 
HETATM 1450 O  O     . HOH D 4 .   ? -16.691 -1.488  12.429  1.00 59.20 ? 263 HOH A O     1 
HETATM 1451 O  O     . HOH D 4 .   ? -3.855  12.099  13.715  1.00 41.05 ? 264 HOH A O     1 
HETATM 1452 O  O     . HOH D 4 .   ? 26.222  17.879  8.541   1.00 45.01 ? 265 HOH A O     1 
HETATM 1453 O  O     . HOH D 4 .   ? 17.771  4.797   1.596   1.00 44.29 ? 266 HOH A O     1 
HETATM 1454 O  O     . HOH D 4 .   ? -0.327  11.854  9.812   1.00 61.77 ? 267 HOH A O     1 
HETATM 1455 O  O     . HOH D 4 .   ? 0.506   15.571  -5.036  1.00 35.22 ? 268 HOH A O     1 
HETATM 1456 O  O     . HOH D 4 .   ? 0.425   23.882  -1.621  1.00 37.61 ? 269 HOH A O     1 
HETATM 1457 O  O     . HOH D 4 .   ? 2.443   18.711  3.273   1.00 38.87 ? 270 HOH A O     1 
HETATM 1458 O  O     . HOH D 4 .   ? -16.054 16.245  -7.150  1.00 58.37 ? 271 HOH A O     1 
HETATM 1459 O  O     . HOH D 4 .   ? -11.612 18.586  -10.802 1.00 40.18 ? 272 HOH A O     1 
HETATM 1460 O  O     . HOH D 4 .   ? 1.599   19.578  -11.537 1.00 54.57 ? 273 HOH A O     1 
HETATM 1461 O  O     . HOH D 4 .   ? 3.329   19.257  -7.829  1.00 51.40 ? 274 HOH A O     1 
HETATM 1462 O  O     . HOH D 4 .   ? 10.481  11.892  -5.545  1.00 47.40 ? 275 HOH A O     1 
HETATM 1463 O  O     . HOH D 4 .   ? 14.068  8.957   -8.569  1.00 62.39 ? 276 HOH A O     1 
HETATM 1464 O  O     . HOH D 4 .   ? 8.292   14.215  -3.699  1.00 47.83 ? 277 HOH A O     1 
HETATM 1465 O  O     . HOH D 4 .   ? 1.948   13.918  -10.456 1.00 39.17 ? 278 HOH A O     1 
HETATM 1466 O  O     . HOH D 4 .   ? 11.256  10.931  -10.639 1.00 36.37 ? 279 HOH A O     1 
HETATM 1467 O  O     . HOH D 4 .   ? 9.615   8.636   22.568  1.00 42.30 ? 280 HOH A O     1 
HETATM 1468 O  O     . HOH D 4 .   ? 9.037   8.961   -16.134 1.00 45.14 ? 281 HOH A O     1 
HETATM 1469 O  O     . HOH D 4 .   ? 9.767   -3.374  -21.466 1.00 50.81 ? 282 HOH A O     1 
HETATM 1470 O  O     . HOH D 4 .   ? 10.039  -7.358  -15.115 1.00 40.01 ? 283 HOH A O     1 
HETATM 1471 O  O     . HOH D 4 .   ? 5.389   -6.527  -10.972 1.00 45.68 ? 284 HOH A O     1 
HETATM 1472 O  O     . HOH D 4 .   ? 3.072   -17.581 2.103   1.00 45.84 ? 285 HOH A O     1 
HETATM 1473 O  O     . HOH D 4 .   ? 20.124  3.091   -5.384  1.00 40.10 ? 286 HOH A O     1 
HETATM 1474 O  O     . HOH D 4 .   ? -13.502 4.596   -14.597 1.00 45.97 ? 287 HOH A O     1 
HETATM 1475 O  O     . HOH D 4 .   ? -17.646 0.795   -9.928  1.00 54.48 ? 288 HOH A O     1 
HETATM 1476 O  O     . HOH D 4 .   ? -13.534 8.334   -16.215 1.00 40.49 ? 289 HOH A O     1 
HETATM 1477 O  O     . HOH D 4 .   ? -15.839 8.388   -10.365 1.00 42.58 ? 290 HOH A O     1 
HETATM 1478 O  O     . HOH D 4 .   ? -19.394 6.945   -6.374  1.00 48.69 ? 291 HOH A O     1 
HETATM 1479 O  O     . HOH D 4 .   ? -8.308  10.205  -10.960 1.00 28.57 ? 292 HOH A O     1 
HETATM 1480 O  O     . HOH D 4 .   ? -20.734 -14.890 -6.081  1.00 48.57 ? 293 HOH A O     1 
HETATM 1481 O  O     . HOH D 4 .   ? -11.482 -4.845  -13.747 1.00 42.54 ? 294 HOH A O     1 
HETATM 1482 O  O     . HOH D 4 .   ? -0.567  -17.314 -9.463  1.00 35.38 ? 295 HOH A O     1 
HETATM 1483 O  O     . HOH D 4 .   ? -1.038  -15.711 -5.590  1.00 41.98 ? 296 HOH A O     1 
HETATM 1484 O  O     . HOH D 4 .   ? -3.640  -19.487 -7.543  1.00 37.10 ? 297 HOH A O     1 
HETATM 1485 O  O     . HOH D 4 .   ? 4.764   -8.771  -15.103 1.00 33.74 ? 298 HOH A O     1 
HETATM 1486 O  O     . HOH D 4 .   ? -14.395 4.084   -9.521  1.00 42.08 ? 299 HOH A O     1 
HETATM 1487 O  O     . HOH D 4 .   ? -16.133 6.216   -19.014 1.00 38.27 ? 300 HOH A O     1 
HETATM 1488 O  O     . HOH D 4 .   ? 3.235   -17.978 -8.295  1.00 48.31 ? 301 HOH A O     1 
HETATM 1489 O  O     . HOH D 4 .   ? 9.293   -12.265 -10.240 1.00 42.28 ? 302 HOH A O     1 
HETATM 1490 O  O     . HOH D 4 .   ? 8.945   -19.113 4.503   1.00 53.26 ? 303 HOH A O     1 
HETATM 1491 O  O     . HOH D 4 .   ? -20.415 2.442   -6.602  1.00 36.63 ? 304 HOH A O     1 
HETATM 1492 O  O     . HOH D 4 .   ? -20.719 10.690  -2.310  1.00 48.57 ? 305 HOH A O     1 
HETATM 1493 O  O     . HOH D 4 .   ? -17.886 11.942  4.006   1.00 50.36 ? 306 HOH A O     1 
HETATM 1494 O  O     . HOH D 4 .   ? -11.171 -16.921 -2.573  1.00 41.21 ? 307 HOH A O     1 
HETATM 1495 O  O     . HOH D 4 .   ? -13.653 -14.353 5.099   1.00 53.38 ? 308 HOH A O     1 
HETATM 1496 O  O     . HOH D 4 .   ? -18.645 9.393   3.004   1.00 48.27 ? 309 HOH A O     1 
HETATM 1497 O  O     . HOH D 4 .   ? -9.000  9.729   14.818  1.00 61.93 ? 310 HOH A O     1 
HETATM 1498 O  O     . HOH D 4 .   ? -16.409 10.762  6.539   1.00 42.15 ? 311 HOH A O     1 
HETATM 1499 O  O     . HOH D 4 .   ? -4.229  2.818   13.397  1.00 51.03 ? 312 HOH A O     1 
HETATM 1500 O  O     . HOH D 4 .   ? 6.355   -10.137 -11.159 1.00 45.43 ? 313 HOH A O     1 
HETATM 1501 O  O     . HOH D 4 .   ? -19.004 9.665   -11.834 1.00 49.14 ? 314 HOH A O     1 
HETATM 1502 O  O     . HOH D 4 .   ? 6.048   -19.778 -4.015  1.00 53.64 ? 315 HOH A O     1 
HETATM 1503 O  O     . HOH D 4 .   ? 6.234   -19.023 1.215   1.00 40.24 ? 316 HOH A O     1 
HETATM 1504 O  O     . HOH D 4 .   ? 7.256   13.794  -10.219 1.00 59.63 ? 317 HOH A O     1 
HETATM 1505 O  O     . HOH D 4 .   ? -11.972 1.882   -11.902 1.00 43.07 ? 318 HOH A O     1 
HETATM 1506 O  O     . HOH D 4 .   ? -12.955 19.621  -3.870  1.00 30.43 ? 319 HOH A O     1 
HETATM 1507 O  O     . HOH D 4 .   ? 10.261  16.287  4.726   1.00 36.82 ? 320 HOH A O     1 
HETATM 1508 O  O     . HOH D 4 .   ? 6.820   15.825  -0.063  1.00 44.76 ? 321 HOH A O     1 
HETATM 1509 O  O     . HOH D 4 .   ? 11.756  13.615  0.592   1.00 47.33 ? 322 HOH A O     1 
HETATM 1510 O  O     . HOH D 4 .   ? -8.570  0.819   -10.004 1.00 36.32 ? 323 HOH A O     1 
HETATM 1511 O  O     . HOH D 4 .   ? -2.868  10.340  10.349  1.00 43.23 ? 324 HOH A O     1 
HETATM 1512 O  O     . HOH D 4 .   ? 0.443   9.515   11.232  1.00 48.49 ? 325 HOH A O     1 
HETATM 1513 O  O     . HOH D 4 .   ? -1.747  14.075  8.571   1.00 36.44 ? 326 HOH A O     1 
HETATM 1514 O  O     . HOH D 4 .   ? -8.238  8.786   11.389  1.00 44.66 ? 327 HOH A O     1 
HETATM 1515 O  O     . HOH D 4 .   ? -10.667 15.453  -12.828 1.00 37.38 ? 328 HOH A O     1 
HETATM 1516 O  O     . HOH D 4 .   ? 8.625   -17.625 -2.574  1.00 41.18 ? 329 HOH A O     1 
HETATM 1517 O  O     . HOH D 4 .   ? -23.840 0.741   -8.595  1.00 45.73 ? 330 HOH A O     1 
HETATM 1518 O  O     . HOH D 4 .   ? -22.864 -10.273 -2.916  1.00 46.62 ? 331 HOH A O     1 
HETATM 1519 O  O     . HOH D 4 .   ? -25.735 -9.223  -4.753  1.00 48.82 ? 332 HOH A O     1 
HETATM 1520 O  O     . HOH D 4 .   ? -22.019 -1.669  -11.876 1.00 43.86 ? 333 HOH A O     1 
HETATM 1521 O  O     . HOH D 4 .   ? -11.212 -15.498 3.888   1.00 49.87 ? 334 HOH A O     1 
HETATM 1522 O  O     . HOH D 4 .   ? -22.231 -13.011 0.813   1.00 47.25 ? 335 HOH A O     1 
HETATM 1523 O  O     . HOH D 4 .   ? -0.209  -20.362 -1.410  1.00 48.07 ? 336 HOH A O     1 
HETATM 1524 O  O     . HOH D 4 .   ? -2.608  -9.011  12.596  1.00 49.91 ? 337 HOH A O     1 
HETATM 1525 O  O     . HOH D 4 .   ? -13.217 -0.632  5.990   1.00 34.04 ? 338 HOH A O     1 
HETATM 1526 O  O     . HOH D 4 .   ? -13.188 6.697   9.514   1.00 53.77 ? 339 HOH A O     1 
HETATM 1527 O  O     . HOH D 4 .   ? 3.024   -5.457  -12.023 1.00 38.41 ? 340 HOH A O     1 
HETATM 1528 O  O     . HOH D 4 .   ? 15.966  12.632  2.035   1.00 54.69 ? 341 HOH A O     1 
HETATM 1529 O  O     . HOH D 4 .   ? 19.274  7.995   3.096   1.00 41.50 ? 342 HOH A O     1 
HETATM 1530 O  O     . HOH D 4 .   ? -6.556  -17.468 -2.619  1.00 47.05 ? 343 HOH A O     1 
HETATM 1531 O  O     . HOH D 4 .   ? 16.995  9.499   11.786  1.00 31.51 ? 344 HOH A O     1 
HETATM 1532 O  O     . HOH D 4 .   ? 17.533  14.068  6.793   1.00 51.21 ? 345 HOH A O     1 
HETATM 1533 O  O     . HOH D 4 .   ? 16.630  6.013   -1.917  1.00 55.50 ? 346 HOH A O     1 
HETATM 1534 O  O     . HOH D 4 .   ? 12.026  8.089   -0.740  1.00 40.88 ? 347 HOH A O     1 
HETATM 1535 O  O     . HOH D 4 .   ? -0.599  21.777  -9.588  1.00 39.96 ? 348 HOH A O     1 
HETATM 1536 O  O     . HOH D 4 .   ? 16.776  6.747   -6.624  1.00 60.96 ? 349 HOH A O     1 
HETATM 1537 O  O     . HOH D 4 .   ? 11.775  9.549   -4.493  1.00 60.27 ? 350 HOH A O     1 
HETATM 1538 O  O     . HOH D 4 .   ? 8.814   -1.590  -24.543 1.00 31.32 ? 351 HOH A O     1 
HETATM 1539 O  O     . HOH D 4 .   ? 12.792  -1.151  -18.203 1.00 43.38 ? 352 HOH A O     1 
HETATM 1540 O  O     . HOH D 4 .   ? -17.317 3.920   -10.010 1.00 39.77 ? 353 HOH A O     1 
HETATM 1541 O  O     . HOH D 4 .   ? -3.520  -17.170 -10.696 1.00 50.57 ? 354 HOH A O     1 
HETATM 1542 O  O     . HOH D 4 .   ? -6.996  -19.440 -8.372  1.00 57.65 ? 355 HOH A O     1 
HETATM 1543 O  O     . HOH D 4 .   ? 2.299   -19.156 -3.356  1.00 50.89 ? 356 HOH A O     1 
HETATM 1544 O  O     . HOH D 4 .   ? -0.505  -17.895 -3.643  1.00 37.58 ? 357 HOH A O     1 
HETATM 1545 O  O     . HOH D 4 .   ? -4.199  5.404   14.951  1.00 41.60 ? 358 HOH A O     1 
HETATM 1546 O  O     . HOH D 4 .   ? 13.014  15.090  14.934  1.00 34.57 ? 359 HOH A O     1 
HETATM 1547 O  O     . HOH D 4 .   ? 1.481   -14.008 -5.499  1.00 41.71 ? 360 HOH A O     1 
HETATM 1548 O  O     . HOH D 4 .   ? -15.772 1.071   4.527   1.00 24.44 ? 361 HOH A O     1 
HETATM 1549 O  O     . HOH D 4 .   ? -8.236  -15.279 -3.241  1.00 40.11 ? 362 HOH A O     1 
HETATM 1550 O  O     . HOH D 4 .   ? -22.731 -8.831  -10.249 1.00 35.00 ? 363 HOH A O     1 
# 
